data_7ECP
# 
_entry.id   7ECP 
# 
_audit_conform.dict_name       mmcif_pdbx.dic 
_audit_conform.dict_version    5.392 
_audit_conform.dict_location   http://mmcif.pdb.org/dictionaries/ascii/mmcif_pdbx.dic 
# 
loop_
_database_2.database_id 
_database_2.database_code 
_database_2.pdbx_database_accession 
_database_2.pdbx_DOI 
PDB   7ECP         pdb_00007ecp 10.2210/pdb7ecp/pdb 
WWPDB D_1300021137 ?            ?                   
# 
loop_
_pdbx_audit_revision_history.ordinal 
_pdbx_audit_revision_history.data_content_type 
_pdbx_audit_revision_history.major_revision 
_pdbx_audit_revision_history.minor_revision 
_pdbx_audit_revision_history.revision_date 
1 'Structure model' 1 0 2022-03-16 
2 'Structure model' 1 1 2024-05-29 
# 
_pdbx_audit_revision_details.ordinal             1 
_pdbx_audit_revision_details.revision_ordinal    1 
_pdbx_audit_revision_details.data_content_type   'Structure model' 
_pdbx_audit_revision_details.provider            repository 
_pdbx_audit_revision_details.type                'Initial release' 
_pdbx_audit_revision_details.description         ? 
_pdbx_audit_revision_details.details             ? 
# 
_pdbx_audit_revision_group.ordinal             1 
_pdbx_audit_revision_group.revision_ordinal    2 
_pdbx_audit_revision_group.data_content_type   'Structure model' 
_pdbx_audit_revision_group.group               'Data collection' 
# 
loop_
_pdbx_audit_revision_category.ordinal 
_pdbx_audit_revision_category.revision_ordinal 
_pdbx_audit_revision_category.data_content_type 
_pdbx_audit_revision_category.category 
1 2 'Structure model' chem_comp_atom 
2 2 'Structure model' chem_comp_bond 
# 
_pdbx_database_status.status_code                     REL 
_pdbx_database_status.status_code_sf                  REL 
_pdbx_database_status.status_code_mr                  ? 
_pdbx_database_status.entry_id                        7ECP 
_pdbx_database_status.recvd_initial_deposition_date   2021-03-12 
_pdbx_database_status.SG_entry                        N 
_pdbx_database_status.deposit_site                    PDBJ 
_pdbx_database_status.process_site                    PDBJ 
_pdbx_database_status.status_code_cs                  ? 
_pdbx_database_status.status_code_nmr_data            ? 
_pdbx_database_status.methods_development_category    ? 
_pdbx_database_status.pdb_format_compatible           Y 
# 
loop_
_audit_author.name 
_audit_author.pdbx_ordinal 
_audit_author.identifier_ORCID 
'Kondo, J.'   1 0000-0002-5682-3685 
'Tsudura, A.' 2 ?                   
# 
_citation.abstract                  ? 
_citation.abstract_id_CAS           ? 
_citation.book_id_ISBN              ? 
_citation.book_publisher            ? 
_citation.book_publisher_city       ? 
_citation.book_title                ? 
_citation.coordinate_linkage        ? 
_citation.country                   ? 
_citation.database_id_Medline       ? 
_citation.details                   ? 
_citation.id                        primary 
_citation.journal_abbrev            'To Be Published' 
_citation.journal_id_ASTM           ? 
_citation.journal_id_CSD            0353 
_citation.journal_id_ISSN           ? 
_citation.journal_full              ? 
_citation.journal_issue             ? 
_citation.journal_volume            ? 
_citation.language                  ? 
_citation.page_first                ? 
_citation.page_last                 ? 
_citation.title                     'RNA duplex containing C-Ag-U' 
_citation.year                      ? 
_citation.database_id_CSD           ? 
_citation.pdbx_database_id_DOI      ? 
_citation.pdbx_database_id_PubMed   ? 
_citation.pdbx_database_id_patent   ? 
_citation.unpublished_flag          ? 
# 
loop_
_citation_author.citation_id 
_citation_author.name 
_citation_author.ordinal 
_citation_author.identifier_ORCID 
primary 'Kondo, J.'   1 0000-0002-5682-3685 
primary 'Tsudura, A.' 2 ?                   
# 
loop_
_entity.id 
_entity.type 
_entity.src_method 
_entity.pdbx_description 
_entity.formula_weight 
_entity.pdbx_number_of_molecules 
_entity.pdbx_ec 
_entity.pdbx_mutation 
_entity.pdbx_fragment 
_entity.details 
1 polymer     syn 
;RNA (5'-R(*GP*GP*GP*CP*CP*CP*GP*GP*UP*CP*CP*C)-3')
;
3818.328 4 ? ? ? ? 
2 non-polymer syn 'SILVER ION'                                         107.868  4 ? ? ? ? 
3 water       nat water                                                18.015   5 ? ? ? ? 
# 
_entity_poly.entity_id                      1 
_entity_poly.type                           polyribonucleotide 
_entity_poly.nstd_linkage                   no 
_entity_poly.nstd_monomer                   no 
_entity_poly.pdbx_seq_one_letter_code       GGGCCCGGUCCC 
_entity_poly.pdbx_seq_one_letter_code_can   GGGCCCGGUCCC 
_entity_poly.pdbx_strand_id                 A,B,C,D 
_entity_poly.pdbx_target_identifier         ? 
# 
loop_
_pdbx_entity_nonpoly.entity_id 
_pdbx_entity_nonpoly.name 
_pdbx_entity_nonpoly.comp_id 
2 'SILVER ION' AG  
3 water        HOH 
# 
loop_
_entity_poly_seq.entity_id 
_entity_poly_seq.num 
_entity_poly_seq.mon_id 
_entity_poly_seq.hetero 
1 1  G n 
1 2  G n 
1 3  G n 
1 4  C n 
1 5  C n 
1 6  C n 
1 7  G n 
1 8  G n 
1 9  U n 
1 10 C n 
1 11 C n 
1 12 C n 
# 
_pdbx_entity_src_syn.entity_id              1 
_pdbx_entity_src_syn.pdbx_src_id            1 
_pdbx_entity_src_syn.pdbx_alt_source_flag   sample 
_pdbx_entity_src_syn.pdbx_beg_seq_num       1 
_pdbx_entity_src_syn.pdbx_end_seq_num       12 
_pdbx_entity_src_syn.organism_scientific    'synthetic construct' 
_pdbx_entity_src_syn.organism_common_name   ? 
_pdbx_entity_src_syn.ncbi_taxonomy_id       32630 
_pdbx_entity_src_syn.details                ? 
# 
loop_
_chem_comp.id 
_chem_comp.type 
_chem_comp.mon_nstd_flag 
_chem_comp.name 
_chem_comp.pdbx_synonyms 
_chem_comp.formula 
_chem_comp.formula_weight 
AG  non-polymer   . 'SILVER ION'                 ? 'Ag 1'            107.868 
C   'RNA linking' y "CYTIDINE-5'-MONOPHOSPHATE"  ? 'C9 H14 N3 O8 P'  323.197 
G   'RNA linking' y "GUANOSINE-5'-MONOPHOSPHATE" ? 'C10 H14 N5 O8 P' 363.221 
HOH non-polymer   . WATER                        ? 'H2 O'            18.015  
U   'RNA linking' y "URIDINE-5'-MONOPHOSPHATE"   ? 'C9 H13 N2 O9 P'  324.181 
# 
loop_
_pdbx_poly_seq_scheme.asym_id 
_pdbx_poly_seq_scheme.entity_id 
_pdbx_poly_seq_scheme.seq_id 
_pdbx_poly_seq_scheme.mon_id 
_pdbx_poly_seq_scheme.ndb_seq_num 
_pdbx_poly_seq_scheme.pdb_seq_num 
_pdbx_poly_seq_scheme.auth_seq_num 
_pdbx_poly_seq_scheme.pdb_mon_id 
_pdbx_poly_seq_scheme.auth_mon_id 
_pdbx_poly_seq_scheme.pdb_strand_id 
_pdbx_poly_seq_scheme.pdb_ins_code 
_pdbx_poly_seq_scheme.hetero 
A 1 1  G 1  1  1  G G A . n 
A 1 2  G 2  2  2  G G A . n 
A 1 3  G 3  3  3  G G A . n 
A 1 4  C 4  4  4  C C A . n 
A 1 5  C 5  5  5  C C A . n 
A 1 6  C 6  6  6  C C A . n 
A 1 7  G 7  7  7  G G A . n 
A 1 8  G 8  8  8  G G A . n 
A 1 9  U 9  9  9  U U A . n 
A 1 10 C 10 10 10 C C A . n 
A 1 11 C 11 11 11 C C A . n 
A 1 12 C 12 12 12 C C A . n 
B 1 1  G 1  1  1  G G B . n 
B 1 2  G 2  2  2  G G B . n 
B 1 3  G 3  3  3  G G B . n 
B 1 4  C 4  4  4  C C B . n 
B 1 5  C 5  5  5  C C B . n 
B 1 6  C 6  6  6  C C B . n 
B 1 7  G 7  7  7  G G B . n 
B 1 8  G 8  8  8  G G B . n 
B 1 9  U 9  9  9  U U B . n 
B 1 10 C 10 10 10 C C B . n 
B 1 11 C 11 11 11 C C B . n 
B 1 12 C 12 12 12 C C B . n 
C 1 1  G 1  1  1  G G C . n 
C 1 2  G 2  2  2  G G C . n 
C 1 3  G 3  3  3  G G C . n 
C 1 4  C 4  4  4  C C C . n 
C 1 5  C 5  5  5  C C C . n 
C 1 6  C 6  6  6  C C C . n 
C 1 7  G 7  7  7  G G C . n 
C 1 8  G 8  8  8  G G C . n 
C 1 9  U 9  9  9  U U C . n 
C 1 10 C 10 10 10 C C C . n 
C 1 11 C 11 11 11 C C C . n 
C 1 12 C 12 12 12 C C C . n 
D 1 1  G 1  1  1  G G D . n 
D 1 2  G 2  2  2  G G D . n 
D 1 3  G 3  3  3  G G D . n 
D 1 4  C 4  4  4  C C D . n 
D 1 5  C 5  5  5  C C D . n 
D 1 6  C 6  6  6  C C D . n 
D 1 7  G 7  7  7  G G D . n 
D 1 8  G 8  8  8  G G D . n 
D 1 9  U 9  9  9  U U D . n 
D 1 10 C 10 10 10 C C D . n 
D 1 11 C 11 11 11 C C D . n 
D 1 12 C 12 12 12 C C D . n 
# 
loop_
_pdbx_nonpoly_scheme.asym_id 
_pdbx_nonpoly_scheme.entity_id 
_pdbx_nonpoly_scheme.mon_id 
_pdbx_nonpoly_scheme.ndb_seq_num 
_pdbx_nonpoly_scheme.pdb_seq_num 
_pdbx_nonpoly_scheme.auth_seq_num 
_pdbx_nonpoly_scheme.pdb_mon_id 
_pdbx_nonpoly_scheme.auth_mon_id 
_pdbx_nonpoly_scheme.pdb_strand_id 
_pdbx_nonpoly_scheme.pdb_ins_code 
E 2 AG  1 101 1 AG  AG  A . 
F 2 AG  1 102 2 AG  AG  A . 
G 2 AG  1 101 3 AG  AG  C . 
H 2 AG  1 102 4 AG  AG  C . 
I 3 HOH 1 201 2 HOH HOH A . 
I 3 HOH 2 202 3 HOH HOH A . 
I 3 HOH 3 203 4 HOH HOH A . 
I 3 HOH 4 204 1 HOH HOH A . 
J 3 HOH 1 101 5 HOH HOH D . 
# 
loop_
_software.citation_id 
_software.classification 
_software.compiler_name 
_software.compiler_version 
_software.contact_author 
_software.contact_author_email 
_software.date 
_software.description 
_software.dependencies 
_software.hardware 
_software.language 
_software.location 
_software.mods 
_software.name 
_software.os 
_software.os_version 
_software.type 
_software.version 
_software.pdbx_ordinal 
? 'data scaling'   ? ? ? ? ? ? ? ? ? ? ? XSCALE ? ? ? .      1 
? refinement       ? ? ? ? ? ? ? ? ? ? ? PHENIX ? ? ? 1.17.1 2 
? 'data reduction' ? ? ? ? ? ? ? ? ? ? ? XDS    ? ? ? .      3 
? phasing          ? ? ? ? ? ? ? ? ? ? ? PHASER ? ? ? .      4 
# 
_cell.angle_alpha                  90.000 
_cell.angle_alpha_esd              ? 
_cell.angle_beta                   90.000 
_cell.angle_beta_esd               ? 
_cell.angle_gamma                  90.000 
_cell.angle_gamma_esd              ? 
_cell.entry_id                     7ECP 
_cell.details                      ? 
_cell.formula_units_Z              ? 
_cell.length_a                     88.968 
_cell.length_a_esd                 ? 
_cell.length_b                     88.968 
_cell.length_b_esd                 ? 
_cell.length_c                     33.326 
_cell.length_c_esd                 ? 
_cell.volume                       ? 
_cell.volume_esd                   ? 
_cell.Z_PDB                        32 
_cell.reciprocal_angle_alpha       ? 
_cell.reciprocal_angle_beta        ? 
_cell.reciprocal_angle_gamma       ? 
_cell.reciprocal_angle_alpha_esd   ? 
_cell.reciprocal_angle_beta_esd    ? 
_cell.reciprocal_angle_gamma_esd   ? 
_cell.reciprocal_length_a          ? 
_cell.reciprocal_length_b          ? 
_cell.reciprocal_length_c          ? 
_cell.reciprocal_length_a_esd      ? 
_cell.reciprocal_length_b_esd      ? 
_cell.reciprocal_length_c_esd      ? 
_cell.pdbx_unique_axis             ? 
# 
_symmetry.entry_id                         7ECP 
_symmetry.cell_setting                     ? 
_symmetry.Int_Tables_number                79 
_symmetry.space_group_name_Hall            ? 
_symmetry.space_group_name_H-M             'I 4' 
_symmetry.pdbx_full_space_group_name_H-M   ? 
# 
_exptl.absorpt_coefficient_mu     ? 
_exptl.absorpt_correction_T_max   ? 
_exptl.absorpt_correction_T_min   ? 
_exptl.absorpt_correction_type    ? 
_exptl.absorpt_process_details    ? 
_exptl.entry_id                   7ECP 
_exptl.crystals_number            1 
_exptl.details                    ? 
_exptl.method                     'X-RAY DIFFRACTION' 
_exptl.method_details             ? 
# 
_exptl_crystal.colour                      ? 
_exptl_crystal.density_diffrn              ? 
_exptl_crystal.density_Matthews            2.16 
_exptl_crystal.density_method              ? 
_exptl_crystal.density_percent_sol         43.03 
_exptl_crystal.description                 ? 
_exptl_crystal.F_000                       ? 
_exptl_crystal.id                          1 
_exptl_crystal.preparation                 ? 
_exptl_crystal.size_max                    ? 
_exptl_crystal.size_mid                    ? 
_exptl_crystal.size_min                    ? 
_exptl_crystal.size_rad                    ? 
_exptl_crystal.colour_lustre               ? 
_exptl_crystal.colour_modifier             ? 
_exptl_crystal.colour_primary              ? 
_exptl_crystal.density_meas                ? 
_exptl_crystal.density_meas_esd            ? 
_exptl_crystal.density_meas_gt             ? 
_exptl_crystal.density_meas_lt             ? 
_exptl_crystal.density_meas_temp           ? 
_exptl_crystal.density_meas_temp_esd       ? 
_exptl_crystal.density_meas_temp_gt        ? 
_exptl_crystal.density_meas_temp_lt        ? 
_exptl_crystal.pdbx_crystal_image_url      ? 
_exptl_crystal.pdbx_crystal_image_format   ? 
_exptl_crystal.pdbx_mosaicity              ? 
_exptl_crystal.pdbx_mosaicity_esd          ? 
# 
_exptl_crystal_grow.apparatus       ? 
_exptl_crystal_grow.atmosphere      ? 
_exptl_crystal_grow.crystal_id      1 
_exptl_crystal_grow.details         ? 
_exptl_crystal_grow.method          'VAPOR DIFFUSION, HANGING DROP' 
_exptl_crystal_grow.method_ref      ? 
_exptl_crystal_grow.pH              ? 
_exptl_crystal_grow.pressure        ? 
_exptl_crystal_grow.pressure_esd    ? 
_exptl_crystal_grow.seeding         ? 
_exptl_crystal_grow.seeding_ref     ? 
_exptl_crystal_grow.temp            293 
_exptl_crystal_grow.temp_details    ? 
_exptl_crystal_grow.temp_esd        ? 
_exptl_crystal_grow.time            ? 
_exptl_crystal_grow.pdbx_details    'MOPS, MPD, spermine, lithium nitrate' 
_exptl_crystal_grow.pdbx_pH_range   ? 
# 
_diffrn.ambient_environment              ? 
_diffrn.ambient_temp                     100 
_diffrn.ambient_temp_details             ? 
_diffrn.ambient_temp_esd                 ? 
_diffrn.crystal_id                       1 
_diffrn.crystal_support                  ? 
_diffrn.crystal_treatment                ? 
_diffrn.details                          ? 
_diffrn.id                               1 
_diffrn.ambient_pressure                 ? 
_diffrn.ambient_pressure_esd             ? 
_diffrn.ambient_pressure_gt              ? 
_diffrn.ambient_pressure_lt              ? 
_diffrn.ambient_temp_gt                  ? 
_diffrn.ambient_temp_lt                  ? 
_diffrn.pdbx_serial_crystal_experiment   N 
# 
_diffrn_detector.details                      ? 
_diffrn_detector.detector                     PIXEL 
_diffrn_detector.diffrn_id                    1 
_diffrn_detector.type                         'DECTRIS EIGER X 4M' 
_diffrn_detector.area_resol_mean              ? 
_diffrn_detector.dtime                        ? 
_diffrn_detector.pdbx_frames_total            ? 
_diffrn_detector.pdbx_collection_time_total   ? 
_diffrn_detector.pdbx_collection_date         2016-11-22 
_diffrn_detector.pdbx_frequency               ? 
# 
_diffrn_radiation.collimation                      ? 
_diffrn_radiation.diffrn_id                        1 
_diffrn_radiation.filter_edge                      ? 
_diffrn_radiation.inhomogeneity                    ? 
_diffrn_radiation.monochromator                    ? 
_diffrn_radiation.polarisn_norm                    ? 
_diffrn_radiation.polarisn_ratio                   ? 
_diffrn_radiation.probe                            ? 
_diffrn_radiation.type                             ? 
_diffrn_radiation.xray_symbol                      ? 
_diffrn_radiation.wavelength_id                    1 
_diffrn_radiation.pdbx_monochromatic_or_laue_m_l   M 
_diffrn_radiation.pdbx_wavelength_list             ? 
_diffrn_radiation.pdbx_wavelength                  ? 
_diffrn_radiation.pdbx_diffrn_protocol             'SINGLE WAVELENGTH' 
_diffrn_radiation.pdbx_analyzer                    ? 
_diffrn_radiation.pdbx_scattering_type             x-ray 
# 
_diffrn_radiation_wavelength.id           1 
_diffrn_radiation_wavelength.wavelength   1.1 
_diffrn_radiation_wavelength.wt           1.0 
# 
_diffrn_source.current                     ? 
_diffrn_source.details                     ? 
_diffrn_source.diffrn_id                   1 
_diffrn_source.power                       ? 
_diffrn_source.size                        ? 
_diffrn_source.source                      SYNCHROTRON 
_diffrn_source.target                      ? 
_diffrn_source.type                        'PHOTON FACTORY BEAMLINE BL-17A' 
_diffrn_source.voltage                     ? 
_diffrn_source.take-off_angle              ? 
_diffrn_source.pdbx_wavelength_list        1.1 
_diffrn_source.pdbx_wavelength             ? 
_diffrn_source.pdbx_synchrotron_beamline   BL-17A 
_diffrn_source.pdbx_synchrotron_site       'Photon Factory' 
# 
_reflns.B_iso_Wilson_estimate            16.957 
_reflns.entry_id                         7ECP 
_reflns.data_reduction_details           ? 
_reflns.data_reduction_method            ? 
_reflns.d_resolution_high                2.910 
_reflns.d_resolution_low                 31.450 
_reflns.details                          ? 
_reflns.limit_h_max                      ? 
_reflns.limit_h_min                      ? 
_reflns.limit_k_max                      ? 
_reflns.limit_k_min                      ? 
_reflns.limit_l_max                      ? 
_reflns.limit_l_min                      ? 
_reflns.number_all                       ? 
_reflns.number_obs                       2968 
_reflns.observed_criterion               ? 
_reflns.observed_criterion_F_max         ? 
_reflns.observed_criterion_F_min         ? 
_reflns.observed_criterion_I_max         ? 
_reflns.observed_criterion_I_min         ? 
_reflns.observed_criterion_sigma_F       ? 
_reflns.observed_criterion_sigma_I       ? 
_reflns.percent_possible_obs             99.300 
_reflns.R_free_details                   ? 
_reflns.Rmerge_F_all                     ? 
_reflns.Rmerge_F_obs                     ? 
_reflns.Friedel_coverage                 ? 
_reflns.number_gt                        ? 
_reflns.threshold_expression             ? 
_reflns.pdbx_redundancy                  3.688 
_reflns.pdbx_Rmerge_I_obs                0.094 
_reflns.pdbx_Rmerge_I_all                ? 
_reflns.pdbx_Rsym_value                  ? 
_reflns.pdbx_netI_over_av_sigmaI         ? 
_reflns.pdbx_netI_over_sigmaI            9.900 
_reflns.pdbx_res_netI_over_av_sigmaI_2   ? 
_reflns.pdbx_res_netI_over_sigmaI_2      ? 
_reflns.pdbx_chi_squared                 0.952 
_reflns.pdbx_scaling_rejects             ? 
_reflns.pdbx_d_res_high_opt              ? 
_reflns.pdbx_d_res_low_opt               ? 
_reflns.pdbx_d_res_opt_method            ? 
_reflns.phase_calculation_details        ? 
_reflns.pdbx_Rrim_I_all                  0.110 
_reflns.pdbx_Rpim_I_all                  ? 
_reflns.pdbx_d_opt                       ? 
_reflns.pdbx_number_measured_all         10945 
_reflns.pdbx_diffrn_id                   1 
_reflns.pdbx_ordinal                     1 
_reflns.pdbx_CC_half                     0.995 
_reflns.pdbx_CC_star                     ? 
_reflns.pdbx_R_split                     ? 
# 
loop_
_reflns_shell.d_res_high 
_reflns_shell.d_res_low 
_reflns_shell.meanI_over_sigI_all 
_reflns_shell.meanI_over_sigI_obs 
_reflns_shell.number_measured_all 
_reflns_shell.number_measured_obs 
_reflns_shell.number_possible 
_reflns_shell.number_unique_all 
_reflns_shell.number_unique_obs 
_reflns_shell.percent_possible_all 
_reflns_shell.percent_possible_obs 
_reflns_shell.Rmerge_F_all 
_reflns_shell.Rmerge_F_obs 
_reflns_shell.Rmerge_I_all 
_reflns_shell.Rmerge_I_obs 
_reflns_shell.meanI_over_sigI_gt 
_reflns_shell.meanI_over_uI_all 
_reflns_shell.meanI_over_uI_gt 
_reflns_shell.number_measured_gt 
_reflns_shell.number_unique_gt 
_reflns_shell.percent_possible_gt 
_reflns_shell.Rmerge_F_gt 
_reflns_shell.Rmerge_I_gt 
_reflns_shell.pdbx_redundancy 
_reflns_shell.pdbx_Rsym_value 
_reflns_shell.pdbx_chi_squared 
_reflns_shell.pdbx_netI_over_sigmaI_all 
_reflns_shell.pdbx_netI_over_sigmaI_obs 
_reflns_shell.pdbx_Rrim_I_all 
_reflns_shell.pdbx_Rpim_I_all 
_reflns_shell.pdbx_rejects 
_reflns_shell.pdbx_ordinal 
_reflns_shell.pdbx_diffrn_id 
_reflns_shell.pdbx_CC_half 
_reflns_shell.pdbx_CC_star 
_reflns_shell.pdbx_R_split 
2.910  2.990  ? 4.470  ? ? ? ? 223 98.200  ? ? ? ? 0.204 ? ? ? ? ? ? ? ? 3.646 ? ? ? ? 0.236 ? ? 1  1 0.989 ? ? 
2.990  3.070  ? 5.660  ? ? ? ? 212 99.500  ? ? ? ? 0.142 ? ? ? ? ? ? ? ? 3.670 ? ? ? ? 0.164 ? ? 2  1 0.992 ? ? 
3.070  3.160  ? 6.260  ? ? ? ? 204 100.000 ? ? ? ? 0.115 ? ? ? ? ? ? ? ? 3.495 ? ? ? ? 0.134 ? ? 3  1 0.994 ? ? 
3.160  3.260  ? 7.620  ? ? ? ? 205 99.500  ? ? ? ? 0.098 ? ? ? ? ? ? ? ? 3.337 ? ? ? ? 0.115 ? ? 4  1 0.995 ? ? 
3.260  3.360  ? 7.600  ? ? ? ? 182 98.900  ? ? ? ? 0.075 ? ? ? ? ? ? ? ? 3.357 ? ? ? ? 0.088 ? ? 5  1 0.997 ? ? 
3.360  3.480  ? 7.470  ? ? ? ? 188 100.000 ? ? ? ? 0.126 ? ? ? ? ? ? ? ? 3.612 ? ? ? ? 0.146 ? ? 6  1 0.991 ? ? 
3.480  3.610  ? 9.480  ? ? ? ? 186 100.000 ? ? ? ? 0.087 ? ? ? ? ? ? ? ? 3.489 ? ? ? ? 0.101 ? ? 7  1 0.994 ? ? 
3.610  3.760  ? 9.900  ? ? ? ? 161 99.400  ? ? ? ? 0.087 ? ? ? ? ? ? ? ? 3.565 ? ? ? ? 0.099 ? ? 8  1 0.995 ? ? 
3.760  3.930  ? 9.420  ? ? ? ? 172 100.000 ? ? ? ? 0.084 ? ? ? ? ? ? ? ? 3.709 ? ? ? ? 0.096 ? ? 9  1 0.996 ? ? 
3.930  4.120  ? 10.980 ? ? ? ? 163 100.000 ? ? ? ? 0.097 ? ? ? ? ? ? ? ? 4.135 ? ? ? ? 0.111 ? ? 10 1 0.993 ? ? 
4.120  4.340  ? 11.780 ? ? ? ? 154 100.000 ? ? ? ? 0.103 ? ? ? ? ? ? ? ? 3.955 ? ? ? ? 0.119 ? ? 11 1 0.989 ? ? 
4.340  4.610  ? 12.640 ? ? ? ? 144 99.300  ? ? ? ? 0.107 ? ? ? ? ? ? ? ? 4.097 ? ? ? ? 0.125 ? ? 12 1 0.987 ? ? 
4.610  4.920  ? 12.590 ? ? ? ? 138 99.300  ? ? ? ? 0.096 ? ? ? ? ? ? ? ? 3.899 ? ? ? ? 0.112 ? ? 13 1 0.987 ? ? 
4.920  5.320  ? 14.390 ? ? ? ? 125 98.400  ? ? ? ? 0.072 ? ? ? ? ? ? ? ? 3.904 ? ? ? ? 0.084 ? ? 14 1 0.994 ? ? 
5.320  5.830  ? 12.910 ? ? ? ? 121 99.200  ? ? ? ? 0.076 ? ? ? ? ? ? ? ? 3.942 ? ? ? ? 0.089 ? ? 15 1 0.995 ? ? 
5.830  6.510  ? 12.420 ? ? ? ? 114 100.00  ? ? ? ? 0.089 ? ? ? ? ? ? ? ? 3.965 ? ? ? ? 0.104 ? ? 16 1 0.994 ? ? 
6.510  7.520  ? 14.780 ? ? ? ? 90  98.900  ? ? ? ? 0.067 ? ? ? ? ? ? ? ? 3.800 ? ? ? ? 0.079 ? ? 17 1 0.992 ? ? 
7.520  9.210  ? 14.590 ? ? ? ? 82  100.000 ? ? ? ? 0.060 ? ? ? ? ? ? ? ? 3.646 ? ? ? ? 0.071 ? ? 18 1 0.996 ? ? 
9.210  13.030 ? 20.360 ? ? ? ? 67  95.700  ? ? ? ? 0.052 ? ? ? ? ? ? ? ? 3.433 ? ? ? ? 0.062 ? ? 19 1 0.996 ? ? 
13.030 31.450 ? 20.440 ? ? ? ? 37  92.500  ? ? ? ? 0.039 ? ? ? ? ? ? ? ? 2.892 ? ? ? ? 0.047 ? ? 20 1 0.999 ? ? 
# 
_refine.aniso_B[1][1]                            ? 
_refine.aniso_B[1][2]                            ? 
_refine.aniso_B[1][3]                            ? 
_refine.aniso_B[2][2]                            ? 
_refine.aniso_B[2][3]                            ? 
_refine.aniso_B[3][3]                            ? 
_refine.B_iso_max                                75.540 
_refine.B_iso_mean                               17.2673 
_refine.B_iso_min                                1.160 
_refine.correlation_coeff_Fo_to_Fc               ? 
_refine.correlation_coeff_Fo_to_Fc_free          ? 
_refine.details                                  ? 
_refine.diff_density_max                         ? 
_refine.diff_density_max_esd                     ? 
_refine.diff_density_min                         ? 
_refine.diff_density_min_esd                     ? 
_refine.diff_density_rms                         ? 
_refine.diff_density_rms_esd                     ? 
_refine.entry_id                                 7ECP 
_refine.pdbx_refine_id                           'X-RAY DIFFRACTION' 
_refine.ls_abs_structure_details                 ? 
_refine.ls_abs_structure_Flack                   ? 
_refine.ls_abs_structure_Flack_esd               ? 
_refine.ls_abs_structure_Rogers                  ? 
_refine.ls_abs_structure_Rogers_esd              ? 
_refine.ls_d_res_high                            2.9100 
_refine.ls_d_res_low                             31.4500 
_refine.ls_extinction_coef                       ? 
_refine.ls_extinction_coef_esd                   ? 
_refine.ls_extinction_expression                 ? 
_refine.ls_extinction_method                     ? 
_refine.ls_goodness_of_fit_all                   ? 
_refine.ls_goodness_of_fit_all_esd               ? 
_refine.ls_goodness_of_fit_obs                   ? 
_refine.ls_goodness_of_fit_obs_esd               ? 
_refine.ls_hydrogen_treatment                    ? 
_refine.ls_matrix_type                           ? 
_refine.ls_number_constraints                    ? 
_refine.ls_number_parameters                     ? 
_refine.ls_number_reflns_all                     ? 
_refine.ls_number_reflns_obs                     2911 
_refine.ls_number_reflns_R_free                  293 
_refine.ls_number_reflns_R_work                  2618 
_refine.ls_number_restraints                     ? 
_refine.ls_percent_reflns_obs                    97.3900 
_refine.ls_percent_reflns_R_free                 10.0700 
_refine.ls_R_factor_all                          ? 
_refine.ls_R_factor_obs                          0.1608 
_refine.ls_R_factor_R_free                       0.2261 
_refine.ls_R_factor_R_free_error                 ? 
_refine.ls_R_factor_R_free_error_details         ? 
_refine.ls_R_factor_R_work                       0.1536 
_refine.ls_R_Fsqd_factor_obs                     ? 
_refine.ls_R_I_factor_obs                        ? 
_refine.ls_redundancy_reflns_all                 ? 
_refine.ls_redundancy_reflns_obs                 ? 
_refine.ls_restrained_S_all                      ? 
_refine.ls_restrained_S_obs                      ? 
_refine.ls_shift_over_esd_max                    ? 
_refine.ls_shift_over_esd_mean                   ? 
_refine.ls_structure_factor_coef                 ? 
_refine.ls_weighting_details                     ? 
_refine.ls_weighting_scheme                      ? 
_refine.ls_wR_factor_all                         ? 
_refine.ls_wR_factor_obs                         ? 
_refine.ls_wR_factor_R_free                      ? 
_refine.ls_wR_factor_R_work                      ? 
_refine.occupancy_max                            ? 
_refine.occupancy_min                            ? 
_refine.solvent_model_details                    'FLAT BULK SOLVENT MODEL' 
_refine.solvent_model_param_bsol                 ? 
_refine.solvent_model_param_ksol                 ? 
_refine.pdbx_R_complete                          ? 
_refine.ls_R_factor_gt                           ? 
_refine.ls_goodness_of_fit_gt                    ? 
_refine.ls_goodness_of_fit_ref                   ? 
_refine.ls_shift_over_su_max                     ? 
_refine.ls_shift_over_su_max_lt                  ? 
_refine.ls_shift_over_su_mean                    ? 
_refine.ls_shift_over_su_mean_lt                 ? 
_refine.pdbx_ls_sigma_I                          ? 
_refine.pdbx_ls_sigma_F                          1.370 
_refine.pdbx_ls_sigma_Fsqd                       ? 
_refine.pdbx_data_cutoff_high_absF               ? 
_refine.pdbx_data_cutoff_high_rms_absF           ? 
_refine.pdbx_data_cutoff_low_absF                ? 
_refine.pdbx_isotropic_thermal_model             ? 
_refine.pdbx_ls_cross_valid_method               THROUGHOUT 
_refine.pdbx_method_to_determine_struct          'MOLECULAR REPLACEMENT' 
_refine.pdbx_starting_model                      ? 
_refine.pdbx_stereochemistry_target_values       ML 
_refine.pdbx_R_Free_selection_details            ? 
_refine.pdbx_stereochem_target_val_spec_case     ? 
_refine.pdbx_overall_ESU_R                       ? 
_refine.pdbx_overall_ESU_R_Free                  ? 
_refine.pdbx_solvent_vdw_probe_radii             1.1100 
_refine.pdbx_solvent_ion_probe_radii             ? 
_refine.pdbx_solvent_shrinkage_radii             0.9000 
_refine.pdbx_real_space_R                        ? 
_refine.pdbx_density_correlation                 ? 
_refine.pdbx_pd_number_of_powder_patterns        ? 
_refine.pdbx_pd_number_of_points                 ? 
_refine.pdbx_pd_meas_number_of_points            ? 
_refine.pdbx_pd_proc_ls_prof_R_factor            ? 
_refine.pdbx_pd_proc_ls_prof_wR_factor           ? 
_refine.pdbx_pd_Marquardt_correlation_coeff      ? 
_refine.pdbx_pd_Fsqrd_R_factor                   ? 
_refine.pdbx_pd_ls_matrix_band_width             ? 
_refine.pdbx_overall_phase_error                 13.3500 
_refine.pdbx_overall_SU_R_free_Cruickshank_DPI   ? 
_refine.pdbx_overall_SU_R_free_Blow_DPI          ? 
_refine.pdbx_overall_SU_R_Blow_DPI               ? 
_refine.pdbx_TLS_residual_ADP_flag               ? 
_refine.pdbx_diffrn_id                           1 
_refine.overall_SU_B                             ? 
_refine.overall_SU_ML                            0.2600 
_refine.overall_SU_R_Cruickshank_DPI             ? 
_refine.overall_SU_R_free                        ? 
_refine.overall_FOM_free_R_set                   ? 
_refine.overall_FOM_work_R_set                   ? 
_refine.pdbx_average_fsc_overall                 ? 
_refine.pdbx_average_fsc_work                    ? 
_refine.pdbx_average_fsc_free                    ? 
# 
_refine_hist.pdbx_refine_id                   'X-RAY DIFFRACTION' 
_refine_hist.cycle_id                         final 
_refine_hist.details                          ? 
_refine_hist.d_res_high                       2.9100 
_refine_hist.d_res_low                        31.4500 
_refine_hist.number_atoms_solvent             5 
_refine_hist.number_atoms_total               1017 
_refine_hist.number_reflns_all                ? 
_refine_hist.number_reflns_obs                ? 
_refine_hist.number_reflns_R_free             ? 
_refine_hist.number_reflns_R_work             ? 
_refine_hist.R_factor_all                     ? 
_refine_hist.R_factor_obs                     ? 
_refine_hist.R_factor_R_free                  ? 
_refine_hist.R_factor_R_work                  ? 
_refine_hist.pdbx_number_residues_total       48 
_refine_hist.pdbx_B_iso_mean_ligand           31.45 
_refine_hist.pdbx_B_iso_mean_solvent          9.65 
_refine_hist.pdbx_number_atoms_protein        0 
_refine_hist.pdbx_number_atoms_nucleic_acid   1008 
_refine_hist.pdbx_number_atoms_ligand         4 
_refine_hist.pdbx_number_atoms_lipid          ? 
_refine_hist.pdbx_number_atoms_carb           ? 
_refine_hist.pdbx_pseudo_atom_details         ? 
# 
loop_
_refine_ls_shell.pdbx_refine_id 
_refine_ls_shell.d_res_high 
_refine_ls_shell.d_res_low 
_refine_ls_shell.number_reflns_all 
_refine_ls_shell.number_reflns_obs 
_refine_ls_shell.number_reflns_R_free 
_refine_ls_shell.number_reflns_R_work 
_refine_ls_shell.percent_reflns_obs 
_refine_ls_shell.percent_reflns_R_free 
_refine_ls_shell.R_factor_all 
_refine_ls_shell.R_factor_obs 
_refine_ls_shell.R_factor_R_free 
_refine_ls_shell.R_factor_R_free_error 
_refine_ls_shell.R_factor_R_work 
_refine_ls_shell.redundancy_reflns_all 
_refine_ls_shell.redundancy_reflns_obs 
_refine_ls_shell.wR_factor_all 
_refine_ls_shell.wR_factor_obs 
_refine_ls_shell.wR_factor_R_free 
_refine_ls_shell.wR_factor_R_work 
_refine_ls_shell.pdbx_R_complete 
_refine_ls_shell.pdbx_total_number_of_bins_used 
_refine_ls_shell.pdbx_phase_error 
_refine_ls_shell.pdbx_fsc_work 
_refine_ls_shell.pdbx_fsc_free 
'X-RAY DIFFRACTION' 2.9100 3.6600  1408 . 144 1264 96.0000 . . . 0.2578 0.0000 0.1952 . . . . . . . 2 . . . 
'X-RAY DIFFRACTION' 3.6700 31.4500 1503 . 149 1354 99.0000 . . . 0.2050 0.0000 0.1274 . . . . . . . 2 . . . 
# 
_struct.entry_id                     7ECP 
_struct.title                        'RNA duplex containing C-Ag-U' 
_struct.pdbx_model_details           ? 
_struct.pdbx_formula_weight          ? 
_struct.pdbx_formula_weight_method   ? 
_struct.pdbx_model_type_details      ? 
_struct.pdbx_CASP_flag               N 
# 
_struct_keywords.entry_id        7ECP 
_struct_keywords.text            'Metal-mediated base pair, Silver, RNA' 
_struct_keywords.pdbx_keywords   RNA 
# 
loop_
_struct_asym.id 
_struct_asym.pdbx_blank_PDB_chainid_flag 
_struct_asym.pdbx_modified 
_struct_asym.entity_id 
_struct_asym.details 
A N N 1 ? 
B N N 1 ? 
C N N 1 ? 
D N N 1 ? 
E N N 2 ? 
F N N 2 ? 
G N N 2 ? 
H N N 2 ? 
I N N 3 ? 
J N N 3 ? 
# 
_struct_ref.id                         1 
_struct_ref.db_name                    PDB 
_struct_ref.db_code                    7ECP 
_struct_ref.pdbx_db_accession          7ECP 
_struct_ref.pdbx_db_isoform            ? 
_struct_ref.entity_id                  1 
_struct_ref.pdbx_seq_one_letter_code   ? 
_struct_ref.pdbx_align_begin           1 
# 
loop_
_struct_ref_seq.align_id 
_struct_ref_seq.ref_id 
_struct_ref_seq.pdbx_PDB_id_code 
_struct_ref_seq.pdbx_strand_id 
_struct_ref_seq.seq_align_beg 
_struct_ref_seq.pdbx_seq_align_beg_ins_code 
_struct_ref_seq.seq_align_end 
_struct_ref_seq.pdbx_seq_align_end_ins_code 
_struct_ref_seq.pdbx_db_accession 
_struct_ref_seq.db_align_beg 
_struct_ref_seq.pdbx_db_align_beg_ins_code 
_struct_ref_seq.db_align_end 
_struct_ref_seq.pdbx_db_align_end_ins_code 
_struct_ref_seq.pdbx_auth_seq_align_beg 
_struct_ref_seq.pdbx_auth_seq_align_end 
1 1 7ECP A 1 ? 12 ? 7ECP 1 ? 12 ? 1 12 
2 1 7ECP B 1 ? 12 ? 7ECP 1 ? 12 ? 1 12 
3 1 7ECP C 1 ? 12 ? 7ECP 1 ? 12 ? 1 12 
4 1 7ECP D 1 ? 12 ? 7ECP 1 ? 12 ? 1 12 
# 
loop_
_pdbx_struct_assembly.id 
_pdbx_struct_assembly.details 
_pdbx_struct_assembly.method_details 
_pdbx_struct_assembly.oligomeric_details 
_pdbx_struct_assembly.oligomeric_count 
1 author_and_software_defined_assembly PISA dimeric 2 
2 author_and_software_defined_assembly PISA dimeric 2 
# 
loop_
_pdbx_struct_assembly_prop.biol_id 
_pdbx_struct_assembly_prop.type 
_pdbx_struct_assembly_prop.value 
_pdbx_struct_assembly_prop.details 
1 'ABSA (A^2)' 1480 ? 
1 MORE         -27  ? 
1 'SSA (A^2)'  4320 ? 
2 'ABSA (A^2)' 1480 ? 
2 MORE         -26  ? 
2 'SSA (A^2)'  4330 ? 
# 
loop_
_pdbx_struct_assembly_gen.assembly_id 
_pdbx_struct_assembly_gen.oper_expression 
_pdbx_struct_assembly_gen.asym_id_list 
1 1 A,B,E,F,I 
2 1 C,D,G,H,J 
# 
_pdbx_struct_assembly_auth_evidence.id                     1 
_pdbx_struct_assembly_auth_evidence.assembly_id            1 
_pdbx_struct_assembly_auth_evidence.experimental_support   none 
_pdbx_struct_assembly_auth_evidence.details                ? 
# 
_pdbx_struct_oper_list.id                   1 
_pdbx_struct_oper_list.type                 'identity operation' 
_pdbx_struct_oper_list.name                 1_555 
_pdbx_struct_oper_list.symmetry_operation   x,y,z 
_pdbx_struct_oper_list.matrix[1][1]         1.0000000000 
_pdbx_struct_oper_list.matrix[1][2]         0.0000000000 
_pdbx_struct_oper_list.matrix[1][3]         0.0000000000 
_pdbx_struct_oper_list.vector[1]            0.0000000000 
_pdbx_struct_oper_list.matrix[2][1]         0.0000000000 
_pdbx_struct_oper_list.matrix[2][2]         1.0000000000 
_pdbx_struct_oper_list.matrix[2][3]         0.0000000000 
_pdbx_struct_oper_list.vector[2]            0.0000000000 
_pdbx_struct_oper_list.matrix[3][1]         0.0000000000 
_pdbx_struct_oper_list.matrix[3][2]         0.0000000000 
_pdbx_struct_oper_list.matrix[3][3]         1.0000000000 
_pdbx_struct_oper_list.vector[3]            0.0000000000 
# 
loop_
_struct_conn.id 
_struct_conn.conn_type_id 
_struct_conn.pdbx_leaving_atom_flag 
_struct_conn.pdbx_PDB_id 
_struct_conn.ptnr1_label_asym_id 
_struct_conn.ptnr1_label_comp_id 
_struct_conn.ptnr1_label_seq_id 
_struct_conn.ptnr1_label_atom_id 
_struct_conn.pdbx_ptnr1_label_alt_id 
_struct_conn.pdbx_ptnr1_PDB_ins_code 
_struct_conn.pdbx_ptnr1_standard_comp_id 
_struct_conn.ptnr1_symmetry 
_struct_conn.ptnr2_label_asym_id 
_struct_conn.ptnr2_label_comp_id 
_struct_conn.ptnr2_label_seq_id 
_struct_conn.ptnr2_label_atom_id 
_struct_conn.pdbx_ptnr2_label_alt_id 
_struct_conn.pdbx_ptnr2_PDB_ins_code 
_struct_conn.ptnr1_auth_asym_id 
_struct_conn.ptnr1_auth_comp_id 
_struct_conn.ptnr1_auth_seq_id 
_struct_conn.ptnr2_auth_asym_id 
_struct_conn.ptnr2_auth_comp_id 
_struct_conn.ptnr2_auth_seq_id 
_struct_conn.ptnr2_symmetry 
_struct_conn.pdbx_ptnr3_label_atom_id 
_struct_conn.pdbx_ptnr3_label_seq_id 
_struct_conn.pdbx_ptnr3_label_comp_id 
_struct_conn.pdbx_ptnr3_label_asym_id 
_struct_conn.pdbx_ptnr3_label_alt_id 
_struct_conn.pdbx_ptnr3_PDB_ins_code 
_struct_conn.details 
_struct_conn.pdbx_dist_value 
_struct_conn.pdbx_value_order 
_struct_conn.pdbx_role 
metalc1  metalc ? ? A C  4  N3 ? ? ? 1_555 F AG .  AG ? ? A C  4   A AG 102 1_555 ? ? ? ? ? ? ?             2.337 ? ? 
metalc2  metalc ? ? A U  9  N3 ? ? ? 1_555 E AG .  AG ? ? A U  9   A AG 101 1_555 ? ? ? ? ? ? ?             2.051 ? ? 
metalc3  metalc ? ? E AG .  AG ? ? ? 1_555 B C  4  N3 ? ? A AG 101 B C  4   1_555 ? ? ? ? ? ? ?             2.097 ? ? 
metalc4  metalc ? ? F AG .  AG ? ? ? 1_555 B U  9  N3 ? ? A AG 102 B U  9   1_555 ? ? ? ? ? ? ?             2.123 ? ? 
metalc5  metalc ? ? C C  4  N3 ? ? ? 1_555 G AG .  AG ? ? C C  4   C AG 101 1_555 ? ? ? ? ? ? ?             2.165 ? ? 
metalc6  metalc ? ? C U  9  N3 ? ? ? 1_555 H AG .  AG ? ? C U  9   C AG 102 1_555 ? ? ? ? ? ? ?             2.361 ? ? 
metalc7  metalc ? ? G AG .  AG ? ? ? 1_555 D U  9  N3 ? ? C AG 101 D U  9   1_555 ? ? ? ? ? ? ?             2.009 ? ? 
metalc8  metalc ? ? H AG .  AG ? ? ? 1_555 D C  4  N3 ? ? C AG 102 D C  4   1_555 ? ? ? ? ? ? ?             2.552 ? ? 
hydrog1  hydrog ? ? A G  1  N1 ? ? ? 1_555 B C  12 N3 ? ? A G  1   B C  12  1_555 ? ? ? ? ? ? WATSON-CRICK  ?     ? ? 
hydrog2  hydrog ? ? A G  1  N2 ? ? ? 1_555 B C  12 O2 ? ? A G  1   B C  12  1_555 ? ? ? ? ? ? WATSON-CRICK  ?     ? ? 
hydrog3  hydrog ? ? A G  1  O6 ? ? ? 1_555 B C  12 N4 ? ? A G  1   B C  12  1_555 ? ? ? ? ? ? WATSON-CRICK  ?     ? ? 
hydrog4  hydrog ? ? A G  2  N1 ? ? ? 1_555 B C  11 N3 ? ? A G  2   B C  11  1_555 ? ? ? ? ? ? WATSON-CRICK  ?     ? ? 
hydrog5  hydrog ? ? A G  2  N2 ? ? ? 1_555 B C  11 O2 ? ? A G  2   B C  11  1_555 ? ? ? ? ? ? WATSON-CRICK  ?     ? ? 
hydrog6  hydrog ? ? A G  2  O6 ? ? ? 1_555 B C  11 N4 ? ? A G  2   B C  11  1_555 ? ? ? ? ? ? WATSON-CRICK  ?     ? ? 
hydrog7  hydrog ? ? A G  3  N1 ? ? ? 1_555 B C  10 N3 ? ? A G  3   B C  10  1_555 ? ? ? ? ? ? WATSON-CRICK  ?     ? ? 
hydrog8  hydrog ? ? A G  3  N2 ? ? ? 1_555 B C  10 O2 ? ? A G  3   B C  10  1_555 ? ? ? ? ? ? WATSON-CRICK  ?     ? ? 
hydrog9  hydrog ? ? A G  3  O6 ? ? ? 1_555 B C  10 N4 ? ? A G  3   B C  10  1_555 ? ? ? ? ? ? WATSON-CRICK  ?     ? ? 
hydrog10 hydrog ? ? A C  4  N4 ? ? ? 1_555 B U  9  O4 ? ? A C  4   B U  9   1_555 ? ? ? ? ? ? 'C-U MISPAIR' ?     ? ? 
hydrog11 hydrog ? ? A C  5  N3 ? ? ? 1_555 B G  8  N1 ? ? A C  5   B G  8   1_555 ? ? ? ? ? ? WATSON-CRICK  ?     ? ? 
hydrog12 hydrog ? ? A C  5  N4 ? ? ? 1_555 B G  8  O6 ? ? A C  5   B G  8   1_555 ? ? ? ? ? ? WATSON-CRICK  ?     ? ? 
hydrog13 hydrog ? ? A C  5  O2 ? ? ? 1_555 B G  8  N2 ? ? A C  5   B G  8   1_555 ? ? ? ? ? ? WATSON-CRICK  ?     ? ? 
hydrog14 hydrog ? ? A C  6  N3 ? ? ? 1_555 B G  7  N1 ? ? A C  6   B G  7   1_555 ? ? ? ? ? ? WATSON-CRICK  ?     ? ? 
hydrog15 hydrog ? ? A C  6  N4 ? ? ? 1_555 B G  7  O6 ? ? A C  6   B G  7   1_555 ? ? ? ? ? ? WATSON-CRICK  ?     ? ? 
hydrog16 hydrog ? ? A C  6  O2 ? ? ? 1_555 B G  7  N2 ? ? A C  6   B G  7   1_555 ? ? ? ? ? ? WATSON-CRICK  ?     ? ? 
hydrog17 hydrog ? ? A G  7  N1 ? ? ? 1_555 B C  6  N3 ? ? A G  7   B C  6   1_555 ? ? ? ? ? ? WATSON-CRICK  ?     ? ? 
hydrog18 hydrog ? ? A G  7  N2 ? ? ? 1_555 B C  6  O2 ? ? A G  7   B C  6   1_555 ? ? ? ? ? ? WATSON-CRICK  ?     ? ? 
hydrog19 hydrog ? ? A G  7  O6 ? ? ? 1_555 B C  6  N4 ? ? A G  7   B C  6   1_555 ? ? ? ? ? ? WATSON-CRICK  ?     ? ? 
hydrog20 hydrog ? ? A G  8  N1 ? ? ? 1_555 B C  5  N3 ? ? A G  8   B C  5   1_555 ? ? ? ? ? ? WATSON-CRICK  ?     ? ? 
hydrog21 hydrog ? ? A G  8  N2 ? ? ? 1_555 B C  5  O2 ? ? A G  8   B C  5   1_555 ? ? ? ? ? ? WATSON-CRICK  ?     ? ? 
hydrog22 hydrog ? ? A G  8  O6 ? ? ? 1_555 B C  5  N4 ? ? A G  8   B C  5   1_555 ? ? ? ? ? ? WATSON-CRICK  ?     ? ? 
hydrog23 hydrog ? ? A U  9  O4 ? ? ? 1_555 B C  4  N4 ? ? A U  9   B C  4   1_555 ? ? ? ? ? ? 'U-C MISPAIR' ?     ? ? 
hydrog24 hydrog ? ? A U  9  N3 ? ? ? 1_555 B C  5  O2 ? ? A U  9   B C  5   1_555 ? ? ? ? ? ? 'U-C MISPAIR' ?     ? ? 
hydrog25 hydrog ? ? A C  10 N3 ? ? ? 1_555 B G  3  N1 ? ? A C  10  B G  3   1_555 ? ? ? ? ? ? WATSON-CRICK  ?     ? ? 
hydrog26 hydrog ? ? A C  10 N4 ? ? ? 1_555 B G  3  O6 ? ? A C  10  B G  3   1_555 ? ? ? ? ? ? WATSON-CRICK  ?     ? ? 
hydrog27 hydrog ? ? A C  10 O2 ? ? ? 1_555 B G  3  N2 ? ? A C  10  B G  3   1_555 ? ? ? ? ? ? WATSON-CRICK  ?     ? ? 
hydrog28 hydrog ? ? A C  11 N3 ? ? ? 1_555 B G  2  N1 ? ? A C  11  B G  2   1_555 ? ? ? ? ? ? WATSON-CRICK  ?     ? ? 
hydrog29 hydrog ? ? A C  11 N4 ? ? ? 1_555 B G  2  O6 ? ? A C  11  B G  2   1_555 ? ? ? ? ? ? WATSON-CRICK  ?     ? ? 
hydrog30 hydrog ? ? A C  11 O2 ? ? ? 1_555 B G  2  N2 ? ? A C  11  B G  2   1_555 ? ? ? ? ? ? WATSON-CRICK  ?     ? ? 
hydrog31 hydrog ? ? A C  12 N3 ? ? ? 1_555 B G  1  N1 ? ? A C  12  B G  1   1_555 ? ? ? ? ? ? WATSON-CRICK  ?     ? ? 
hydrog32 hydrog ? ? A C  12 N4 ? ? ? 1_555 B G  1  O6 ? ? A C  12  B G  1   1_555 ? ? ? ? ? ? WATSON-CRICK  ?     ? ? 
hydrog33 hydrog ? ? A C  12 O2 ? ? ? 1_555 B G  1  N2 ? ? A C  12  B G  1   1_555 ? ? ? ? ? ? WATSON-CRICK  ?     ? ? 
hydrog34 hydrog ? ? C G  1  N1 ? ? ? 1_555 D C  12 N3 ? ? C G  1   D C  12  1_555 ? ? ? ? ? ? WATSON-CRICK  ?     ? ? 
hydrog35 hydrog ? ? C G  1  N2 ? ? ? 1_555 D C  12 O2 ? ? C G  1   D C  12  1_555 ? ? ? ? ? ? WATSON-CRICK  ?     ? ? 
hydrog36 hydrog ? ? C G  1  O6 ? ? ? 1_555 D C  12 N4 ? ? C G  1   D C  12  1_555 ? ? ? ? ? ? WATSON-CRICK  ?     ? ? 
hydrog37 hydrog ? ? C G  2  N1 ? ? ? 1_555 D C  11 N3 ? ? C G  2   D C  11  1_555 ? ? ? ? ? ? WATSON-CRICK  ?     ? ? 
hydrog38 hydrog ? ? C G  2  N2 ? ? ? 1_555 D C  11 O2 ? ? C G  2   D C  11  1_555 ? ? ? ? ? ? WATSON-CRICK  ?     ? ? 
hydrog39 hydrog ? ? C G  2  O6 ? ? ? 1_555 D C  11 N4 ? ? C G  2   D C  11  1_555 ? ? ? ? ? ? WATSON-CRICK  ?     ? ? 
hydrog40 hydrog ? ? C G  3  N1 ? ? ? 1_555 D C  10 N3 ? ? C G  3   D C  10  1_555 ? ? ? ? ? ? WATSON-CRICK  ?     ? ? 
hydrog41 hydrog ? ? C G  3  N2 ? ? ? 1_555 D C  10 O2 ? ? C G  3   D C  10  1_555 ? ? ? ? ? ? WATSON-CRICK  ?     ? ? 
hydrog42 hydrog ? ? C G  3  O6 ? ? ? 1_555 D C  10 N4 ? ? C G  3   D C  10  1_555 ? ? ? ? ? ? WATSON-CRICK  ?     ? ? 
hydrog43 hydrog ? ? C C  4  N4 ? ? ? 1_555 D U  9  O4 ? ? C C  4   D U  9   1_555 ? ? ? ? ? ? 'C-U MISPAIR' ?     ? ? 
hydrog44 hydrog ? ? C C  5  N3 ? ? ? 1_555 D G  8  N1 ? ? C C  5   D G  8   1_555 ? ? ? ? ? ? WATSON-CRICK  ?     ? ? 
hydrog45 hydrog ? ? C C  5  N4 ? ? ? 1_555 D G  8  O6 ? ? C C  5   D G  8   1_555 ? ? ? ? ? ? WATSON-CRICK  ?     ? ? 
hydrog46 hydrog ? ? C C  5  O2 ? ? ? 1_555 D G  8  N2 ? ? C C  5   D G  8   1_555 ? ? ? ? ? ? WATSON-CRICK  ?     ? ? 
hydrog47 hydrog ? ? C C  6  N3 ? ? ? 1_555 D G  7  N1 ? ? C C  6   D G  7   1_555 ? ? ? ? ? ? WATSON-CRICK  ?     ? ? 
hydrog48 hydrog ? ? C C  6  N4 ? ? ? 1_555 D G  7  O6 ? ? C C  6   D G  7   1_555 ? ? ? ? ? ? WATSON-CRICK  ?     ? ? 
hydrog49 hydrog ? ? C C  6  O2 ? ? ? 1_555 D G  7  N2 ? ? C C  6   D G  7   1_555 ? ? ? ? ? ? WATSON-CRICK  ?     ? ? 
hydrog50 hydrog ? ? C G  7  N1 ? ? ? 1_555 D C  6  N3 ? ? C G  7   D C  6   1_555 ? ? ? ? ? ? WATSON-CRICK  ?     ? ? 
hydrog51 hydrog ? ? C G  7  N2 ? ? ? 1_555 D C  6  O2 ? ? C G  7   D C  6   1_555 ? ? ? ? ? ? WATSON-CRICK  ?     ? ? 
hydrog52 hydrog ? ? C G  7  O6 ? ? ? 1_555 D C  6  N4 ? ? C G  7   D C  6   1_555 ? ? ? ? ? ? WATSON-CRICK  ?     ? ? 
hydrog53 hydrog ? ? C G  8  N1 ? ? ? 1_555 D C  5  N3 ? ? C G  8   D C  5   1_555 ? ? ? ? ? ? WATSON-CRICK  ?     ? ? 
hydrog54 hydrog ? ? C G  8  N2 ? ? ? 1_555 D C  5  O2 ? ? C G  8   D C  5   1_555 ? ? ? ? ? ? WATSON-CRICK  ?     ? ? 
hydrog55 hydrog ? ? C G  8  O6 ? ? ? 1_555 D C  5  N4 ? ? C G  8   D C  5   1_555 ? ? ? ? ? ? WATSON-CRICK  ?     ? ? 
hydrog56 hydrog ? ? C U  9  O4 ? ? ? 1_555 D C  4  N4 ? ? C U  9   D C  4   1_555 ? ? ? ? ? ? 'U-C MISPAIR' ?     ? ? 
hydrog57 hydrog ? ? C C  10 N3 ? ? ? 1_555 D G  3  N1 ? ? C C  10  D G  3   1_555 ? ? ? ? ? ? WATSON-CRICK  ?     ? ? 
hydrog58 hydrog ? ? C C  10 N4 ? ? ? 1_555 D G  3  O6 ? ? C C  10  D G  3   1_555 ? ? ? ? ? ? WATSON-CRICK  ?     ? ? 
hydrog59 hydrog ? ? C C  10 O2 ? ? ? 1_555 D G  3  N2 ? ? C C  10  D G  3   1_555 ? ? ? ? ? ? WATSON-CRICK  ?     ? ? 
hydrog60 hydrog ? ? C C  11 N3 ? ? ? 1_555 D G  2  N1 ? ? C C  11  D G  2   1_555 ? ? ? ? ? ? WATSON-CRICK  ?     ? ? 
hydrog61 hydrog ? ? C C  11 N4 ? ? ? 1_555 D G  2  O6 ? ? C C  11  D G  2   1_555 ? ? ? ? ? ? WATSON-CRICK  ?     ? ? 
hydrog62 hydrog ? ? C C  11 O2 ? ? ? 1_555 D G  2  N2 ? ? C C  11  D G  2   1_555 ? ? ? ? ? ? WATSON-CRICK  ?     ? ? 
hydrog63 hydrog ? ? C C  12 N3 ? ? ? 1_555 D G  1  N1 ? ? C C  12  D G  1   1_555 ? ? ? ? ? ? WATSON-CRICK  ?     ? ? 
hydrog64 hydrog ? ? C C  12 N4 ? ? ? 1_555 D G  1  O6 ? ? C C  12  D G  1   1_555 ? ? ? ? ? ? WATSON-CRICK  ?     ? ? 
hydrog65 hydrog ? ? C C  12 O2 ? ? ? 1_555 D G  1  N2 ? ? C C  12  D G  1   1_555 ? ? ? ? ? ? WATSON-CRICK  ?     ? ? 
# 
loop_
_struct_conn_type.id 
_struct_conn_type.criteria 
_struct_conn_type.reference 
metalc ? ? 
hydrog ? ? 
# 
loop_
_pdbx_struct_conn_angle.id 
_pdbx_struct_conn_angle.ptnr1_label_atom_id 
_pdbx_struct_conn_angle.ptnr1_label_alt_id 
_pdbx_struct_conn_angle.ptnr1_label_asym_id 
_pdbx_struct_conn_angle.ptnr1_label_comp_id 
_pdbx_struct_conn_angle.ptnr1_label_seq_id 
_pdbx_struct_conn_angle.ptnr1_auth_atom_id 
_pdbx_struct_conn_angle.ptnr1_auth_asym_id 
_pdbx_struct_conn_angle.ptnr1_auth_comp_id 
_pdbx_struct_conn_angle.ptnr1_auth_seq_id 
_pdbx_struct_conn_angle.ptnr1_PDB_ins_code 
_pdbx_struct_conn_angle.ptnr1_symmetry 
_pdbx_struct_conn_angle.ptnr2_label_atom_id 
_pdbx_struct_conn_angle.ptnr2_label_alt_id 
_pdbx_struct_conn_angle.ptnr2_label_asym_id 
_pdbx_struct_conn_angle.ptnr2_label_comp_id 
_pdbx_struct_conn_angle.ptnr2_label_seq_id 
_pdbx_struct_conn_angle.ptnr2_auth_atom_id 
_pdbx_struct_conn_angle.ptnr2_auth_asym_id 
_pdbx_struct_conn_angle.ptnr2_auth_comp_id 
_pdbx_struct_conn_angle.ptnr2_auth_seq_id 
_pdbx_struct_conn_angle.ptnr2_PDB_ins_code 
_pdbx_struct_conn_angle.ptnr2_symmetry 
_pdbx_struct_conn_angle.ptnr3_label_atom_id 
_pdbx_struct_conn_angle.ptnr3_label_alt_id 
_pdbx_struct_conn_angle.ptnr3_label_asym_id 
_pdbx_struct_conn_angle.ptnr3_label_comp_id 
_pdbx_struct_conn_angle.ptnr3_label_seq_id 
_pdbx_struct_conn_angle.ptnr3_auth_atom_id 
_pdbx_struct_conn_angle.ptnr3_auth_asym_id 
_pdbx_struct_conn_angle.ptnr3_auth_comp_id 
_pdbx_struct_conn_angle.ptnr3_auth_seq_id 
_pdbx_struct_conn_angle.ptnr3_PDB_ins_code 
_pdbx_struct_conn_angle.ptnr3_symmetry 
_pdbx_struct_conn_angle.value 
_pdbx_struct_conn_angle.value_esd 
1 N3 ? A C 4 ? A C 4 ? 1_555 AG ? F AG . ? A AG 102 ? 1_555 N3 ? B U 9 ? B U 9 ? 1_555 153.8 ? 
2 N3 ? A U 9 ? A U 9 ? 1_555 AG ? E AG . ? A AG 101 ? 1_555 N3 ? B C 4 ? B C 4 ? 1_555 151.7 ? 
3 N3 ? C C 4 ? C C 4 ? 1_555 AG ? G AG . ? C AG 101 ? 1_555 N3 ? D U 9 ? D U 9 ? 1_555 143.0 ? 
4 N3 ? C U 9 ? C U 9 ? 1_555 AG ? H AG . ? C AG 102 ? 1_555 N3 ? D C 4 ? D C 4 ? 1_555 161.2 ? 
# 
_pdbx_validate_rmsd_angle.id                         1 
_pdbx_validate_rmsd_angle.PDB_model_num              1 
_pdbx_validate_rmsd_angle.auth_atom_id_1             N3 
_pdbx_validate_rmsd_angle.auth_asym_id_1             C 
_pdbx_validate_rmsd_angle.auth_comp_id_1             C 
_pdbx_validate_rmsd_angle.auth_seq_id_1              4 
_pdbx_validate_rmsd_angle.PDB_ins_code_1             ? 
_pdbx_validate_rmsd_angle.label_alt_id_1             ? 
_pdbx_validate_rmsd_angle.auth_atom_id_2             C2 
_pdbx_validate_rmsd_angle.auth_asym_id_2             C 
_pdbx_validate_rmsd_angle.auth_comp_id_2             C 
_pdbx_validate_rmsd_angle.auth_seq_id_2              4 
_pdbx_validate_rmsd_angle.PDB_ins_code_2             ? 
_pdbx_validate_rmsd_angle.label_alt_id_2             ? 
_pdbx_validate_rmsd_angle.auth_atom_id_3             O2 
_pdbx_validate_rmsd_angle.auth_asym_id_3             C 
_pdbx_validate_rmsd_angle.auth_comp_id_3             C 
_pdbx_validate_rmsd_angle.auth_seq_id_3              4 
_pdbx_validate_rmsd_angle.PDB_ins_code_3             ? 
_pdbx_validate_rmsd_angle.label_alt_id_3             ? 
_pdbx_validate_rmsd_angle.angle_value                117.52 
_pdbx_validate_rmsd_angle.angle_target_value         121.90 
_pdbx_validate_rmsd_angle.angle_deviation            -4.38 
_pdbx_validate_rmsd_angle.angle_standard_deviation   0.70 
_pdbx_validate_rmsd_angle.linker_flag                N 
# 
_pdbx_entry_details.entry_id                 7ECP 
_pdbx_entry_details.has_ligand_of_interest   Y 
_pdbx_entry_details.compound_details         ? 
_pdbx_entry_details.source_details           ? 
_pdbx_entry_details.nonpolymer_details       ? 
_pdbx_entry_details.sequence_details         ? 
# 
loop_
_chem_comp_atom.comp_id 
_chem_comp_atom.atom_id 
_chem_comp_atom.type_symbol 
_chem_comp_atom.pdbx_aromatic_flag 
_chem_comp_atom.pdbx_stereo_config 
_chem_comp_atom.pdbx_ordinal 
AG  AG     AG N N 1   
C   OP3    O  N N 2   
C   P      P  N N 3   
C   OP1    O  N N 4   
C   OP2    O  N N 5   
C   "O5'"  O  N N 6   
C   "C5'"  C  N N 7   
C   "C4'"  C  N R 8   
C   "O4'"  O  N N 9   
C   "C3'"  C  N S 10  
C   "O3'"  O  N N 11  
C   "C2'"  C  N R 12  
C   "O2'"  O  N N 13  
C   "C1'"  C  N R 14  
C   N1     N  N N 15  
C   C2     C  N N 16  
C   O2     O  N N 17  
C   N3     N  N N 18  
C   C4     C  N N 19  
C   N4     N  N N 20  
C   C5     C  N N 21  
C   C6     C  N N 22  
C   HOP3   H  N N 23  
C   HOP2   H  N N 24  
C   "H5'"  H  N N 25  
C   "H5''" H  N N 26  
C   "H4'"  H  N N 27  
C   "H3'"  H  N N 28  
C   "HO3'" H  N N 29  
C   "H2'"  H  N N 30  
C   "HO2'" H  N N 31  
C   "H1'"  H  N N 32  
C   H41    H  N N 33  
C   H42    H  N N 34  
C   H5     H  N N 35  
C   H6     H  N N 36  
G   OP3    O  N N 37  
G   P      P  N N 38  
G   OP1    O  N N 39  
G   OP2    O  N N 40  
G   "O5'"  O  N N 41  
G   "C5'"  C  N N 42  
G   "C4'"  C  N R 43  
G   "O4'"  O  N N 44  
G   "C3'"  C  N S 45  
G   "O3'"  O  N N 46  
G   "C2'"  C  N R 47  
G   "O2'"  O  N N 48  
G   "C1'"  C  N R 49  
G   N9     N  Y N 50  
G   C8     C  Y N 51  
G   N7     N  Y N 52  
G   C5     C  Y N 53  
G   C6     C  N N 54  
G   O6     O  N N 55  
G   N1     N  N N 56  
G   C2     C  N N 57  
G   N2     N  N N 58  
G   N3     N  N N 59  
G   C4     C  Y N 60  
G   HOP3   H  N N 61  
G   HOP2   H  N N 62  
G   "H5'"  H  N N 63  
G   "H5''" H  N N 64  
G   "H4'"  H  N N 65  
G   "H3'"  H  N N 66  
G   "HO3'" H  N N 67  
G   "H2'"  H  N N 68  
G   "HO2'" H  N N 69  
G   "H1'"  H  N N 70  
G   H8     H  N N 71  
G   H1     H  N N 72  
G   H21    H  N N 73  
G   H22    H  N N 74  
HOH O      O  N N 75  
HOH H1     H  N N 76  
HOH H2     H  N N 77  
U   OP3    O  N N 78  
U   P      P  N N 79  
U   OP1    O  N N 80  
U   OP2    O  N N 81  
U   "O5'"  O  N N 82  
U   "C5'"  C  N N 83  
U   "C4'"  C  N R 84  
U   "O4'"  O  N N 85  
U   "C3'"  C  N S 86  
U   "O3'"  O  N N 87  
U   "C2'"  C  N R 88  
U   "O2'"  O  N N 89  
U   "C1'"  C  N R 90  
U   N1     N  N N 91  
U   C2     C  N N 92  
U   O2     O  N N 93  
U   N3     N  N N 94  
U   C4     C  N N 95  
U   O4     O  N N 96  
U   C5     C  N N 97  
U   C6     C  N N 98  
U   HOP3   H  N N 99  
U   HOP2   H  N N 100 
U   "H5'"  H  N N 101 
U   "H5''" H  N N 102 
U   "H4'"  H  N N 103 
U   "H3'"  H  N N 104 
U   "HO3'" H  N N 105 
U   "H2'"  H  N N 106 
U   "HO2'" H  N N 107 
U   "H1'"  H  N N 108 
U   H3     H  N N 109 
U   H5     H  N N 110 
U   H6     H  N N 111 
# 
loop_
_chem_comp_bond.comp_id 
_chem_comp_bond.atom_id_1 
_chem_comp_bond.atom_id_2 
_chem_comp_bond.value_order 
_chem_comp_bond.pdbx_aromatic_flag 
_chem_comp_bond.pdbx_stereo_config 
_chem_comp_bond.pdbx_ordinal 
C   OP3   P      sing N N 1   
C   OP3   HOP3   sing N N 2   
C   P     OP1    doub N N 3   
C   P     OP2    sing N N 4   
C   P     "O5'"  sing N N 5   
C   OP2   HOP2   sing N N 6   
C   "O5'" "C5'"  sing N N 7   
C   "C5'" "C4'"  sing N N 8   
C   "C5'" "H5'"  sing N N 9   
C   "C5'" "H5''" sing N N 10  
C   "C4'" "O4'"  sing N N 11  
C   "C4'" "C3'"  sing N N 12  
C   "C4'" "H4'"  sing N N 13  
C   "O4'" "C1'"  sing N N 14  
C   "C3'" "O3'"  sing N N 15  
C   "C3'" "C2'"  sing N N 16  
C   "C3'" "H3'"  sing N N 17  
C   "O3'" "HO3'" sing N N 18  
C   "C2'" "O2'"  sing N N 19  
C   "C2'" "C1'"  sing N N 20  
C   "C2'" "H2'"  sing N N 21  
C   "O2'" "HO2'" sing N N 22  
C   "C1'" N1     sing N N 23  
C   "C1'" "H1'"  sing N N 24  
C   N1    C2     sing N N 25  
C   N1    C6     sing N N 26  
C   C2    O2     doub N N 27  
C   C2    N3     sing N N 28  
C   N3    C4     doub N N 29  
C   C4    N4     sing N N 30  
C   C4    C5     sing N N 31  
C   N4    H41    sing N N 32  
C   N4    H42    sing N N 33  
C   C5    C6     doub N N 34  
C   C5    H5     sing N N 35  
C   C6    H6     sing N N 36  
G   OP3   P      sing N N 37  
G   OP3   HOP3   sing N N 38  
G   P     OP1    doub N N 39  
G   P     OP2    sing N N 40  
G   P     "O5'"  sing N N 41  
G   OP2   HOP2   sing N N 42  
G   "O5'" "C5'"  sing N N 43  
G   "C5'" "C4'"  sing N N 44  
G   "C5'" "H5'"  sing N N 45  
G   "C5'" "H5''" sing N N 46  
G   "C4'" "O4'"  sing N N 47  
G   "C4'" "C3'"  sing N N 48  
G   "C4'" "H4'"  sing N N 49  
G   "O4'" "C1'"  sing N N 50  
G   "C3'" "O3'"  sing N N 51  
G   "C3'" "C2'"  sing N N 52  
G   "C3'" "H3'"  sing N N 53  
G   "O3'" "HO3'" sing N N 54  
G   "C2'" "O2'"  sing N N 55  
G   "C2'" "C1'"  sing N N 56  
G   "C2'" "H2'"  sing N N 57  
G   "O2'" "HO2'" sing N N 58  
G   "C1'" N9     sing N N 59  
G   "C1'" "H1'"  sing N N 60  
G   N9    C8     sing Y N 61  
G   N9    C4     sing Y N 62  
G   C8    N7     doub Y N 63  
G   C8    H8     sing N N 64  
G   N7    C5     sing Y N 65  
G   C5    C6     sing N N 66  
G   C5    C4     doub Y N 67  
G   C6    O6     doub N N 68  
G   C6    N1     sing N N 69  
G   N1    C2     sing N N 70  
G   N1    H1     sing N N 71  
G   C2    N2     sing N N 72  
G   C2    N3     doub N N 73  
G   N2    H21    sing N N 74  
G   N2    H22    sing N N 75  
G   N3    C4     sing N N 76  
HOH O     H1     sing N N 77  
HOH O     H2     sing N N 78  
U   OP3   P      sing N N 79  
U   OP3   HOP3   sing N N 80  
U   P     OP1    doub N N 81  
U   P     OP2    sing N N 82  
U   P     "O5'"  sing N N 83  
U   OP2   HOP2   sing N N 84  
U   "O5'" "C5'"  sing N N 85  
U   "C5'" "C4'"  sing N N 86  
U   "C5'" "H5'"  sing N N 87  
U   "C5'" "H5''" sing N N 88  
U   "C4'" "O4'"  sing N N 89  
U   "C4'" "C3'"  sing N N 90  
U   "C4'" "H4'"  sing N N 91  
U   "O4'" "C1'"  sing N N 92  
U   "C3'" "O3'"  sing N N 93  
U   "C3'" "C2'"  sing N N 94  
U   "C3'" "H3'"  sing N N 95  
U   "O3'" "HO3'" sing N N 96  
U   "C2'" "O2'"  sing N N 97  
U   "C2'" "C1'"  sing N N 98  
U   "C2'" "H2'"  sing N N 99  
U   "O2'" "HO2'" sing N N 100 
U   "C1'" N1     sing N N 101 
U   "C1'" "H1'"  sing N N 102 
U   N1    C2     sing N N 103 
U   N1    C6     sing N N 104 
U   C2    O2     doub N N 105 
U   C2    N3     sing N N 106 
U   N3    C4     sing N N 107 
U   N3    H3     sing N N 108 
U   C4    O4     doub N N 109 
U   C4    C5     sing N N 110 
U   C5    C6     doub N N 111 
U   C5    H5     sing N N 112 
U   C6    H6     sing N N 113 
# 
loop_
_ndb_struct_conf_na.entry_id 
_ndb_struct_conf_na.feature 
7ECP 'double helix'        
7ECP 'a-form double helix' 
# 
loop_
_ndb_struct_na_base_pair.model_number 
_ndb_struct_na_base_pair.i_label_asym_id 
_ndb_struct_na_base_pair.i_label_comp_id 
_ndb_struct_na_base_pair.i_label_seq_id 
_ndb_struct_na_base_pair.i_symmetry 
_ndb_struct_na_base_pair.j_label_asym_id 
_ndb_struct_na_base_pair.j_label_comp_id 
_ndb_struct_na_base_pair.j_label_seq_id 
_ndb_struct_na_base_pair.j_symmetry 
_ndb_struct_na_base_pair.shear 
_ndb_struct_na_base_pair.stretch 
_ndb_struct_na_base_pair.stagger 
_ndb_struct_na_base_pair.buckle 
_ndb_struct_na_base_pair.propeller 
_ndb_struct_na_base_pair.opening 
_ndb_struct_na_base_pair.pair_number 
_ndb_struct_na_base_pair.pair_name 
_ndb_struct_na_base_pair.i_auth_asym_id 
_ndb_struct_na_base_pair.i_auth_seq_id 
_ndb_struct_na_base_pair.i_PDB_ins_code 
_ndb_struct_na_base_pair.j_auth_asym_id 
_ndb_struct_na_base_pair.j_auth_seq_id 
_ndb_struct_na_base_pair.j_PDB_ins_code 
_ndb_struct_na_base_pair.hbond_type_28 
_ndb_struct_na_base_pair.hbond_type_12 
1 A G 1  1_555 B C 12 1_555 -1.138 -0.075 0.392  7.260   -5.185  6.678   1  A_G1:C12_B A 1  ? B 12 ? 19 1 
1 A G 2  1_555 B C 11 1_555 -0.155 -0.362 -0.035 5.496   -4.729  -1.324  2  A_G2:C11_B A 2  ? B 11 ? 19 1 
1 A G 3  1_555 B C 10 1_555 -0.771 -0.097 -0.298 -10.299 -10.626 4.571   3  A_G3:C10_B A 3  ? B 10 ? 19 1 
1 A C 4  1_555 B U 9  1_555 0.566  -0.453 0.065  -11.550 -9.499  -21.923 4  A_C4:U9_B  A 4  ? B 9  ? ?  ? 
1 A C 5  1_555 B G 8  1_555 0.344  -0.315 -0.185 7.813   -17.639 2.628   5  A_C5:G8_B  A 5  ? B 8  ? 19 1 
1 A C 6  1_555 B G 7  1_555 0.256  -0.326 -0.212 3.969   -10.564 -5.418  6  A_C6:G7_B  A 6  ? B 7  ? 19 1 
1 A G 7  1_555 B C 6  1_555 -0.546 -0.198 0.412  2.486   -7.884  -1.791  7  A_G7:C6_B  A 7  ? B 6  ? 19 1 
1 A G 8  1_555 B C 5  1_555 0.072  -0.204 -0.525 -13.176 -28.618 4.840   8  A_G8:C5_B  A 8  ? B 5  ? 19 1 
1 A U 9  1_555 B C 4  1_555 -0.103 -0.767 -0.414 8.783   -14.638 -25.656 9  A_U9:C4_B  A 9  ? B 4  ? ?  ? 
1 A C 10 1_555 B G 3  1_555 0.750  -0.165 -0.173 12.978  -15.857 0.650   10 A_C10:G3_B A 10 ? B 3  ? 19 1 
1 A C 11 1_555 B G 2  1_555 0.069  -0.229 0.161  -2.472  -4.154  -1.607  11 A_C11:G2_B A 11 ? B 2  ? 19 1 
1 A C 12 1_555 B G 1  1_555 0.681  -0.363 -0.075 0.163   -11.509 0.075   12 A_C12:G1_B A 12 ? B 1  ? 19 1 
1 C G 1  1_555 D C 12 1_555 -0.284 -0.208 -0.180 -7.973  -4.307  -1.709  13 C_G1:C12_D C 1  ? D 12 ? 19 1 
1 C G 2  1_555 D C 11 1_555 -0.516 -0.099 -0.076 2.862   -8.653  1.839   14 C_G2:C11_D C 2  ? D 11 ? 19 1 
1 C G 3  1_555 D C 10 1_555 -0.413 -0.210 0.029  -6.031  -18.706 3.201   15 C_G3:C10_D C 3  ? D 10 ? 19 1 
1 C C 4  1_555 D U 9  1_555 0.350  -0.798 0.044  16.206  -15.854 -15.544 16 C_C4:U9_D  C 4  ? D 9  ? ?  ? 
1 C C 5  1_555 D G 8  1_555 -0.350 -0.214 -0.455 10.215  -24.120 2.415   17 C_C5:G8_D  C 5  ? D 8  ? 19 1 
1 C C 6  1_555 D G 7  1_555 0.649  -0.118 0.492  -8.709  -15.906 -1.128  18 C_C6:G7_D  C 6  ? D 7  ? 19 1 
1 C G 7  1_555 D C 6  1_555 0.134  -0.414 0.065  -3.404  -9.825  -3.644  19 C_G7:C6_D  C 7  ? D 6  ? 19 1 
1 C G 8  1_555 D C 5  1_555 -0.102 -0.291 0.162  -6.843  -19.744 0.040   20 C_G8:C5_D  C 8  ? D 5  ? 19 1 
1 C U 9  1_555 D C 4  1_555 0.006  0.027  -0.506 -2.155  -19.069 -22.503 21 C_U9:C4_D  C 9  ? D 4  ? ?  ? 
1 C C 10 1_555 D G 3  1_555 0.524  -0.067 0.493  3.198   -9.108  2.436   22 C_C10:G3_D C 10 ? D 3  ? 19 1 
1 C C 11 1_555 D G 2  1_555 0.625  -0.179 0.155  7.983   -21.803 2.800   23 C_C11:G2_D C 11 ? D 2  ? 19 1 
1 C C 12 1_555 D G 1  1_555 0.385  -0.269 0.322  4.549   -14.385 -5.443  24 C_C12:G1_D C 12 ? D 1  ? 19 1 
# 
loop_
_ndb_struct_na_base_pair_step.model_number 
_ndb_struct_na_base_pair_step.i_label_asym_id_1 
_ndb_struct_na_base_pair_step.i_label_comp_id_1 
_ndb_struct_na_base_pair_step.i_label_seq_id_1 
_ndb_struct_na_base_pair_step.i_symmetry_1 
_ndb_struct_na_base_pair_step.j_label_asym_id_1 
_ndb_struct_na_base_pair_step.j_label_comp_id_1 
_ndb_struct_na_base_pair_step.j_label_seq_id_1 
_ndb_struct_na_base_pair_step.j_symmetry_1 
_ndb_struct_na_base_pair_step.i_label_asym_id_2 
_ndb_struct_na_base_pair_step.i_label_comp_id_2 
_ndb_struct_na_base_pair_step.i_label_seq_id_2 
_ndb_struct_na_base_pair_step.i_symmetry_2 
_ndb_struct_na_base_pair_step.j_label_asym_id_2 
_ndb_struct_na_base_pair_step.j_label_comp_id_2 
_ndb_struct_na_base_pair_step.j_label_seq_id_2 
_ndb_struct_na_base_pair_step.j_symmetry_2 
_ndb_struct_na_base_pair_step.shift 
_ndb_struct_na_base_pair_step.slide 
_ndb_struct_na_base_pair_step.rise 
_ndb_struct_na_base_pair_step.tilt 
_ndb_struct_na_base_pair_step.roll 
_ndb_struct_na_base_pair_step.twist 
_ndb_struct_na_base_pair_step.x_displacement 
_ndb_struct_na_base_pair_step.y_displacement 
_ndb_struct_na_base_pair_step.helical_rise 
_ndb_struct_na_base_pair_step.inclination 
_ndb_struct_na_base_pair_step.tip 
_ndb_struct_na_base_pair_step.helical_twist 
_ndb_struct_na_base_pair_step.step_number 
_ndb_struct_na_base_pair_step.step_name 
_ndb_struct_na_base_pair_step.i_auth_asym_id_1 
_ndb_struct_na_base_pair_step.i_auth_seq_id_1 
_ndb_struct_na_base_pair_step.i_PDB_ins_code_1 
_ndb_struct_na_base_pair_step.j_auth_asym_id_1 
_ndb_struct_na_base_pair_step.j_auth_seq_id_1 
_ndb_struct_na_base_pair_step.j_PDB_ins_code_1 
_ndb_struct_na_base_pair_step.i_auth_asym_id_2 
_ndb_struct_na_base_pair_step.i_auth_seq_id_2 
_ndb_struct_na_base_pair_step.i_PDB_ins_code_2 
_ndb_struct_na_base_pair_step.j_auth_asym_id_2 
_ndb_struct_na_base_pair_step.j_auth_seq_id_2 
_ndb_struct_na_base_pair_step.j_PDB_ins_code_2 
1 A G 1  1_555 B C 12 1_555 A G 2  1_555 B C 11 1_555 -1.098 -1.761 3.081 -0.943 7.128  38.542 -3.394 1.536  2.750 10.685 1.414   
39.181 1  AA_G1G2:C11C12_BB A 1  ? B 12 ? A 2  ? B 11 ? 
1 A G 2  1_555 B C 11 1_555 A G 3  1_555 B C 10 1_555 0.518  -1.812 3.605 2.442  10.099 28.587 -5.521 -0.489 2.848 19.650 -4.751  
30.380 2  AA_G2G3:C10C11_BB A 2  ? B 11 ? A 3  ? B 10 ? 
1 A G 3  1_555 B C 10 1_555 A C 4  1_555 B U 9  1_555 -1.529 -1.415 3.226 -2.783 3.355  41.097 -2.360 1.873  3.198 4.762  3.951   
41.318 3  AA_G3C4:U9C10_BB  A 3  ? B 10 ? A 4  ? B 9  ? 
1 A C 4  1_555 B U 9  1_555 A C 5  1_555 B G 8  1_555 1.643  -1.182 2.632 5.007  -1.341 30.624 -1.988 -2.249 2.905 -2.517 -9.396  
31.050 4  AA_C4C5:G8U9_BB   A 4  ? B 9  ? A 5  ? B 8  ? 
1 A C 5  1_555 B G 8  1_555 A C 6  1_555 B G 7  1_555 -0.640 -1.787 3.251 -0.603 12.587 31.264 -4.926 1.017  2.385 22.257 1.066   
33.650 5  AA_C5C6:G7G8_BB   A 5  ? B 8  ? A 6  ? B 7  ? 
1 A C 6  1_555 B G 7  1_555 A G 7  1_555 B C 6  1_555 0.236  -1.606 3.094 -4.034 14.365 26.089 -5.536 -1.139 1.912 29.000 8.143   
29.990 6  AA_C6G7:C6G7_BB   A 6  ? B 7  ? A 7  ? B 6  ? 
1 A G 7  1_555 B C 6  1_555 A G 8  1_555 B C 5  1_555 0.578  -1.428 3.849 8.939  10.689 38.514 -3.388 0.295  3.398 15.596 -13.043 
40.867 7  AA_G7G8:C5C6_BB   A 7  ? B 6  ? A 8  ? B 5  ? 
1 A G 8  1_555 B C 5  1_555 A U 9  1_555 B C 4  1_555 -1.886 -0.898 2.558 -4.667 2.318  30.560 -2.045 2.797  2.735 4.358  8.774   
30.990 8  AA_G8U9:C4C5_BB   A 8  ? B 5  ? A 9  ? B 4  ? 
1 A U 9  1_555 B C 4  1_555 A C 10 1_555 B G 3  1_555 2.011  -1.318 3.087 3.426  5.174  39.418 -2.496 -2.575 3.054 7.613  -5.042  
39.884 9  AA_U9C10:G3C4_BB  A 9  ? B 4  ? A 10 ? B 3  ? 
1 A C 10 1_555 B G 3  1_555 A C 11 1_555 B G 2  1_555 -0.430 -1.617 3.494 -2.015 11.610 31.466 -4.687 0.417  2.762 20.529 3.562   
33.548 10 AA_C10C11:G2G3_BB A 10 ? B 3  ? A 11 ? B 2  ? 
1 A C 11 1_555 B G 2  1_555 A C 12 1_555 B G 1  1_555 0.374  -1.087 3.289 6.374  2.464  34.128 -2.196 0.350  3.220 4.147  -10.728 
34.786 11 AA_C11C12:G1G2_BB A 11 ? B 2  ? A 12 ? B 1  ? 
1 C G 1  1_555 D C 12 1_555 C G 2  1_555 D C 11 1_555 -0.004 -1.848 3.100 -0.199 3.964  28.995 -4.440 -0.032 2.827 7.870  0.396   
29.259 12 CC_G1G2:C11C12_DD C 1  ? D 12 ? C 2  ? D 11 ? 
1 C G 2  1_555 D C 11 1_555 C G 3  1_555 D C 10 1_555 0.608  -1.534 3.330 0.185  11.968 33.202 -4.208 -0.979 2.640 20.147 -0.312  
35.236 13 CC_G2G3:C10C11_DD C 2  ? D 11 ? C 3  ? D 10 ? 
1 C G 3  1_555 D C 10 1_555 C C 4  1_555 D U 9  1_555 -1.395 -1.256 2.621 -0.451 -3.668 35.591 -1.610 2.217  2.750 -5.981 0.735   
35.777 14 CC_G3C4:U9C10_DD  C 3  ? D 10 ? C 4  ? D 9  ? 
1 C C 4  1_555 D U 9  1_555 C C 5  1_555 D G 8  1_555 1.334  -1.339 3.337 7.423  9.752  30.909 -3.994 -1.079 3.020 17.460 -13.291 
33.195 15 CC_C4C5:G8U9_DD   C 4  ? D 9  ? C 5  ? D 8  ? 
1 C C 5  1_555 D G 8  1_555 C C 6  1_555 D G 7  1_555 -0.196 -1.298 3.776 -5.501 12.708 38.508 -3.400 -0.386 3.206 18.553 8.031   
40.833 16 CC_C5C6:G7G8_DD   C 5  ? D 8  ? C 6  ? D 7  ? 
1 C C 6  1_555 D G 7  1_555 C G 7  1_555 D C 6  1_555 -0.094 -1.671 2.729 3.287  12.321 30.014 -4.567 0.590  1.894 22.554 -6.016  
32.554 17 CC_C6G7:C6G7_DD   C 6  ? D 7  ? C 7  ? D 6  ? 
1 C G 7  1_555 D C 6  1_555 C G 8  1_555 D C 5  1_555 0.313  -1.754 3.238 0.117  7.133  30.806 -4.452 -0.554 2.773 13.206 -0.217  
31.601 18 CC_G7G8:C5C6_DD   C 7  ? D 6  ? C 8  ? D 5  ? 
1 C G 8  1_555 D C 5  1_555 C U 9  1_555 D C 4  1_555 -1.511 -1.485 2.967 1.847  4.450  34.960 -3.022 2.730  2.683 7.365  -3.057  
35.280 19 CC_G8U9:C4C5_DD   C 8  ? D 5  ? C 9  ? D 4  ? 
1 C U 9  1_555 D C 4  1_555 C C 10 1_555 D G 3  1_555 1.297  -1.132 3.116 -5.377 6.255  33.905 -2.737 -2.894 2.641 10.534 9.054   
34.865 20 CC_U9C10:G3C4_DD  C 9  ? D 4  ? C 10 ? D 3  ? 
1 C C 10 1_555 D G 3  1_555 C C 11 1_555 D G 2  1_555 -0.004 -1.603 3.129 3.892  1.276  31.487 -3.152 0.684  3.041 2.339  -7.133  
31.745 21 CC_C10C11:G2G3_DD C 10 ? D 3  ? C 11 ? D 2  ? 
1 C C 11 1_555 D G 2  1_555 C C 12 1_555 D G 1  1_555 0.014  -1.743 3.209 2.461  6.071  32.352 -4.032 0.366  2.837 10.758 -4.362  
32.992 22 CC_C11C12:G1G2_DD C 11 ? D 2  ? C 12 ? D 1  ? 
# 
_pdbx_audit_support.funding_organization   'Ministry of Education, Culture, Sports, Science and Technology (Japan)' 
_pdbx_audit_support.country                Japan 
_pdbx_audit_support.grant_number           24245037 
_pdbx_audit_support.ordinal                1 
# 
_pdbx_entity_instance_feature.ordinal        1 
_pdbx_entity_instance_feature.comp_id        AG 
_pdbx_entity_instance_feature.asym_id        ? 
_pdbx_entity_instance_feature.seq_num        ? 
_pdbx_entity_instance_feature.auth_comp_id   AG 
_pdbx_entity_instance_feature.auth_asym_id   ? 
_pdbx_entity_instance_feature.auth_seq_num   ? 
_pdbx_entity_instance_feature.feature_type   'SUBJECT OF INVESTIGATION' 
_pdbx_entity_instance_feature.details        ? 
# 
_atom_sites.entry_id                    7ECP 
_atom_sites.Cartn_transf_matrix[1][1]   ? 
_atom_sites.Cartn_transf_matrix[1][2]   ? 
_atom_sites.Cartn_transf_matrix[1][3]   ? 
_atom_sites.Cartn_transf_matrix[2][1]   ? 
_atom_sites.Cartn_transf_matrix[2][2]   ? 
_atom_sites.Cartn_transf_matrix[2][3]   ? 
_atom_sites.Cartn_transf_matrix[3][1]   ? 
_atom_sites.Cartn_transf_matrix[3][2]   ? 
_atom_sites.Cartn_transf_matrix[3][3]   ? 
_atom_sites.Cartn_transf_vector[1]      ? 
_atom_sites.Cartn_transf_vector[2]      ? 
_atom_sites.Cartn_transf_vector[3]      ? 
_atom_sites.fract_transf_matrix[1][1]   0.00298650 
_atom_sites.fract_transf_matrix[1][2]   0.00976234 
_atom_sites.fract_transf_matrix[1][3]   0.00470266 
_atom_sites.fract_transf_matrix[2][1]   0.00324058 
_atom_sites.fract_transf_matrix[2][2]   0.00385012 
_atom_sites.fract_transf_matrix[2][3]   -0.01005051 
_atom_sites.fract_transf_matrix[3][1]   -0.02760449 
_atom_sites.fract_transf_matrix[3][2]   0.01074877 
_atom_sites.fract_transf_matrix[3][3]   -0.00478289 
_atom_sites.fract_transf_vector[1]      -0.115688 
_atom_sites.fract_transf_vector[2]      -0.264734 
_atom_sites.fract_transf_vector[3]      0.009515 
_atom_sites.solution_primary            ? 
_atom_sites.solution_secondary          ? 
_atom_sites.solution_hydrogens          ? 
_atom_sites.special_details             ? 
# 
loop_
_atom_type.symbol 
AG 
C  
N  
O  
P  
# 
loop_
_atom_site.group_PDB 
_atom_site.id 
_atom_site.type_symbol 
_atom_site.label_atom_id 
_atom_site.label_alt_id 
_atom_site.label_comp_id 
_atom_site.label_asym_id 
_atom_site.label_entity_id 
_atom_site.label_seq_id 
_atom_site.pdbx_PDB_ins_code 
_atom_site.Cartn_x 
_atom_site.Cartn_y 
_atom_site.Cartn_z 
_atom_site.occupancy 
_atom_site.B_iso_or_equiv 
_atom_site.pdbx_formal_charge 
_atom_site.auth_seq_id 
_atom_site.auth_comp_id 
_atom_site.auth_asym_id 
_atom_site.auth_atom_id 
_atom_site.pdbx_PDB_model_num 
ATOM   1    O  "O5'" . G   A 1 1  ? 16.338  -4.780  -7.816  1.00 45.63 ? 1   G   A "O5'" 1 
ATOM   2    C  "C5'" . G   A 1 1  ? 15.943  -6.139  -7.651  1.00 29.25 ? 1   G   A "C5'" 1 
ATOM   3    C  "C4'" . G   A 1 1  ? 15.998  -6.579  -6.207  1.00 11.69 ? 1   G   A "C4'" 1 
ATOM   4    O  "O4'" . G   A 1 1  ? 17.332  -6.373  -5.668  1.00 17.53 ? 1   G   A "O4'" 1 
ATOM   5    C  "C3'" . G   A 1 1  ? 15.095  -5.830  -5.246  1.00 10.12 ? 1   G   A "C3'" 1 
ATOM   6    O  "O3'" . G   A 1 1  ? 13.766  -6.312  -5.279  1.00 17.64 ? 1   G   A "O3'" 1 
ATOM   7    C  "C2'" . G   A 1 1  ? 15.782  -6.061  -3.910  1.00 15.33 ? 1   G   A "C2'" 1 
ATOM   8    O  "O2'" . G   A 1 1  ? 15.550  -7.394  -3.476  1.00 17.82 ? 1   G   A "O2'" 1 
ATOM   9    C  "C1'" . G   A 1 1  ? 17.246  -5.964  -4.319  1.00 18.44 ? 1   G   A "C1'" 1 
ATOM   10   N  N9    . G   A 1 1  ? 17.771  -4.588  -4.217  1.00 17.09 ? 1   G   A N9    1 
ATOM   11   C  C8    . G   A 1 1  ? 18.181  -3.805  -5.271  1.00 14.74 ? 1   G   A C8    1 
ATOM   12   N  N7    . G   A 1 1  ? 18.617  -2.628  -4.904  1.00 17.26 ? 1   G   A N7    1 
ATOM   13   C  C5    . G   A 1 1  ? 18.498  -2.631  -3.519  1.00 15.16 ? 1   G   A C5    1 
ATOM   14   C  C6    . G   A 1 1  ? 18.814  -1.617  -2.566  1.00 18.64 ? 1   G   A C6    1 
ATOM   15   O  O6    . G   A 1 1  ? 19.286  -0.481  -2.731  1.00 18.14 ? 1   G   A O6    1 
ATOM   16   N  N1    . G   A 1 1  ? 18.529  -2.032  -1.275  1.00 17.26 ? 1   G   A N1    1 
ATOM   17   C  C2    . G   A 1 1  ? 18.015  -3.256  -0.957  1.00 13.24 ? 1   G   A C2    1 
ATOM   18   N  N2    . G   A 1 1  ? 17.823  -3.428  0.351   1.00 20.35 ? 1   G   A N2    1 
ATOM   19   N  N3    . G   A 1 1  ? 17.718  -4.221  -1.821  1.00 12.92 ? 1   G   A N3    1 
ATOM   20   C  C4    . G   A 1 1  ? 17.980  -3.839  -3.082  1.00 13.03 ? 1   G   A C4    1 
ATOM   21   P  P     . G   A 1 2  ? 12.507  -5.314  -5.121  1.00 27.26 ? 2   G   A P     1 
ATOM   22   O  OP1   . G   A 1 2  ? 11.343  -6.196  -5.430  1.00 12.53 ? 2   G   A OP1   1 
ATOM   23   O  OP2   . G   A 1 2  ? 12.702  -4.045  -5.893  1.00 10.64 ? 2   G   A OP2   1 
ATOM   24   O  "O5'" . G   A 1 2  ? 12.485  -4.961  -3.561  1.00 15.76 ? 2   G   A "O5'" 1 
ATOM   25   C  "C5'" . G   A 1 2  ? 12.336  -6.007  -2.608  1.00 12.25 ? 2   G   A "C5'" 1 
ATOM   26   C  "C4'" . G   A 1 2  ? 12.309  -5.501  -1.190  1.00 8.76  ? 2   G   A "C4'" 1 
ATOM   27   O  "O4'" . G   A 1 2  ? 13.652  -5.190  -0.735  1.00 15.57 ? 2   G   A "O4'" 1 
ATOM   28   C  "C3'" . G   A 1 2  ? 11.535  -4.225  -0.948  1.00 11.33 ? 2   G   A "C3'" 1 
ATOM   29   O  "O3'" . G   A 1 2  ? 10.134  -4.435  -0.891  1.00 12.78 ? 2   G   A "O3'" 1 
ATOM   30   C  "C2'" . G   A 1 2  ? 12.160  -3.721  0.347   1.00 13.84 ? 2   G   A "C2'" 1 
ATOM   31   O  "O2'" . G   A 1 2  ? 11.749  -4.509  1.453   1.00 10.92 ? 2   G   A "O2'" 1 
ATOM   32   C  "C1'" . G   A 1 2  ? 13.623  -4.051  0.097   1.00 14.16 ? 2   G   A "C1'" 1 
ATOM   33   N  N9    . G   A 1 2  ? 14.343  -2.957  -0.596  1.00 15.37 ? 2   G   A N9    1 
ATOM   34   C  C8    . G   A 1 2  ? 14.670  -2.934  -1.932  1.00 13.68 ? 2   G   A C8    1 
ATOM   35   N  N7    . G   A 1 2  ? 15.322  -1.859  -2.285  1.00 12.96 ? 2   G   A N7    1 
ATOM   36   C  C5    . G   A 1 2  ? 15.444  -1.124  -1.128  1.00 10.23 ? 2   G   A C5    1 
ATOM   37   C  C6    . G   A 1 2  ? 16.059  0.135   -0.927  1.00 14.30 ? 2   G   A C6    1 
ATOM   38   O  O6    . G   A 1 2  ? 16.630  0.847   -1.764  1.00 11.80 ? 2   G   A O6    1 
ATOM   39   N  N1    . G   A 1 2  ? 15.955  0.545   0.398   1.00 12.84 ? 2   G   A N1    1 
ATOM   40   C  C2    . G   A 1 2  ? 15.338  -0.180  1.386   1.00 14.58 ? 2   G   A C2    1 
ATOM   41   N  N2    . G   A 1 2  ? 15.342  0.365   2.605   1.00 17.10 ? 2   G   A N2    1 
ATOM   42   N  N3    . G   A 1 2  ? 14.757  -1.357  1.208   1.00 15.79 ? 2   G   A N3    1 
ATOM   43   C  C4    . G   A 1 2  ? 14.850  -1.779  -0.071  1.00 13.34 ? 2   G   A C4    1 
ATOM   44   P  P     . G   A 1 3  ? 9.111   -3.330  -1.467  1.00 27.59 ? 3   G   A P     1 
ATOM   45   O  OP1   . G   A 1 3  ? 7.754   -3.914  -1.337  1.00 16.64 ? 3   G   A OP1   1 
ATOM   46   O  OP2   . G   A 1 3  ? 9.534   -2.855  -2.815  1.00 18.19 ? 3   G   A OP2   1 
ATOM   47   O  "O5'" . G   A 1 3  ? 9.246   -2.120  -0.428  1.00 21.93 ? 3   G   A "O5'" 1 
ATOM   48   C  "C5'" . G   A 1 3  ? 8.924   -2.306  0.947   1.00 16.23 ? 3   G   A "C5'" 1 
ATOM   49   C  "C4'" . G   A 1 3  ? 9.429   -1.185  1.830   1.00 14.72 ? 3   G   A "C4'" 1 
ATOM   50   O  "O4'" . G   A 1 3  ? 10.876  -1.049  1.728   1.00 15.40 ? 3   G   A "O4'" 1 
ATOM   51   C  "C3'" . G   A 1 3  ? 8.928   0.206   1.515   1.00 15.91 ? 3   G   A "C3'" 1 
ATOM   52   O  "O3'" . G   A 1 3  ? 7.587   0.436   1.913   1.00 16.82 ? 3   G   A "O3'" 1 
ATOM   53   C  "C2'" . G   A 1 3  ? 9.961   1.078   2.218   1.00 10.27 ? 3   G   A "C2'" 1 
ATOM   54   O  "O2'" . G   A 1 3  ? 9.763   1.024   3.611   1.00 13.16 ? 3   G   A "O2'" 1 
ATOM   55   C  "C1'" . G   A 1 3  ? 11.244  0.305   1.926   1.00 13.15 ? 3   G   A "C1'" 1 
ATOM   56   N  N9    . G   A 1 3  ? 11.939  0.800   0.715   1.00 14.72 ? 3   G   A N9    1 
ATOM   57   C  C8    . G   A 1 3  ? 12.056  0.114   -0.468  1.00 13.54 ? 3   G   A C8    1 
ATOM   58   N  N7    . G   A 1 3  ? 12.712  0.754   -1.392  1.00 9.53  ? 3   G   A N7    1 
ATOM   59   C  C5    . G   A 1 3  ? 13.057  1.943   -0.789  1.00 9.68  ? 3   G   A C5    1 
ATOM   60   C  C6    . G   A 1 3  ? 13.781  3.030   -1.334  1.00 11.65 ? 3   G   A C6    1 
ATOM   61   O  O6    . G   A 1 3  ? 14.262  3.129   -2.474  1.00 12.42 ? 3   G   A O6    1 
ATOM   62   N  N1    . G   A 1 3  ? 13.920  4.062   -0.422  1.00 7.38  ? 3   G   A N1    1 
ATOM   63   C  C2    . G   A 1 3  ? 13.419  4.030   0.843   1.00 11.07 ? 3   G   A C2    1 
ATOM   64   N  N2    . G   A 1 3  ? 13.660  5.131   1.549   1.00 11.45 ? 3   G   A N2    1 
ATOM   65   N  N3    . G   A 1 3  ? 12.743  3.018   1.378   1.00 15.06 ? 3   G   A N3    1 
ATOM   66   C  C4    . G   A 1 3  ? 12.594  1.999   0.506   1.00 11.52 ? 3   G   A C4    1 
ATOM   67   P  P     . C   A 1 4  ? 6.695   1.518   1.114   1.00 24.05 ? 4   C   A P     1 
ATOM   68   O  OP1   . C   A 1 4  ? 5.298   1.383   1.603   1.00 9.48  ? 4   C   A OP1   1 
ATOM   69   O  OP2   . C   A 1 4  ? 7.024   1.465   -0.341  1.00 8.68  ? 4   C   A OP2   1 
ATOM   70   O  "O5'" . C   A 1 4  ? 7.234   2.918   1.641   1.00 13.45 ? 4   C   A "O5'" 1 
ATOM   71   C  "C5'" . C   A 1 4  ? 7.225   3.214   3.029   1.00 9.22  ? 4   C   A "C5'" 1 
ATOM   72   C  "C4'" . C   A 1 4  ? 7.919   4.521   3.296   1.00 14.20 ? 4   C   A "C4'" 1 
ATOM   73   O  "O4'" . C   A 1 4  ? 9.308   4.414   2.892   1.00 16.74 ? 4   C   A "O4'" 1 
ATOM   74   C  "C3'" . C   A 1 4  ? 7.406   5.710   2.502   1.00 14.60 ? 4   C   A "C3'" 1 
ATOM   75   O  "O3'" . C   A 1 4  ? 6.230   6.292   3.039   1.00 16.23 ? 4   C   A "O3'" 1 
ATOM   76   C  "C2'" . C   A 1 4  ? 8.603   6.641   2.500   1.00 12.45 ? 4   C   A "C2'" 1 
ATOM   77   O  "O2'" . C   A 1 4  ? 8.728   7.258   3.769   1.00 22.23 ? 4   C   A "O2'" 1 
ATOM   78   C  "C1'" . C   A 1 4  ? 9.750   5.644   2.356   1.00 13.43 ? 4   C   A "C1'" 1 
ATOM   79   N  N1    . C   A 1 4  ? 10.169  5.433   0.946   1.00 10.03 ? 4   C   A N1    1 
ATOM   80   C  C2    . C   A 1 4  ? 10.903  6.420   0.282   1.00 13.06 ? 4   C   A C2    1 
ATOM   81   O  O2    . C   A 1 4  ? 11.178  7.474   0.863   1.00 19.07 ? 4   C   A O2    1 
ATOM   82   N  N3    . C   A 1 4  ? 11.300  6.232   -0.997  1.00 18.05 ? 4   C   A N3    1 
ATOM   83   C  C4    . C   A 1 4  ? 11.008  5.111   -1.646  1.00 14.16 ? 4   C   A C4    1 
ATOM   84   N  N4    . C   A 1 4  ? 11.441  5.000   -2.913  1.00 7.93  ? 4   C   A N4    1 
ATOM   85   C  C5    . C   A 1 4  ? 10.265  4.077   -0.992  1.00 12.44 ? 4   C   A C5    1 
ATOM   86   C  C6    . C   A 1 4  ? 9.875   4.275   0.282   1.00 10.55 ? 4   C   A C6    1 
ATOM   87   P  P     . C   A 1 5  ? 5.121   6.866   2.029   1.00 16.63 ? 5   C   A P     1 
ATOM   88   O  OP1   . C   A 1 5  ? 3.931   7.346   2.779   1.00 12.33 ? 5   C   A OP1   1 
ATOM   89   O  OP2   . C   A 1 5  ? 4.963   5.814   1.011   1.00 14.40 ? 5   C   A OP2   1 
ATOM   90   O  "O5'" . C   A 1 5  ? 5.845   8.100   1.303   1.00 20.71 ? 5   C   A "O5'" 1 
ATOM   91   C  "C5'" . C   A 1 5  ? 6.066   9.338   1.977   1.00 9.40  ? 5   C   A "C5'" 1 
ATOM   92   C  "C4'" . C   A 1 5  ? 7.115   10.188  1.295   1.00 6.26  ? 5   C   A "C4'" 1 
ATOM   93   O  "O4'" . C   A 1 5  ? 8.278   9.377   0.989   1.00 12.61 ? 5   C   A "O4'" 1 
ATOM   94   C  "C3'" . C   A 1 5  ? 6.744   10.817  -0.043  1.00 11.54 ? 5   C   A "C3'" 1 
ATOM   95   O  "O3'" . C   A 1 5  ? 5.976   12.001  0.087   1.00 15.91 ? 5   C   A "O3'" 1 
ATOM   96   C  "C2'" . C   A 1 5  ? 8.112   11.066  -0.673  1.00 21.24 ? 5   C   A "C2'" 1 
ATOM   97   O  "O2'" . C   A 1 5  ? 8.731   12.220  -0.107  1.00 20.01 ? 5   C   A "O2'" 1 
ATOM   98   C  "C1'" . C   A 1 5  ? 8.886   9.830   -0.210  1.00 17.17 ? 5   C   A "C1'" 1 
ATOM   99   N  N1    . C   A 1 5  ? 8.835   8.756   -1.234  1.00 13.38 ? 5   C   A N1    1 
ATOM   100  C  C2    . C   A 1 5  ? 9.733   8.789   -2.318  1.00 10.69 ? 5   C   A C2    1 
ATOM   101  O  O2    . C   A 1 5  ? 10.589  9.676   -2.409  1.00 7.91  ? 5   C   A O2    1 
ATOM   102  N  N3    . C   A 1 5  ? 9.662   7.819   -3.252  1.00 12.16 ? 5   C   A N3    1 
ATOM   103  C  C4    . C   A 1 5  ? 8.727   6.866   -3.137  1.00 12.08 ? 5   C   A C4    1 
ATOM   104  N  N4    . C   A 1 5  ? 8.680   5.936   -4.089  1.00 15.86 ? 5   C   A N4    1 
ATOM   105  C  C5    . C   A 1 5  ? 7.796   6.804   -2.061  1.00 7.19  ? 5   C   A C5    1 
ATOM   106  C  C6    . C   A 1 5  ? 7.887   7.764   -1.145  1.00 10.41 ? 5   C   A C6    1 
ATOM   107  P  P     . C   A 1 6  ? 4.778   12.340  -0.933  1.00 15.89 ? 6   C   A P     1 
ATOM   108  O  OP1   . C   A 1 6  ? 3.879   13.320  -0.259  1.00 17.40 ? 6   C   A OP1   1 
ATOM   109  O  OP2   . C   A 1 6  ? 4.217   11.067  -1.451  1.00 17.42 ? 6   C   A OP2   1 
ATOM   110  O  "O5'" . C   A 1 6  ? 5.492   13.061  -2.152  1.00 12.35 ? 6   C   A "O5'" 1 
ATOM   111  C  "C5'" . C   A 1 6  ? 6.497   14.030  -1.931  1.00 7.64  ? 6   C   A "C5'" 1 
ATOM   112  C  "C4'" . C   A 1 6  ? 7.274   14.297  -3.193  1.00 10.57 ? 6   C   A "C4'" 1 
ATOM   113  O  "O4'" . C   A 1 6  ? 8.279   13.280  -3.388  1.00 12.35 ? 6   C   A "O4'" 1 
ATOM   114  C  "C3'" . C   A 1 6  ? 6.488   14.278  -4.493  1.00 11.09 ? 6   C   A "C3'" 1 
ATOM   115  O  "O3'" . C   A 1 6  ? 5.748   15.464  -4.703  1.00 10.33 ? 6   C   A "O3'" 1 
ATOM   116  C  "C2'" . C   A 1 6  ? 7.582   14.051  -5.525  1.00 14.42 ? 6   C   A "C2'" 1 
ATOM   117  O  "O2'" . C   A 1 6  ? 8.307   15.250  -5.767  1.00 24.42 ? 6   C   A "O2'" 1 
ATOM   118  C  "C1'" . C   A 1 6  ? 8.505   13.094  -4.774  1.00 16.30 ? 6   C   A "C1'" 1 
ATOM   119  N  N1    . C   A 1 6  ? 8.228   11.687  -5.126  1.00 15.09 ? 6   C   A N1    1 
ATOM   120  C  C2    . C   A 1 6  ? 8.818   11.169  -6.281  1.00 9.13  ? 6   C   A C2    1 
ATOM   121  O  O2    . C   A 1 6  ? 9.553   11.907  -6.940  1.00 9.49  ? 6   C   A O2    1 
ATOM   122  N  N3    . C   A 1 6  ? 8.583   9.891   -6.633  1.00 6.25  ? 6   C   A N3    1 
ATOM   123  C  C4    . C   A 1 6  ? 7.785   9.175   -5.849  1.00 7.69  ? 6   C   A C4    1 
ATOM   124  N  N4    . C   A 1 6  ? 7.538   7.927   -6.180  1.00 15.43 ? 6   C   A N4    1 
ATOM   125  C  C5    . C   A 1 6  ? 7.172   9.670   -4.672  1.00 10.83 ? 6   C   A C5    1 
ATOM   126  C  C6    . C   A 1 6  ? 7.415   10.933  -4.336  1.00 10.95 ? 6   C   A C6    1 
ATOM   127  P  P     . G   A 1 7  ? 4.310   15.411  -5.403  1.00 8.61  ? 7   G   A P     1 
ATOM   128  O  OP1   . G   A 1 7  ? 3.685   16.740  -5.182  1.00 12.09 ? 7   G   A OP1   1 
ATOM   129  O  OP2   . G   A 1 7  ? 3.562   14.175  -5.045  1.00 10.80 ? 7   G   A OP2   1 
ATOM   130  O  "O5'" . G   A 1 7  ? 4.663   15.229  -6.935  1.00 11.86 ? 7   G   A "O5'" 1 
ATOM   131  C  "C5'" . G   A 1 7  ? 5.224   16.285  -7.681  1.00 10.92 ? 7   G   A "C5'" 1 
ATOM   132  C  "C4'" . G   A 1 7  ? 5.798   15.759  -8.962  1.00 16.49 ? 7   G   A "C4'" 1 
ATOM   133  O  "O4'" . G   A 1 7  ? 6.750   14.703  -8.678  1.00 23.69 ? 7   G   A "O4'" 1 
ATOM   134  C  "C3'" . G   A 1 7  ? 4.820   15.097  -9.906  1.00 13.25 ? 7   G   A "C3'" 1 
ATOM   135  O  "O3'" . G   A 1 7  ? 4.043   16.040  -10.622 1.00 22.25 ? 7   G   A "O3'" 1 
ATOM   136  C  "C2'" . G   A 1 7  ? 5.752   14.275  -10.780 1.00 16.47 ? 7   G   A "C2'" 1 
ATOM   137  O  "O2'" . G   A 1 7  ? 6.454   15.119  -11.677 1.00 18.72 ? 7   G   A "O2'" 1 
ATOM   138  C  "C1'" . G   A 1 7  ? 6.759   13.782  -9.747  1.00 17.51 ? 7   G   A "C1'" 1 
ATOM   139  N  N9    . G   A 1 7  ? 6.405   12.444  -9.250  1.00 19.29 ? 7   G   A N9    1 
ATOM   140  C  C8    . G   A 1 7  ? 5.906   12.069  -8.019  1.00 19.22 ? 7   G   A C8    1 
ATOM   141  N  N7    . G   A 1 7  ? 5.697   10.775  -7.935  1.00 15.93 ? 7   G   A N7    1 
ATOM   142  C  C5    . G   A 1 7  ? 6.091   10.286  -9.183  1.00 14.96 ? 7   G   A C5    1 
ATOM   143  C  C6    . G   A 1 7  ? 6.094   8.964   -9.694  1.00 13.79 ? 7   G   A C6    1 
ATOM   144  O  O6    . G   A 1 7  ? 5.736   7.942   -9.091  1.00 11.38 ? 7   G   A O6    1 
ATOM   145  N  N1    . G   A 1 7  ? 6.571   8.919   -11.016 1.00 15.98 ? 7   G   A N1    1 
ATOM   146  C  C2    . G   A 1 7  ? 6.996   10.019  -11.737 1.00 14.97 ? 7   G   A C2    1 
ATOM   147  N  N2    . G   A 1 7  ? 7.428   9.821   -12.982 1.00 10.56 ? 7   G   A N2    1 
ATOM   148  N  N3    . G   A 1 7  ? 6.996   11.252  -11.270 1.00 15.53 ? 7   G   A N3    1 
ATOM   149  C  C4    . G   A 1 7  ? 6.531   11.304  -10.001 1.00 14.78 ? 7   G   A C4    1 
ATOM   150  P  P     . G   A 1 8  ? 2.500   15.754  -10.955 1.00 15.99 ? 8   G   A P     1 
ATOM   151  O  OP1   . G   A 1 8  ? 1.932   17.023  -11.518 1.00 16.07 ? 8   G   A OP1   1 
ATOM   152  O  OP2   . G   A 1 8  ? 1.829   15.123  -9.806  1.00 11.17 ? 8   G   A OP2   1 
ATOM   153  O  "O5'" . G   A 1 8  ? 2.614   14.682  -12.120 1.00 18.02 ? 8   G   A "O5'" 1 
ATOM   154  C  "C5'" . G   A 1 8  ? 3.383   14.999  -13.267 1.00 14.38 ? 8   G   A "C5'" 1 
ATOM   155  C  "C4'" . G   A 1 8  ? 3.636   13.792  -14.128 1.00 16.83 ? 8   G   A "C4'" 1 
ATOM   156  O  "O4'" . G   A 1 8  ? 4.437   12.824  -13.407 1.00 14.79 ? 8   G   A "O4'" 1 
ATOM   157  C  "C3'" . G   A 1 8  ? 2.419   13.002  -14.561 1.00 15.21 ? 8   G   A "C3'" 1 
ATOM   158  O  "O3'" . G   A 1 8  ? 1.717   13.618  -15.625 1.00 10.31 ? 8   G   A "O3'" 1 
ATOM   159  C  "C2'" . G   A 1 8  ? 3.018   11.641  -14.905 1.00 21.76 ? 8   G   A "C2'" 1 
ATOM   160  O  "O2'" . G   A 1 8  ? 3.638   11.655  -16.180 1.00 20.08 ? 8   G   A "O2'" 1 
ATOM   161  C  "C1'" . G   A 1 8  ? 4.117   11.517  -13.840 1.00 26.07 ? 8   G   A "C1'" 1 
ATOM   162  N  N9    . G   A 1 8  ? 3.657   10.735  -12.680 1.00 18.45 ? 8   G   A N9    1 
ATOM   163  C  C8    . G   A 1 8  ? 3.170   11.281  -11.529 1.00 13.93 ? 8   G   A C8    1 
ATOM   164  N  N7    . G   A 1 8  ? 2.807   10.379  -10.676 1.00 16.08 ? 8   G   A N7    1 
ATOM   165  C  C5    . G   A 1 8  ? 3.064   9.172   -11.300 1.00 13.97 ? 8   G   A C5    1 
ATOM   166  C  C6    . G   A 1 8  ? 2.853   7.857   -10.817 1.00 16.96 ? 8   G   A C6    1 
ATOM   167  O  O6    . G   A 1 8  ? 2.387   7.519   -9.711  1.00 21.29 ? 8   G   A O6    1 
ATOM   168  N  N1    . G   A 1 8  ? 3.236   6.906   -11.763 1.00 14.67 ? 8   G   A N1    1 
ATOM   169  C  C2    . G   A 1 8  ? 3.757   7.198   -12.994 1.00 13.81 ? 8   G   A C2    1 
ATOM   170  N  N2    . G   A 1 8  ? 4.058   6.123   -13.725 1.00 14.72 ? 8   G   A N2    1 
ATOM   171  N  N3    . G   A 1 8  ? 3.975   8.426   -13.453 1.00 13.00 ? 8   G   A N3    1 
ATOM   172  C  C4    . G   A 1 8  ? 3.598   9.362   -12.551 1.00 15.06 ? 8   G   A C4    1 
ATOM   173  P  P     . U   A 1 9  ? 0.112   13.524  -15.678 1.00 19.85 ? 9   U   A P     1 
ATOM   174  O  OP1   . U   A 1 9  ? -0.360  14.555  -16.627 1.00 16.01 ? 9   U   A OP1   1 
ATOM   175  O  OP2   . U   A 1 9  ? -0.429  13.413  -14.296 1.00 14.24 ? 9   U   A OP2   1 
ATOM   176  O  "O5'" . U   A 1 9  ? -0.181  12.146  -16.416 1.00 16.80 ? 9   U   A "O5'" 1 
ATOM   177  C  "C5'" . U   A 1 9  ? 0.218   11.967  -17.759 1.00 10.21 ? 9   U   A "C5'" 1 
ATOM   178  C  "C4'" . U   A 1 9  ? 0.388   10.514  -18.108 1.00 11.37 ? 9   U   A "C4'" 1 
ATOM   179  O  "O4'" . U   A 1 9  ? 1.251   9.860   -17.149 1.00 21.27 ? 9   U   A "O4'" 1 
ATOM   180  C  "C3'" . U   A 1 9  ? -0.862  9.658   -18.098 1.00 12.55 ? 9   U   A "C3'" 1 
ATOM   181  O  "O3'" . U   A 1 9  ? -1.662  9.847   -19.253 1.00 11.25 ? 9   U   A "O3'" 1 
ATOM   182  C  "C2'" . U   A 1 9  ? -0.286  8.253   -17.984 1.00 9.14  ? 9   U   A "C2'" 1 
ATOM   183  O  "O2'" . U   A 1 9  ? 0.210   7.828   -19.240 1.00 8.14  ? 9   U   A "O2'" 1 
ATOM   184  C  "C1'" . U   A 1 9  ? 0.914   8.489   -17.071 1.00 14.97 ? 9   U   A "C1'" 1 
ATOM   185  N  N1    . U   A 1 9  ? 0.655   8.131   -15.660 1.00 13.32 ? 9   U   A N1    1 
ATOM   186  C  C2    . U   A 1 9  ? 0.774   6.810   -15.285 1.00 11.31 ? 9   U   A C2    1 
ATOM   187  O  O2    . U   A 1 9  ? 1.055   5.926   -16.074 1.00 10.92 ? 9   U   A O2    1 
ATOM   188  N  N3    . U   A 1 9  ? 0.544   6.573   -13.952 1.00 13.08 ? 9   U   A N3    1 
ATOM   189  C  C4    . U   A 1 9  ? 0.221   7.502   -12.983 1.00 12.24 ? 9   U   A C4    1 
ATOM   190  O  O4    . U   A 1 9  ? 0.023   7.163   -11.821 1.00 13.35 ? 9   U   A O4    1 
ATOM   191  C  C5    . U   A 1 9  ? 0.134   8.839   -13.456 1.00 16.49 ? 9   U   A C5    1 
ATOM   192  C  C6    . U   A 1 9  ? 0.350   9.103   -14.746 1.00 16.89 ? 9   U   A C6    1 
ATOM   193  P  P     . C   A 1 10 ? -3.262  9.856   -19.135 1.00 13.89 ? 10  C   A P     1 
ATOM   194  O  OP1   . C   A 1 10 ? -3.787  10.059  -20.506 1.00 24.67 ? 10  C   A OP1   1 
ATOM   195  O  OP2   . C   A 1 10 ? -3.656  10.740  -18.001 1.00 9.43  ? 10  C   A OP2   1 
ATOM   196  O  "O5'" . C   A 1 10 ? -3.636  8.363   -18.718 1.00 17.82 ? 10  C   A "O5'" 1 
ATOM   197  C  "C5'" . C   A 1 10 ? -3.319  7.268   -19.567 1.00 9.22  ? 10  C   A "C5'" 1 
ATOM   198  C  "C4'" . C   A 1 10 ? -3.356  5.946   -18.838 1.00 9.87  ? 10  C   A "C4'" 1 
ATOM   199  O  "O4'" . C   A 1 10 ? -2.376  5.948   -17.779 1.00 6.78  ? 10  C   A "O4'" 1 
ATOM   200  C  "C3'" . C   A 1 10 ? -4.662  5.582   -18.136 1.00 13.42 ? 10  C   A "C3'" 1 
ATOM   201  O  "O3'" . C   A 1 10 ? -5.622  5.012   -19.004 1.00 10.47 ? 10  C   A "O3'" 1 
ATOM   202  C  "C2'" . C   A 1 10 ? -4.205  4.604   -17.072 1.00 12.11 ? 10  C   A "C2'" 1 
ATOM   203  O  "O2'" . C   A 1 10 ? -4.004  3.327   -17.662 1.00 17.30 ? 10  C   A "O2'" 1 
ATOM   204  C  "C1'" . C   A 1 10 ? -2.847  5.184   -16.684 1.00 12.65 ? 10  C   A "C1'" 1 
ATOM   205  N  N1    . C   A 1 10 ? -2.922  6.058   -15.494 1.00 10.57 ? 10  C   A N1    1 
ATOM   206  C  C2    . C   A 1 10 ? -2.796  5.520   -14.210 1.00 6.97  ? 10  C   A C2    1 
ATOM   207  O  O2    . C   A 1 10 ? -2.638  4.309   -14.100 1.00 6.35  ? 10  C   A O2    1 
ATOM   208  N  N3    . C   A 1 10 ? -2.855  6.331   -13.134 1.00 6.28  ? 10  C   A N3    1 
ATOM   209  C  C4    . C   A 1 10 ? -3.030  7.642   -13.335 1.00 8.74  ? 10  C   A C4    1 
ATOM   210  N  N4    . C   A 1 10 ? -3.083  8.478   -12.301 1.00 7.42  ? 10  C   A N4    1 
ATOM   211  C  C5    . C   A 1 10 ? -3.147  8.209   -14.631 1.00 13.81 ? 10  C   A C5    1 
ATOM   212  C  C6    . C   A 1 10 ? -3.089  7.394   -15.676 1.00 11.62 ? 10  C   A C6    1 
ATOM   213  P  P     . C   A 1 11 ? -7.171  5.014   -18.592 1.00 17.68 ? 11  C   A P     1 
ATOM   214  O  OP1   . C   A 1 11 ? -7.942  4.486   -19.758 1.00 15.42 ? 11  C   A OP1   1 
ATOM   215  O  OP2   . C   A 1 11 ? -7.473  6.332   -17.967 1.00 11.17 ? 11  C   A OP2   1 
ATOM   216  O  "O5'" . C   A 1 11 ? -7.276  3.990   -17.382 1.00 12.69 ? 11  C   A "O5'" 1 
ATOM   217  C  "C5'" . C   A 1 11 ? -7.117  2.598   -17.575 1.00 14.82 ? 11  C   A "C5'" 1 
ATOM   218  C  "C4'" . C   A 1 11 ? -7.382  1.856   -16.291 1.00 22.01 ? 11  C   A "C4'" 1 
ATOM   219  O  "O4'" . C   A 1 11 ? -6.330  2.131   -15.330 1.00 14.40 ? 11  C   A "O4'" 1 
ATOM   220  C  "C3'" . C   A 1 11 ? -8.655  2.241   -15.553 1.00 19.93 ? 11  C   A "C3'" 1 
ATOM   221  O  "O3'" . C   A 1 11 ? -9.803  1.605   -16.088 1.00 30.28 ? 11  C   A "O3'" 1 
ATOM   222  C  "C2'" . C   A 1 11 ? -8.343  1.800   -14.136 1.00 11.50 ? 11  C   A "C2'" 1 
ATOM   223  O  "O2'" . C   A 1 11 ? -8.427  0.385   -14.067 1.00 16.99 ? 11  C   A "O2'" 1 
ATOM   224  C  "C1'" . C   A 1 11 ? -6.873  2.175   -14.029 1.00 11.12 ? 11  C   A "C1'" 1 
ATOM   225  N  N1    . C   A 1 11 ? -6.670  3.531   -13.484 1.00 9.13  ? 11  C   A N1    1 
ATOM   226  C  C2    . C   A 1 11 ? -6.729  3.721   -12.104 1.00 8.81  ? 11  C   A C2    1 
ATOM   227  O  O2    . C   A 1 11 ? -6.982  2.741   -11.405 1.00 16.33 ? 11  C   A O2    1 
ATOM   228  N  N3    . C   A 1 11 ? -6.521  4.947   -11.576 1.00 6.94  ? 11  C   A N3    1 
ATOM   229  C  C4    . C   A 1 11 ? -6.252  5.970   -12.401 1.00 14.31 ? 11  C   A C4    1 
ATOM   230  N  N4    . C   A 1 11 ? -6.050  7.191   -11.889 1.00 11.55 ? 11  C   A N4    1 
ATOM   231  C  C5    . C   A 1 11 ? -6.168  5.801   -13.820 1.00 14.95 ? 11  C   A C5    1 
ATOM   232  C  C6    . C   A 1 11 ? -6.378  4.573   -14.315 1.00 12.35 ? 11  C   A C6    1 
ATOM   233  P  P     . C   A 1 12 ? -11.251 2.300   -15.989 1.00 13.98 ? 12  C   A P     1 
ATOM   234  O  OP1   . C   A 1 12 ? -12.124 1.441   -16.815 1.00 18.19 ? 12  C   A OP1   1 
ATOM   235  O  OP2   . C   A 1 12 ? -11.145 3.759   -16.280 1.00 14.08 ? 12  C   A OP2   1 
ATOM   236  O  "O5'" . C   A 1 12 ? -11.671 2.149   -14.455 1.00 16.33 ? 12  C   A "O5'" 1 
ATOM   237  C  "C5'" . C   A 1 12 ? -11.672 0.882   -13.816 1.00 13.89 ? 12  C   A "C5'" 1 
ATOM   238  C  "C4'" . C   A 1 12 ? -11.716 1.021   -12.315 1.00 10.28 ? 12  C   A "C4'" 1 
ATOM   239  O  "O4'" . C   A 1 12 ? -10.532 1.718   -11.864 1.00 11.18 ? 12  C   A "O4'" 1 
ATOM   240  C  "C3'" . C   A 1 12 ? -12.866 1.846   -11.741 1.00 23.23 ? 12  C   A "C3'" 1 
ATOM   241  O  "O3'" . C   A 1 12 ? -14.102 1.138   -11.653 1.00 7.03  ? 12  C   A "O3'" 1 
ATOM   242  C  "C2'" . C   A 1 12 ? -12.309 2.279   -10.390 1.00 18.84 ? 12  C   A "C2'" 1 
ATOM   243  O  "O2'" . C   A 1 12 ? -12.391 1.207   -9.461  1.00 9.83  ? 12  C   A "O2'" 1 
ATOM   244  C  "C1'" . C   A 1 12 ? -10.834 2.500   -10.729 1.00 13.86 ? 12  C   A "C1'" 1 
ATOM   245  N  N1    . C   A 1 12 ? -10.503 3.910   -11.042 1.00 14.77 ? 12  C   A N1    1 
ATOM   246  C  C2    . C   A 1 12 ? -10.161 4.789   -10.009 1.00 14.35 ? 12  C   A C2    1 
ATOM   247  O  O2    . C   A 1 12 ? -10.181 4.352   -8.857  1.00 17.00 ? 12  C   A O2    1 
ATOM   248  N  N3    . C   A 1 12 ? -9.825  6.076   -10.277 1.00 11.17 ? 12  C   A N3    1 
ATOM   249  C  C4    . C   A 1 12 ? -9.814  6.487   -11.540 1.00 11.02 ? 12  C   A C4    1 
ATOM   250  N  N4    . C   A 1 12 ? -9.485  7.749   -11.793 1.00 9.41  ? 12  C   A N4    1 
ATOM   251  C  C5    . C   A 1 12 ? -10.153 5.618   -12.615 1.00 14.98 ? 12  C   A C5    1 
ATOM   252  C  C6    . C   A 1 12 ? -10.481 4.350   -12.332 1.00 14.36 ? 12  C   A C6    1 
ATOM   253  O  "O5'" . G   B 1 1  ? -6.501  12.754  -3.532  1.00 25.49 ? 1   G   B "O5'" 1 
ATOM   254  C  "C5'" . G   B 1 1  ? -6.996  12.608  -2.209  1.00 23.60 ? 1   G   B "C5'" 1 
ATOM   255  C  "C4'" . G   B 1 1  ? -7.641  11.263  -2.017  1.00 26.46 ? 1   G   B "C4'" 1 
ATOM   256  O  "O4'" . G   B 1 1  ? -8.801  11.124  -2.882  1.00 19.15 ? 1   G   B "O4'" 1 
ATOM   257  C  "C3'" . G   B 1 1  ? -6.758  10.072  -2.361  1.00 9.44  ? 1   G   B "C3'" 1 
ATOM   258  O  "O3'" . G   B 1 1  ? -5.958  9.731   -1.262  1.00 6.25  ? 1   G   B "O3'" 1 
ATOM   259  C  "C2'" . G   B 1 1  ? -7.769  8.986   -2.705  1.00 15.39 ? 1   G   B "C2'" 1 
ATOM   260  O  "O2'" . G   B 1 1  ? -8.282  8.374   -1.530  1.00 9.56  ? 1   G   B "O2'" 1 
ATOM   261  C  "C1'" . G   B 1 1  ? -8.882  9.796   -3.366  1.00 20.06 ? 1   G   B "C1'" 1 
ATOM   262  N  N9    . G   B 1 1  ? -8.732  9.835   -4.829  1.00 14.61 ? 1   G   B N9    1 
ATOM   263  C  C8    . G   B 1 1  ? -8.225  10.886  -5.550  1.00 14.86 ? 1   G   B C8    1 
ATOM   264  N  N7    . G   B 1 1  ? -8.218  10.665  -6.834  1.00 15.98 ? 1   G   B N7    1 
ATOM   265  C  C5    . G   B 1 1  ? -8.751  9.390   -6.965  1.00 13.43 ? 1   G   B C5    1 
ATOM   266  C  C6    . G   B 1 1  ? -8.988  8.630   -8.140  1.00 16.79 ? 1   G   B C6    1 
ATOM   267  O  O6    . G   B 1 1  ? -8.777  8.925   -9.328  1.00 17.78 ? 1   G   B O6    1 
ATOM   268  N  N1    . G   B 1 1  ? -9.536  7.398   -7.822  1.00 15.83 ? 1   G   B N1    1 
ATOM   269  C  C2    . G   B 1 1  ? -9.820  6.970   -6.553  1.00 14.04 ? 1   G   B C2    1 
ATOM   270  N  N2    . G   B 1 1  ? -10.357 5.748   -6.518  1.00 17.20 ? 1   G   B N2    1 
ATOM   271  N  N3    . G   B 1 1  ? -9.611  7.663   -5.436  1.00 10.87 ? 1   G   B N3    1 
ATOM   272  C  C4    . G   B 1 1  ? -9.076  8.861   -5.730  1.00 13.23 ? 1   G   B C4    1 
ATOM   273  P  P     . G   B 1 2  ? -4.509  9.099   -1.432  1.00 22.50 ? 2   G   B P     1 
ATOM   274  O  OP1   . G   B 1 2  ? -3.993  9.001   -0.038  1.00 21.89 ? 2   G   B OP1   1 
ATOM   275  O  OP2   . G   B 1 2  ? -3.764  9.888   -2.465  1.00 15.33 ? 2   G   B OP2   1 
ATOM   276  O  "O5'" . G   B 1 2  ? -4.787  7.583   -1.850  1.00 15.86 ? 2   G   B "O5'" 1 
ATOM   277  C  "C5'" . G   B 1 2  ? -5.524  6.742   -0.978  1.00 16.88 ? 2   G   B "C5'" 1 
ATOM   278  C  "C4'" . G   B 1 2  ? -5.972  5.483   -1.664  1.00 13.51 ? 2   G   B "C4'" 1 
ATOM   279  O  "O4'" . G   B 1 2  ? -7.043  5.773   -2.601  1.00 18.75 ? 2   G   B "O4'" 1 
ATOM   280  C  "C3'" . G   B 1 2  ? -4.912  4.802   -2.509  1.00 16.52 ? 2   G   B "C3'" 1 
ATOM   281  O  "O3'" . G   B 1 2  ? -4.039  4.006   -1.729  1.00 25.04 ? 2   G   B "O3'" 1 
ATOM   282  C  "C2'" . G   B 1 2  ? -5.745  4.004   -3.497  1.00 15.88 ? 2   G   B "C2'" 1 
ATOM   283  O  "O2'" . G   B 1 2  ? -6.253  2.829   -2.881  1.00 18.51 ? 2   G   B "O2'" 1 
ATOM   284  C  "C1'" . G   B 1 2  ? -6.905  4.968   -3.753  1.00 15.45 ? 2   G   B "C1'" 1 
ATOM   285  N  N9    . G   B 1 2  ? -6.613  5.846   -4.900  1.00 15.08 ? 2   G   B N9    1 
ATOM   286  C  C8    . G   B 1 2  ? -6.206  7.161   -4.883  1.00 15.68 ? 2   G   B C8    1 
ATOM   287  N  N7    . G   B 1 2  ? -5.996  7.683   -6.067  1.00 14.51 ? 2   G   B N7    1 
ATOM   288  C  C5    . G   B 1 2  ? -6.263  6.628   -6.921  1.00 16.86 ? 2   G   B C5    1 
ATOM   289  C  C6    . G   B 1 2  ? -6.195  6.586   -8.323  1.00 12.21 ? 2   G   B C6    1 
ATOM   290  O  O6    . G   B 1 2  ? -5.886  7.520   -9.072  1.00 10.54 ? 2   G   B O6    1 
ATOM   291  N  N1    . G   B 1 2  ? -6.530  5.317   -8.795  1.00 14.16 ? 2   G   B N1    1 
ATOM   292  C  C2    . G   B 1 2  ? -6.886  4.239   -8.008  1.00 10.90 ? 2   G   B C2    1 
ATOM   293  N  N2    . G   B 1 2  ? -7.194  3.088   -8.619  1.00 10.17 ? 2   G   B N2    1 
ATOM   294  N  N3    . G   B 1 2  ? -6.956  4.272   -6.698  1.00 12.56 ? 2   G   B N3    1 
ATOM   295  C  C4    . G   B 1 2  ? -6.637  5.489   -6.226  1.00 17.13 ? 2   G   B C4    1 
ATOM   296  P  P     . G   B 1 3  ? -2.510  3.790   -2.171  1.00 19.89 ? 3   G   B P     1 
ATOM   297  O  OP1   . G   B 1 3  ? -1.824  3.041   -1.080  1.00 10.05 ? 3   G   B OP1   1 
ATOM   298  O  OP2   . G   B 1 3  ? -1.942  5.079   -2.640  1.00 14.13 ? 3   G   B OP2   1 
ATOM   299  O  "O5'" . G   B 1 3  ? -2.649  2.840   -3.432  1.00 15.03 ? 3   G   B "O5'" 1 
ATOM   300  C  "C5'" . G   B 1 3  ? -3.156  1.534   -3.266  1.00 12.34 ? 3   G   B "C5'" 1 
ATOM   301  C  "C4'" . G   B 1 3  ? -3.510  0.935   -4.593  1.00 9.74  ? 3   G   B "C4'" 1 
ATOM   302  O  "O4'" . G   B 1 3  ? -4.410  1.812   -5.294  1.00 10.22 ? 3   G   B "O4'" 1 
ATOM   303  C  "C3'" . G   B 1 3  ? -2.363  0.756   -5.556  1.00 7.77  ? 3   G   B "C3'" 1 
ATOM   304  O  "O3'" . G   B 1 3  ? -1.611  -0.397  -5.264  1.00 10.50 ? 3   G   B "O3'" 1 
ATOM   305  C  "C2'" . G   B 1 3  ? -3.079  0.692   -6.893  1.00 11.07 ? 3   G   B "C2'" 1 
ATOM   306  O  "O2'" . G   B 1 3  ? -3.697  -0.570  -7.063  1.00 8.54  ? 3   G   B "O2'" 1 
ATOM   307  C  "C1'" . G   B 1 3  ? -4.186  1.715   -6.678  1.00 11.44 ? 3   G   B "C1'" 1 
ATOM   308  N  N9    . G   B 1 3  ? -3.838  3.053   -7.174  1.00 11.70 ? 3   G   B N9    1 
ATOM   309  C  C8    . G   B 1 3  ? -3.686  4.172   -6.406  1.00 10.88 ? 3   G   B C8    1 
ATOM   310  N  N7    . G   B 1 3  ? -3.388  5.226   -7.118  1.00 15.72 ? 3   G   B N7    1 
ATOM   311  C  C5    . G   B 1 3  ? -3.350  4.772   -8.431  1.00 14.71 ? 3   G   B C5    1 
ATOM   312  C  C6    . G   B 1 3  ? -3.078  5.458   -9.643  1.00 9.42  ? 3   G   B C6    1 
ATOM   313  O  O6    . G   B 1 3  ? -2.808  6.648   -9.806  1.00 8.93  ? 3   G   B O6    1 
ATOM   314  N  N1    . G   B 1 3  ? -3.136  4.613   -10.738 1.00 10.26 ? 3   G   B N1    1 
ATOM   315  C  C2    . G   B 1 3  ? -3.421  3.275   -10.669 1.00 10.56 ? 3   G   B C2    1 
ATOM   316  N  N2    . G   B 1 3  ? -3.444  2.604   -11.832 1.00 12.24 ? 3   G   B N2    1 
ATOM   317  N  N3    . G   B 1 3  ? -3.674  2.625   -9.549  1.00 9.74  ? 3   G   B N3    1 
ATOM   318  C  C4    . G   B 1 3  ? -3.624  3.426   -8.477  1.00 11.58 ? 3   G   B C4    1 
ATOM   319  P  P     . C   B 1 4  ? -0.038  -0.388  -5.503  1.00 21.44 ? 4   C   B P     1 
ATOM   320  O  OP1   . C   B 1 4  ? 0.595   -1.554  -4.832  1.00 18.77 ? 4   C   B OP1   1 
ATOM   321  O  OP2   . C   B 1 4  ? 0.358   1.003   -5.155  1.00 20.04 ? 4   C   B OP2   1 
ATOM   322  O  "O5'" . C   B 1 4  ? 0.104   -0.636  -7.075  1.00 17.47 ? 4   C   B "O5'" 1 
ATOM   323  C  "C5'" . C   B 1 4  ? -0.286  -1.878  -7.645  1.00 10.96 ? 4   C   B "C5'" 1 
ATOM   324  C  "C4'" . C   B 1 4  ? -0.318  -1.840  -9.153  1.00 7.61  ? 4   C   B "C4'" 1 
ATOM   325  O  "O4'" . C   B 1 4  ? -1.212  -0.802  -9.622  1.00 11.82 ? 4   C   B "O4'" 1 
ATOM   326  C  "C3'" . C   B 1 4  ? 0.981   -1.526  -9.859  1.00 6.87  ? 4   C   B "C3'" 1 
ATOM   327  O  "O3'" . C   B 1 4  ? 1.846   -2.642  -9.915  1.00 8.30  ? 4   C   B "O3'" 1 
ATOM   328  C  "C2'" . C   B 1 4  ? 0.487   -1.085  -11.223 1.00 4.65  ? 4   C   B "C2'" 1 
ATOM   329  O  "O2'" . C   B 1 4  ? -0.005  -2.210  -11.909 1.00 6.64  ? 4   C   B "O2'" 1 
ATOM   330  C  "C1'" . C   B 1 4  ? -0.738  -0.281  -10.843 1.00 7.14  ? 4   C   B "C1'" 1 
ATOM   331  N  N1    . C   B 1 4  ? -0.489  1.182   -10.693 1.00 14.04 ? 4   C   B N1    1 
ATOM   332  C  C2    . C   B 1 4  ? -0.308  1.990   -11.823 1.00 10.50 ? 4   C   B C2    1 
ATOM   333  O  O2    . C   B 1 4  ? -0.297  1.471   -12.948 1.00 17.61 ? 4   C   B O2    1 
ATOM   334  N  N3    . C   B 1 4  ? -0.128  3.322   -11.681 1.00 9.03  ? 4   C   B N3    1 
ATOM   335  C  C4    . C   B 1 4  ? -0.138  3.877   -10.481 1.00 9.13  ? 4   C   B C4    1 
ATOM   336  N  N4    . C   B 1 4  ? 0.051   5.187   -10.411 1.00 6.29  ? 4   C   B N4    1 
ATOM   337  C  C5    . C   B 1 4  ? -0.330  3.101   -9.309  1.00 11.78 ? 4   C   B C5    1 
ATOM   338  C  C6    . C   B 1 4  ? -0.508  1.783   -9.458  1.00 12.35 ? 4   C   B C6    1 
ATOM   339  P  P     . C   B 1 5  ? 3.425   -2.487  -9.640  1.00 14.50 ? 5   C   B P     1 
ATOM   340  O  OP1   . C   B 1 5  ? 3.974   -3.875  -9.590  1.00 8.76  ? 5   C   B OP1   1 
ATOM   341  O  OP2   . C   B 1 5  ? 3.606   -1.558  -8.491  1.00 5.86  ? 5   C   B OP2   1 
ATOM   342  O  "O5'" . C   B 1 5  ? 4.007   -1.733  -10.934 1.00 10.37 ? 5   C   B "O5'" 1 
ATOM   343  C  "C5'" . C   B 1 5  ? 3.963   -2.294  -12.248 1.00 4.88  ? 5   C   B "C5'" 1 
ATOM   344  C  "C4'" . C   B 1 5  ? 3.884   -1.220  -13.318 1.00 6.63  ? 5   C   B "C4'" 1 
ATOM   345  O  "O4'" . C   B 1 5  ? 2.808   -0.293  -13.013 1.00 18.58 ? 5   C   B "O4'" 1 
ATOM   346  C  "C3'" . C   B 1 5  ? 5.096   -0.325  -13.447 1.00 7.27  ? 5   C   B "C3'" 1 
ATOM   347  O  "O3'" . C   B 1 5  ? 6.120   -0.917  -14.197 1.00 8.35  ? 5   C   B "O3'" 1 
ATOM   348  C  "C2'" . C   B 1 5  ? 4.534   0.952   -14.066 1.00 9.43  ? 5   C   B "C2'" 1 
ATOM   349  O  "O2'" . C   B 1 5  ? 4.355   0.828   -15.465 1.00 8.86  ? 5   C   B "O2'" 1 
ATOM   350  C  "C1'" . C   B 1 5  ? 3.156   1.018   -13.426 1.00 15.64 ? 5   C   B "C1'" 1 
ATOM   351  N  N1    . C   B 1 5  ? 3.123   1.945   -12.267 1.00 11.71 ? 5   C   B N1    1 
ATOM   352  C  C2    . C   B 1 5  ? 2.851   3.290   -12.516 1.00 11.14 ? 5   C   B C2    1 
ATOM   353  O  O2    . C   B 1 5  ? 2.634   3.628   -13.679 1.00 15.19 ? 5   C   B O2    1 
ATOM   354  N  N3    . C   B 1 5  ? 2.812   4.175   -11.496 1.00 13.58 ? 5   C   B N3    1 
ATOM   355  C  C4    . C   B 1 5  ? 3.034   3.743   -10.250 1.00 13.61 ? 5   C   B C4    1 
ATOM   356  N  N4    . C   B 1 5  ? 2.977   4.621   -9.254  1.00 10.03 ? 5   C   B N4    1 
ATOM   357  C  C5    . C   B 1 5  ? 3.325   2.379   -9.959  1.00 15.11 ? 5   C   B C5    1 
ATOM   358  C  C6    . C   B 1 5  ? 3.357   1.522   -10.987 1.00 13.04 ? 5   C   B C6    1 
ATOM   359  P  P     . C   B 1 6  ? 7.634   -0.619  -13.789 1.00 11.56 ? 6   C   B P     1 
ATOM   360  O  OP1   . C   B 1 6  ? 8.466   -1.675  -14.424 1.00 13.00 ? 6   C   B OP1   1 
ATOM   361  O  OP2   . C   B 1 6  ? 7.683   -0.451  -12.314 1.00 8.10  ? 6   C   B OP2   1 
ATOM   362  O  "O5'" . C   B 1 6  ? 7.931   0.826   -14.415 1.00 19.45 ? 6   C   B "O5'" 1 
ATOM   363  C  "C5'" . C   B 1 6  ? 7.777   1.109   -15.803 1.00 6.85  ? 6   C   B "C5'" 1 
ATOM   364  C  "C4'" . C   B 1 6  ? 8.069   2.566   -16.090 1.00 14.63 ? 6   C   B "C4'" 1 
ATOM   365  O  "O4'" . C   B 1 6  ? 6.950   3.391   -15.665 1.00 13.35 ? 6   C   B "O4'" 1 
ATOM   366  C  "C3'" . C   B 1 6  ? 9.262   3.177   -15.361 1.00 15.97 ? 6   C   B "C3'" 1 
ATOM   367  O  "O3'" . C   B 1 6  ? 10.514  2.886   -15.949 1.00 10.98 ? 6   C   B "O3'" 1 
ATOM   368  C  "C2'" . C   B 1 6  ? 8.935   4.660   -15.369 1.00 9.06  ? 6   C   B "C2'" 1 
ATOM   369  O  "O2'" . C   B 1 6  ? 9.217   5.222   -16.640 1.00 15.63 ? 6   C   B "O2'" 1 
ATOM   370  C  "C1'" . C   B 1 6  ? 7.423   4.632   -15.172 1.00 12.86 ? 6   C   B "C1'" 1 
ATOM   371  N  N1    . C   B 1 6  ? 7.093   4.733   -13.736 1.00 13.31 ? 6   C   B N1    1 
ATOM   372  C  C2    . C   B 1 6  ? 7.082   5.988   -13.112 1.00 16.24 ? 6   C   B C2    1 
ATOM   373  O  O2    . C   B 1 6  ? 7.319   7.002   -13.775 1.00 18.16 ? 6   C   B O2    1 
ATOM   374  N  N3    . C   B 1 6  ? 6.794   6.086   -11.797 1.00 13.02 ? 6   C   B N3    1 
ATOM   375  C  C4    . C   B 1 6  ? 6.546   4.980   -11.102 1.00 13.31 ? 6   C   B C4    1 
ATOM   376  N  N4    . C   B 1 6  ? 6.277   5.088   -9.796  1.00 18.87 ? 6   C   B N4    1 
ATOM   377  C  C5    . C   B 1 6  ? 6.564   3.698   -11.712 1.00 17.50 ? 6   C   B C5    1 
ATOM   378  C  C6    . C   B 1 6  ? 6.840   3.615   -13.013 1.00 13.05 ? 6   C   B C6    1 
ATOM   379  P  P     . G   B 1 7  ? 11.778  2.669   -14.986 1.00 23.58 ? 7   G   B P     1 
ATOM   380  O  OP1   . G   B 1 7  ? 12.813  2.050   -15.864 1.00 14.67 ? 7   G   B OP1   1 
ATOM   381  O  OP2   . G   B 1 7  ? 11.294  1.998   -13.741 1.00 8.53  ? 7   G   B OP2   1 
ATOM   382  O  "O5'" . G   B 1 7  ? 12.223  4.144   -14.555 1.00 12.92 ? 7   G   B "O5'" 1 
ATOM   383  C  "C5'" . G   B 1 7  ? 12.673  5.066   -15.535 1.00 12.73 ? 7   G   B "C5'" 1 
ATOM   384  C  "C4'" . G   B 1 7  ? 12.647  6.497   -15.057 1.00 10.97 ? 7   G   B "C4'" 1 
ATOM   385  O  "O4'" . G   B 1 7  ? 11.307  6.924   -14.721 1.00 15.62 ? 7   G   B "O4'" 1 
ATOM   386  C  "C3'" . G   B 1 7  ? 13.435  6.814   -13.811 1.00 8.61  ? 7   G   B "C3'" 1 
ATOM   387  O  "O3'" . G   B 1 7  ? 14.811  6.887   -14.063 1.00 10.95 ? 7   G   B "O3'" 1 
ATOM   388  C  "C2'" . G   B 1 7  ? 12.838  8.146   -13.400 1.00 12.85 ? 7   G   B "C2'" 1 
ATOM   389  O  "O2'" . G   B 1 7  ? 13.290  9.188   -14.258 1.00 11.11 ? 7   G   B "O2'" 1 
ATOM   390  C  "C1'" . G   B 1 7  ? 11.369  7.897   -13.695 1.00 12.50 ? 7   G   B "C1'" 1 
ATOM   391  N  N9    . G   B 1 7  ? 10.687  7.384   -12.496 1.00 12.27 ? 7   G   B N9    1 
ATOM   392  C  C8    . G   B 1 7  ? 10.310  6.095   -12.231 1.00 15.37 ? 7   G   B C8    1 
ATOM   393  N  N7    . G   B 1 7  ? 9.739   5.962   -11.059 1.00 16.53 ? 7   G   B N7    1 
ATOM   394  C  C5    . G   B 1 7  ? 9.749   7.243   -10.525 1.00 10.57 ? 7   G   B C5    1 
ATOM   395  C  C6    . G   B 1 7  ? 9.265   7.709   -9.286  1.00 8.69  ? 7   G   B C6    1 
ATOM   396  O  O6    . G   B 1 7  ? 8.708   7.075   -8.397  1.00 10.50 ? 7   G   B O6    1 
ATOM   397  N  N1    . G   B 1 7  ? 9.469   9.061   -9.122  1.00 10.44 ? 7   G   B N1    1 
ATOM   398  C  C2    . G   B 1 7  ? 10.062  9.864   -10.058 1.00 14.23 ? 7   G   B C2    1 
ATOM   399  N  N2    . G   B 1 7  ? 10.156  11.148  -9.704  1.00 18.31 ? 7   G   B N2    1 
ATOM   400  N  N3    . G   B 1 7  ? 10.518  9.458   -11.236 1.00 13.29 ? 7   G   B N3    1 
ATOM   401  C  C4    . G   B 1 7  ? 10.329  8.132   -11.396 1.00 12.70 ? 7   G   B C4    1 
ATOM   402  P  P     . G   B 1 8  ? 15.835  6.506   -12.906 1.00 16.98 ? 8   G   B P     1 
ATOM   403  O  OP1   . G   B 1 8  ? 17.206  6.547   -13.491 1.00 30.92 ? 8   G   B OP1   1 
ATOM   404  O  OP2   . G   B 1 8  ? 15.345  5.252   -12.284 1.00 22.55 ? 8   G   B OP2   1 
ATOM   405  O  "O5'" . G   B 1 8  ? 15.649  7.670   -11.823 1.00 23.00 ? 8   G   B "O5'" 1 
ATOM   406  C  "C5'" . G   B 1 8  ? 15.987  9.019   -12.115 1.00 16.20 ? 8   G   B "C5'" 1 
ATOM   407  C  "C4'" . G   B 1 8  ? 15.602  9.950   -10.992 1.00 16.66 ? 8   G   B "C4'" 1 
ATOM   408  O  "O4'" . G   B 1 8  ? 14.174  9.864   -10.730 1.00 18.58 ? 8   G   B "O4'" 1 
ATOM   409  C  "C3'" . G   B 1 8  ? 16.236  9.668   -9.640  1.00 20.27 ? 8   G   B "C3'" 1 
ATOM   410  O  "O3'" . G   B 1 8  ? 17.567  10.144  -9.542  1.00 14.09 ? 8   G   B "O3'" 1 
ATOM   411  C  "C2'" . G   B 1 8  ? 15.263  10.331  -8.664  1.00 27.20 ? 8   G   B "C2'" 1 
ATOM   412  O  "O2'" . G   B 1 8  ? 15.468  11.738  -8.578  1.00 19.35 ? 8   G   B "O2'" 1 
ATOM   413  C  "C1'" . G   B 1 8  ? 13.919  10.083  -9.355  1.00 19.93 ? 8   G   B "C1'" 1 
ATOM   414  N  N9    . G   B 1 8  ? 13.205  8.921   -8.788  1.00 12.80 ? 8   G   B N9    1 
ATOM   415  C  C8    . G   B 1 8  ? 13.087  7.679   -9.336  1.00 9.84  ? 8   G   B C8    1 
ATOM   416  N  N7    . G   B 1 8  ? 12.383  6.876   -8.596  1.00 13.55 ? 8   G   B N7    1 
ATOM   417  C  C5    . G   B 1 8  ? 12.010  7.623   -7.481  1.00 13.45 ? 8   G   B C5    1 
ATOM   418  C  C6    . G   B 1 8  ? 11.231  7.273   -6.321  1.00 13.04 ? 8   G   B C6    1 
ATOM   419  O  O6    . G   B 1 8  ? 10.677  6.203   -5.992  1.00 8.96  ? 8   G   B O6    1 
ATOM   420  N  N1    . G   B 1 8  ? 11.119  8.347   -5.458  1.00 12.84 ? 8   G   B N1    1 
ATOM   421  C  C2    . G   B 1 8  ? 11.676  9.580   -5.669  1.00 12.95 ? 8   G   B C2    1 
ATOM   422  N  N2    . G   B 1 8  ? 11.436  10.459  -4.686  1.00 16.41 ? 8   G   B N2    1 
ATOM   423  N  N3    . G   B 1 8  ? 12.387  9.921   -6.733  1.00 7.67  ? 8   G   B N3    1 
ATOM   424  C  C4    . G   B 1 8  ? 12.514  8.896   -7.596  1.00 10.15 ? 8   G   B C4    1 
ATOM   425  P  P     . U   B 1 9  ? 18.650  9.327   -8.677  1.00 19.28 ? 9   U   B P     1 
ATOM   426  O  OP1   . U   B 1 9  ? 19.933  9.733   -9.284  1.00 24.38 ? 9   U   B OP1   1 
ATOM   427  O  OP2   . U   B 1 9  ? 18.313  7.876   -8.533  1.00 13.26 ? 9   U   B OP2   1 
ATOM   428  O  "O5'" . U   B 1 9  ? 18.540  9.955   -7.221  1.00 27.57 ? 9   U   B "O5'" 1 
ATOM   429  C  "C5'" . U   B 1 9  ? 18.755  11.343  -7.011  1.00 28.75 ? 9   U   B "C5'" 1 
ATOM   430  C  "C4'" . U   B 1 9  ? 18.054  11.841  -5.775  1.00 15.65 ? 9   U   B "C4'" 1 
ATOM   431  O  "O4'" . U   B 1 9  ? 16.627  11.600  -5.888  1.00 10.38 ? 9   U   B "O4'" 1 
ATOM   432  C  "C3'" . U   B 1 9  ? 18.420  11.156  -4.474  1.00 16.04 ? 9   U   B "C3'" 1 
ATOM   433  O  "O3'" . U   B 1 9  ? 19.657  11.575  -3.927  1.00 21.09 ? 9   U   B "O3'" 1 
ATOM   434  C  "C2'" . U   B 1 9  ? 17.228  11.487  -3.605  1.00 11.73 ? 9   U   B "C2'" 1 
ATOM   435  O  "O2'" . U   B 1 9  ? 17.281  12.852  -3.233  1.00 14.82 ? 9   U   B "O2'" 1 
ATOM   436  C  "C1'" . U   B 1 9  ? 16.095  11.345  -4.607  1.00 14.65 ? 9   U   B "C1'" 1 
ATOM   437  N  N1    . U   B 1 9  ? 15.461  10.006  -4.574  1.00 20.04 ? 9   U   B N1    1 
ATOM   438  C  C2    . U   B 1 9  ? 14.567  9.809   -3.535  1.00 17.48 ? 9   U   B C2    1 
ATOM   439  O  O2    . U   B 1 9  ? 14.351  10.671  -2.689  1.00 17.15 ? 9   U   B O2    1 
ATOM   440  N  N3    . U   B 1 9  ? 13.951  8.574   -3.519  1.00 13.50 ? 9   U   B N3    1 
ATOM   441  C  C4    . U   B 1 9  ? 14.112  7.539   -4.416  1.00 10.84 ? 9   U   B C4    1 
ATOM   442  O  O4    . U   B 1 9  ? 13.475  6.491   -4.258  1.00 8.68  ? 9   U   B O4    1 
ATOM   443  C  C5    . U   B 1 9  ? 15.041  7.826   -5.469  1.00 14.87 ? 9   U   B C5    1 
ATOM   444  C  C6    . U   B 1 9  ? 15.670  9.017   -5.515  1.00 17.05 ? 9   U   B C6    1 
ATOM   445  P  P     . C   B 1 10 ? 20.564  10.529  -3.097  1.00 23.10 ? 10  C   B P     1 
ATOM   446  O  OP1   . C   B 1 10 ? 21.923  11.103  -2.908  1.00 15.75 ? 10  C   B OP1   1 
ATOM   447  O  OP2   . C   B 1 10 ? 20.460  9.227   -3.807  1.00 26.13 ? 10  C   B OP2   1 
ATOM   448  O  "O5'" . C   B 1 10 ? 19.795  10.319  -1.707  1.00 21.24 ? 10  C   B "O5'" 1 
ATOM   449  C  "C5'" . C   B 1 10 ? 19.339  11.399  -0.895  1.00 9.41  ? 10  C   B "C5'" 1 
ATOM   450  C  "C4'" . C   B 1 10 ? 18.350  10.920  0.149   1.00 12.94 ? 10  C   B "C4'" 1 
ATOM   451  O  "O4'" . C   B 1 10 ? 17.102  10.558  -0.500  1.00 14.11 ? 10  C   B "O4'" 1 
ATOM   452  C  "C3'" . C   B 1 10 ? 18.744  9.662   0.915   1.00 14.06 ? 10  C   B "C3'" 1 
ATOM   453  O  "O3'" . C   B 1 10 ? 19.620  9.892   2.002   1.00 10.39 ? 10  C   B "O3'" 1 
ATOM   454  C  "C2'" . C   B 1 10 ? 17.400  9.067   1.326   1.00 16.83 ? 10  C   B "C2'" 1 
ATOM   455  O  "O2'" . C   B 1 10 ? 16.872  9.706   2.483   1.00 27.47 ? 10  C   B "O2'" 1 
ATOM   456  C  "C1'" . C   B 1 10 ? 16.529  9.427   0.127   1.00 11.61 ? 10  C   B "C1'" 1 
ATOM   457  N  N1    . C   B 1 10 ? 16.469  8.327   -0.859  1.00 17.44 ? 10  C   B N1    1 
ATOM   458  C  C2    . C   B 1 10 ? 15.572  7.257   -0.701  1.00 13.21 ? 10  C   B C2    1 
ATOM   459  O  O2    . C   B 1 10 ? 14.810  7.229   0.274   1.00 12.23 ? 10  C   B O2    1 
ATOM   460  N  N3    . C   B 1 10 ? 15.544  6.282   -1.632  1.00 10.72 ? 10  C   B N3    1 
ATOM   461  C  C4    . C   B 1 10 ? 16.357  6.345   -2.688  1.00 12.49 ? 10  C   B C4    1 
ATOM   462  N  N4    . C   B 1 10 ? 16.314  5.372   -3.608  1.00 11.42 ? 10  C   B N4    1 
ATOM   463  C  C5    . C   B 1 10 ? 17.266  7.425   -2.877  1.00 20.41 ? 10  C   B C5    1 
ATOM   464  C  C6    . C   B 1 10 ? 17.288  8.381   -1.951  1.00 17.80 ? 10  C   B C6    1 
ATOM   465  P  P     . C   B 1 11 ? 20.668  8.741   2.416   1.00 20.17 ? 11  C   B P     1 
ATOM   466  O  OP1   . C   B 1 11 ? 21.517  9.307   3.494   1.00 29.58 ? 11  C   B OP1   1 
ATOM   467  O  OP2   . C   B 1 11 ? 21.241  8.102   1.181   1.00 2.80  ? 11  C   B OP2   1 
ATOM   468  O  "O5'" . C   B 1 11 ? 19.788  7.664   3.181   1.00 17.96 ? 11  C   B "O5'" 1 
ATOM   469  C  "C5'" . C   B 1 11 ? 19.120  8.000   4.385   1.00 14.61 ? 11  C   B "C5'" 1 
ATOM   470  C  "C4'" . C   B 1 11 ? 18.222  6.881   4.837   1.00 16.84 ? 11  C   B "C4'" 1 
ATOM   471  O  "O4'" . C   B 1 11 ? 17.165  6.677   3.861   1.00 14.03 ? 11  C   B "O4'" 1 
ATOM   472  C  "C3'" . C   B 1 11 ? 18.877  5.515   4.939   1.00 16.39 ? 11  C   B "C3'" 1 
ATOM   473  O  "O3'" . C   B 1 11 ? 19.655  5.338   6.102   1.00 12.99 ? 11  C   B "O3'" 1 
ATOM   474  C  "C2'" . C   B 1 11 ? 17.688  4.571   4.834   1.00 14.70 ? 11  C   B "C2'" 1 
ATOM   475  O  "O2'" . C   B 1 11 ? 16.976  4.499   6.055   1.00 8.87  ? 11  C   B "O2'" 1 
ATOM   476  C  "C1'" . C   B 1 11 ? 16.825  5.301   3.807   1.00 13.35 ? 11  C   B "C1'" 1 
ATOM   477  N  N1    . C   B 1 11 ? 17.086  4.796   2.445   1.00 17.05 ? 11  C   B N1    1 
ATOM   478  C  C2    . C   B 1 11 ? 16.616  3.520   2.140   1.00 17.46 ? 11  C   B C2    1 
ATOM   479  O  O2    . C   B 1 11 ? 16.005  2.896   3.027   1.00 20.89 ? 11  C   B O2    1 
ATOM   480  N  N3    . C   B 1 11 ? 16.837  3.016   0.900   1.00 14.11 ? 11  C   B N3    1 
ATOM   481  C  C4    . C   B 1 11 ? 17.504  3.750   0.000   1.00 15.26 ? 11  C   B C4    1 
ATOM   482  N  N4    . C   B 1 11 ? 17.703  3.225   -1.202  1.00 19.51 ? 11  C   B N4    1 
ATOM   483  C  C5    . C   B 1 11 ? 17.993  5.057   0.273   1.00 13.32 ? 11  C   B C5    1 
ATOM   484  C  C6    . C   B 1 11 ? 17.764  5.532   1.507   1.00 17.64 ? 11  C   B C6    1 
ATOM   485  P  P     . C   B 1 12 ? 21.057  4.558   6.007   1.00 16.43 ? 12  C   B P     1 
ATOM   486  O  OP1   . C   B 1 12 ? 21.676  4.691   7.350   1.00 28.37 ? 12  C   B OP1   1 
ATOM   487  O  OP2   . C   B 1 12 ? 21.823  5.016   4.825   1.00 8.74  ? 12  C   B OP2   1 
ATOM   488  O  "O5'" . C   B 1 12 ? 20.628  3.036   5.789   1.00 20.59 ? 12  C   B "O5'" 1 
ATOM   489  C  "C5'" . C   B 1 12 ? 19.807  2.377   6.743   1.00 12.98 ? 12  C   B "C5'" 1 
ATOM   490  C  "C4'" . C   B 1 12 ? 19.156  1.136   6.189   1.00 11.32 ? 12  C   B "C4'" 1 
ATOM   491  O  "O4'" . C   B 1 12 ? 18.437  1.452   4.979   1.00 20.55 ? 12  C   B "O4'" 1 
ATOM   492  C  "C3'" . C   B 1 12 ? 20.088  0.014   5.774   1.00 26.32 ? 12  C   B "C3'" 1 
ATOM   493  O  "O3'" . C   B 1 12 ? 20.518  -0.763  6.877   1.00 32.14 ? 12  C   B "O3'" 1 
ATOM   494  C  "C2'" . C   B 1 12 ? 19.241  -0.770  4.786   1.00 17.19 ? 12  C   B "C2'" 1 
ATOM   495  O  "O2'" . C   B 1 12 ? 18.312  -1.578  5.486   1.00 25.60 ? 12  C   B "O2'" 1 
ATOM   496  C  "C1'" . C   B 1 12 ? 18.449  0.340   4.109   1.00 14.88 ? 12  C   B "C1'" 1 
ATOM   497  N  N1    . C   B 1 12 ? 19.021  0.767   2.819   1.00 17.78 ? 12  C   B N1    1 
ATOM   498  C  C2    . C   B 1 12 ? 18.952  -0.062  1.684   1.00 17.67 ? 12  C   B C2    1 
ATOM   499  O  O2    . C   B 1 12 ? 18.445  -1.178  1.794   1.00 19.35 ? 12  C   B O2    1 
ATOM   500  N  N3    . C   B 1 12 ? 19.448  0.359   0.496   1.00 10.28 ? 12  C   B N3    1 
ATOM   501  C  C4    . C   B 1 12 ? 19.974  1.587   0.452   1.00 16.51 ? 12  C   B C4    1 
ATOM   502  N  N4    . C   B 1 12 ? 20.478  2.020   -0.698  1.00 21.95 ? 12  C   B N4    1 
ATOM   503  C  C5    . C   B 1 12 ? 20.032  2.459   1.585   1.00 20.19 ? 12  C   B C5    1 
ATOM   504  C  C6    . C   B 1 12 ? 19.543  2.022   2.746   1.00 13.95 ? 12  C   B C6    1 
ATOM   505  O  "O5'" . G   C 1 1  ? 9.422   -4.255  7.283   1.00 26.53 ? 1   G   C "O5'" 1 
ATOM   506  C  "C5'" . G   C 1 1  ? 9.943   -3.551  6.163   1.00 24.38 ? 1   G   C "C5'" 1 
ATOM   507  C  "C4'" . G   C 1 1  ? 9.978   -4.411  4.925   1.00 20.44 ? 1   G   C "C4'" 1 
ATOM   508  O  "O4'" . G   C 1 1  ? 10.755  -5.617  5.189   1.00 24.61 ? 1   G   C "O4'" 1 
ATOM   509  C  "C3'" . G   C 1 1  ? 8.640   -4.945  4.430   1.00 20.35 ? 1   G   C "C3'" 1 
ATOM   510  O  "O3'" . G   C 1 1  ? 7.855   -3.993  3.717   1.00 18.43 ? 1   G   C "O3'" 1 
ATOM   511  C  "C2'" . G   C 1 1  ? 9.062   -6.162  3.611   1.00 23.16 ? 1   G   C "C2'" 1 
ATOM   512  O  "O2'" . G   C 1 1  ? 9.582   -5.788  2.343   1.00 15.94 ? 1   G   C "O2'" 1 
ATOM   513  C  "C1'" . G   C 1 1  ? 10.211  -6.708  4.467   1.00 21.52 ? 1   G   C "C1'" 1 
ATOM   514  N  N9    . G   C 1 1  ? 9.702   -7.715  5.420   1.00 20.65 ? 1   G   C N9    1 
ATOM   515  C  C8    . G   C 1 1  ? 9.541   -7.608  6.780   1.00 26.22 ? 1   G   C C8    1 
ATOM   516  N  N7    . G   C 1 1  ? 9.018   -8.680  7.324   1.00 28.68 ? 1   G   C N7    1 
ATOM   517  C  C5    . G   C 1 1  ? 8.804   -9.533  6.248   1.00 18.32 ? 1   G   C C5    1 
ATOM   518  C  C6    . G   C 1 1  ? 8.267   -10.837 6.198   1.00 16.22 ? 1   G   C C6    1 
ATOM   519  O  O6    . G   C 1 1  ? 7.849   -11.534 7.127   1.00 17.46 ? 1   G   C O6    1 
ATOM   520  N  N1    . G   C 1 1  ? 8.234   -11.334 4.907   1.00 18.79 ? 1   G   C N1    1 
ATOM   521  C  C2    . G   C 1 1  ? 8.663   -10.663 3.804   1.00 15.34 ? 1   G   C C2    1 
ATOM   522  N  N2    . G   C 1 1  ? 8.554   -11.297 2.635   1.00 14.46 ? 1   G   C N2    1 
ATOM   523  N  N3    . G   C 1 1  ? 9.171   -9.455  3.841   1.00 21.32 ? 1   G   C N3    1 
ATOM   524  C  C4    . G   C 1 1  ? 9.214   -8.952  5.081   1.00 16.46 ? 1   G   C C4    1 
ATOM   525  P  P     . G   C 1 2  ? 6.250   -3.940  3.915   1.00 28.17 ? 2   G   C P     1 
ATOM   526  O  OP1   . G   C 1 2  ? 5.727   -2.599  3.513   1.00 15.31 ? 2   G   C OP1   1 
ATOM   527  O  OP2   . G   C 1 2  ? 5.957   -4.434  5.285   1.00 24.62 ? 2   G   C OP2   1 
ATOM   528  O  "O5'" . G   C 1 2  ? 5.710   -5.008  2.870   1.00 18.58 ? 2   G   C "O5'" 1 
ATOM   529  C  "C5'" . G   C 1 2  ? 6.202   -4.998  1.541   1.00 18.35 ? 2   G   C "C5'" 1 
ATOM   530  C  "C4'" . G   C 1 2  ? 5.877   -6.277  0.811   1.00 20.74 ? 2   G   C "C4'" 1 
ATOM   531  O  "O4'" . G   C 1 2  ? 6.653   -7.375  1.354   1.00 12.41 ? 2   G   C "O4'" 1 
ATOM   532  C  "C3'" . G   C 1 2  ? 4.436   -6.766  0.895   1.00 14.15 ? 2   G   C "C3'" 1 
ATOM   533  O  "O3'" . G   C 1 2  ? 3.565   -6.088  0.007   1.00 12.53 ? 2   G   C "O3'" 1 
ATOM   534  C  "C2'" . G   C 1 2  ? 4.588   -8.237  0.561   1.00 14.49 ? 2   G   C "C2'" 1 
ATOM   535  O  "O2'" . G   C 1 2  ? 4.755   -8.390  -0.839  1.00 13.45 ? 2   G   C "O2'" 1 
ATOM   536  C  "C1'" . G   C 1 2  ? 5.904   -8.569  1.273   1.00 11.47 ? 2   G   C "C1'" 1 
ATOM   537  N  N9    . G   C 1 2  ? 5.649   -9.043  2.644   1.00 17.90 ? 2   G   C N9    1 
ATOM   538  C  C8    . G   C 1 2  ? 5.726   -8.303  3.804   1.00 24.29 ? 2   G   C C8    1 
ATOM   539  N  N7    . G   C 1 2  ? 5.413   -8.987  4.878   1.00 20.47 ? 2   G   C N7    1 
ATOM   540  C  C5    . G   C 1 2  ? 5.099   -10.239 4.389   1.00 8.36  ? 2   G   C C5    1 
ATOM   541  C  C6    . G   C 1 2  ? 4.690   -11.376 5.077   1.00 8.22  ? 2   G   C C6    1 
ATOM   542  O  O6    . G   C 1 2  ? 4.526   -11.498 6.278   1.00 17.66 ? 2   G   C O6    1 
ATOM   543  N  N1    . G   C 1 2  ? 4.478   -12.452 4.247   1.00 11.78 ? 2   G   C N1    1 
ATOM   544  C  C2    . G   C 1 2  ? 4.636   -12.414 2.895   1.00 16.08 ? 2   G   C C2    1 
ATOM   545  N  N2    . G   C 1 2  ? 4.371   -13.564 2.267   1.00 17.59 ? 2   G   C N2    1 
ATOM   546  N  N3    . G   C 1 2  ? 5.015   -11.348 2.209   1.00 14.93 ? 2   G   C N3    1 
ATOM   547  C  C4    . G   C 1 2  ? 5.236   -10.301 3.024   1.00 15.04 ? 2   G   C C4    1 
ATOM   548  P  P     . G   C 1 3  ? 1.993   -5.959  0.331   1.00 22.91 ? 3   G   C P     1 
ATOM   549  O  OP1   . G   C 1 3  ? 1.306   -5.287  -0.807  1.00 23.15 ? 3   G   C OP1   1 
ATOM   550  O  OP2   . G   C 1 3  ? 1.805   -5.470  1.722   1.00 16.49 ? 3   G   C OP2   1 
ATOM   551  O  "O5'" . G   C 1 3  ? 1.481   -7.455  0.299   1.00 25.90 ? 3   G   C "O5'" 1 
ATOM   552  C  "C5'" . G   C 1 3  ? 1.350   -8.156  -0.923  1.00 11.25 ? 3   G   C "C5'" 1 
ATOM   553  C  "C4'" . G   C 1 3  ? 0.975   -9.588  -0.659  1.00 14.00 ? 3   G   C "C4'" 1 
ATOM   554  O  "O4'" . G   C 1 3  ? 1.942   -10.185 0.241   1.00 16.75 ? 3   G   C "O4'" 1 
ATOM   555  C  "C3'" . G   C 1 3  ? -0.354  -9.813  0.043   1.00 11.33 ? 3   G   C "C3'" 1 
ATOM   556  O  "O3'" . G   C 1 3  ? -1.446  -9.735  -0.846  1.00 6.04  ? 3   G   C "O3'" 1 
ATOM   557  C  "C2'" . G   C 1 3  ? -0.167  -11.196 0.635   1.00 12.19 ? 3   G   C "C2'" 1 
ATOM   558  O  "O2'" . G   C 1 3  ? -0.305  -12.173 -0.376  1.00 10.08 ? 3   G   C "O2'" 1 
ATOM   559  C  "C1'" . G   C 1 3  ? 1.306   -11.149 1.047   1.00 13.26 ? 3   G   C "C1'" 1 
ATOM   560  N  N9    . G   C 1 3  ? 1.459   -10.771 2.459   1.00 9.89  ? 3   G   C N9    1 
ATOM   561  C  C8    . G   C 1 3  ? 1.876   -9.572  2.977   1.00 10.12 ? 3   G   C C8    1 
ATOM   562  N  N7    . G   C 1 3  ? 1.866   -9.595  4.288   1.00 21.44 ? 3   G   C N7    1 
ATOM   563  C  C5    . G   C 1 3  ? 1.405   -10.869 4.643   1.00 13.05 ? 3   G   C C5    1 
ATOM   564  C  C6    . G   C 1 3  ? 1.168   -11.491 5.900   1.00 9.12  ? 3   G   C C6    1 
ATOM   565  O  O6    . G   C 1 3  ? 1.314   -11.055 7.036   1.00 16.52 ? 3   G   C O6    1 
ATOM   566  N  N1    . G   C 1 3  ? 0.704   -12.779 5.793   1.00 9.39  ? 3   G   C N1    1 
ATOM   567  C  C2    . G   C 1 3  ? 0.484   -13.411 4.614   1.00 12.92 ? 3   G   C C2    1 
ATOM   568  N  N2    . G   C 1 3  ? 0.035   -14.665 4.721   1.00 17.49 ? 3   G   C N2    1 
ATOM   569  N  N3    . G   C 1 3  ? 0.694   -12.864 3.431   1.00 12.29 ? 3   G   C N3    1 
ATOM   570  C  C4    . G   C 1 3  ? 1.152   -11.600 3.517   1.00 10.89 ? 3   G   C C4    1 
ATOM   571  P  P     . C   C 1 4  ? -2.833  -9.058  -0.415  1.00 19.60 ? 4   C   C P     1 
ATOM   572  O  OP1   . C   C 1 4  ? -3.442  -8.555  -1.680  1.00 11.22 ? 4   C   C OP1   1 
ATOM   573  O  OP2   . C   C 1 4  ? -2.719  -8.112  0.737   1.00 17.53 ? 4   C   C OP2   1 
ATOM   574  O  "O5'" . C   C 1 4  ? -3.667  -10.301 0.121   1.00 24.02 ? 4   C   C "O5'" 1 
ATOM   575  C  "C5'" . C   C 1 4  ? -3.776  -11.480 -0.653  1.00 12.65 ? 4   C   C "C5'" 1 
ATOM   576  C  "C4'" . C   C 1 4  ? -4.136  -12.665 0.202   1.00 14.77 ? 4   C   C "C4'" 1 
ATOM   577  O  "O4'" . C   C 1 4  ? -3.055  -12.989 1.113   1.00 19.07 ? 4   C   C "O4'" 1 
ATOM   578  C  "C3'" . C   C 1 4  ? -5.333  -12.504 1.116   1.00 12.72 ? 4   C   C "C3'" 1 
ATOM   579  O  "O3'" . C   C 1 4  ? -6.553  -12.665 0.428   1.00 21.35 ? 4   C   C "O3'" 1 
ATOM   580  C  "C2'" . C   C 1 4  ? -5.104  -13.608 2.122   1.00 10.20 ? 4   C   C "C2'" 1 
ATOM   581  O  "O2'" . C   C 1 4  ? -5.415  -14.835 1.488   1.00 10.79 ? 4   C   C "O2'" 1 
ATOM   582  C  "C1'" . C   C 1 4  ? -3.588  -13.546 2.298   1.00 18.67 ? 4   C   C "C1'" 1 
ATOM   583  N  N1    . C   C 1 4  ? -3.155  -12.738 3.478   1.00 14.45 ? 4   C   C N1    1 
ATOM   584  C  C2    . C   C 1 4  ? -2.976  -13.332 4.741   1.00 10.29 ? 4   C   C C2    1 
ATOM   585  O  O2    . C   C 1 4  ? -3.189  -14.530 4.918   1.00 19.66 ? 4   C   C O2    1 
ATOM   586  N  N3    . C   C 1 4  ? -2.572  -12.614 5.795   1.00 11.58 ? 4   C   C N3    1 
ATOM   587  C  C4    . C   C 1 4  ? -2.320  -11.326 5.648   1.00 18.22 ? 4   C   C C4    1 
ATOM   588  N  N4    . C   C 1 4  ? -1.917  -10.652 6.730   1.00 15.38 ? 4   C   C N4    1 
ATOM   589  C  C5    . C   C 1 4  ? -2.480  -10.678 4.387   1.00 18.59 ? 4   C   C C5    1 
ATOM   590  C  C6    . C   C 1 4  ? -2.887  -11.409 3.343   1.00 11.95 ? 4   C   C C6    1 
ATOM   591  P  P     . C   C 1 5  ? -7.880  -11.919 0.941   1.00 27.96 ? 5   C   C P     1 
ATOM   592  O  OP1   . C   C 1 5  ? -8.888  -12.140 -0.140  1.00 12.22 ? 5   C   C OP1   1 
ATOM   593  O  OP2   . C   C 1 5  ? -7.473  -10.555 1.387   1.00 17.85 ? 5   C   C OP2   1 
ATOM   594  O  "O5'" . C   C 1 5  ? -8.313  -12.634 2.315   1.00 14.31 ? 5   C   C "O5'" 1 
ATOM   595  C  "C5'" . C   C 1 5  ? -8.531  -14.035 2.424   1.00 13.83 ? 5   C   C "C5'" 1 
ATOM   596  C  "C4'" . C   C 1 5  ? -8.494  -14.504 3.867   1.00 27.89 ? 5   C   C "C4'" 1 
ATOM   597  O  "O4'" . C   C 1 5  ? -7.144  -14.418 4.414   1.00 22.89 ? 5   C   C "O4'" 1 
ATOM   598  C  "C3'" . C   C 1 5  ? -9.342  -13.716 4.855   1.00 27.70 ? 5   C   C "C3'" 1 
ATOM   599  O  "O3'" . C   C 1 5  ? -10.707 -14.079 4.827   1.00 28.71 ? 5   C   C "O3'" 1 
ATOM   600  C  "C2'" . C   C 1 5  ? -8.675  -14.020 6.191   1.00 24.19 ? 5   C   C "C2'" 1 
ATOM   601  O  "O2'" . C   C 1 5  ? -9.095  -15.280 6.688   1.00 29.53 ? 5   C   C "O2'" 1 
ATOM   602  C  "C1'" . C   C 1 5  ? -7.202  -14.111 5.793   1.00 18.71 ? 5   C   C "C1'" 1 
ATOM   603  N  N1    . C   C 1 5  ? -6.514  -12.826 6.046   1.00 18.07 ? 5   C   C N1    1 
ATOM   604  C  C2    . C   C 1 5  ? -5.914  -12.650 7.296   1.00 14.93 ? 5   C   C C2    1 
ATOM   605  O  O2    . C   C 1 5  ? -5.961  -13.579 8.112   1.00 21.20 ? 5   C   C O2    1 
ATOM   606  N  N3    . C   C 1 5  ? -5.286  -11.499 7.584   1.00 9.18  ? 5   C   C N3    1 
ATOM   607  C  C4    . C   C 1 5  ? -5.275  -10.540 6.668   1.00 13.26 ? 5   C   C C4    1 
ATOM   608  N  N4    . C   C 1 5  ? -4.655  -9.406  6.972   1.00 18.64 ? 5   C   C N4    1 
ATOM   609  C  C5    . C   C 1 5  ? -5.882  -10.678 5.388   1.00 12.84 ? 5   C   C C5    1 
ATOM   610  C  C6    . C   C 1 5  ? -6.495  -11.828 5.116   1.00 15.62 ? 5   C   C C6    1 
ATOM   611  P  P     . C   C 1 6  ? -11.819 -12.995 5.228   1.00 49.64 ? 6   C   C P     1 
ATOM   612  O  OP1   . C   C 1 6  ? -13.122 -13.661 4.928   1.00 44.67 ? 6   C   C OP1   1 
ATOM   613  O  OP2   . C   C 1 6  ? -11.509 -11.725 4.506   1.00 27.14 ? 6   C   C OP2   1 
ATOM   614  O  "O5'" . C   C 1 6  ? -11.627 -12.794 6.811   1.00 19.56 ? 6   C   C "O5'" 1 
ATOM   615  C  "C5'" . C   C 1 6  ? -12.046 -13.808 7.728   1.00 31.15 ? 6   C   C "C5'" 1 
ATOM   616  C  "C4'" . C   C 1 6  ? -11.651 -13.553 9.171   1.00 24.14 ? 6   C   C "C4'" 1 
ATOM   617  O  "O4'" . C   C 1 6  ? -10.208 -13.439 9.282   1.00 32.49 ? 6   C   C "O4'" 1 
ATOM   618  C  "C3'" . C   C 1 6  ? -12.152 -12.271 9.821   1.00 25.46 ? 6   C   C "C3'" 1 
ATOM   619  O  "O3'" . C   C 1 6  ? -13.511 -12.282 10.217  1.00 34.18 ? 6   C   C "O3'" 1 
ATOM   620  C  "C2'" . C   C 1 6  ? -11.166 -12.091 10.963  1.00 23.75 ? 6   C   C "C2'" 1 
ATOM   621  O  "O2'" . C   C 1 6  ? -11.371 -13.066 11.972  1.00 21.52 ? 6   C   C "O2'" 1 
ATOM   622  C  "C1'" . C   C 1 6  ? -9.879  -12.462 10.260  1.00 27.46 ? 6   C   C "C1'" 1 
ATOM   623  N  N1    . C   C 1 6  ? -9.277  -11.285 9.589   1.00 17.26 ? 6   C   C N1    1 
ATOM   624  C  C2    . C   C 1 6  ? -8.646  -10.312 10.359  1.00 19.79 ? 6   C   C C2    1 
ATOM   625  O  O2    . C   C 1 6  ? -8.622  -10.446 11.590  1.00 19.76 ? 6   C   C O2    1 
ATOM   626  N  N3    . C   C 1 6  ? -8.074  -9.251  9.742   1.00 21.67 ? 6   C   C N3    1 
ATOM   627  C  C4    . C   C 1 6  ? -8.127  -9.130  8.416   1.00 18.08 ? 6   C   C C4    1 
ATOM   628  N  N4    . C   C 1 6  ? -7.571  -8.067  7.837   1.00 20.51 ? 6   C   C N4    1 
ATOM   629  C  C5    . C   C 1 6  ? -8.763  -10.100 7.609   1.00 26.54 ? 6   C   C C5    1 
ATOM   630  C  C6    . C   C 1 6  ? -9.312  -11.148 8.232   1.00 27.22 ? 6   C   C C6    1 
ATOM   631  P  P     . G   C 1 7  ? -14.409 -10.962 9.972   1.00 51.88 ? 7   G   C P     1 
ATOM   632  O  OP1   . G   C 1 7  ? -15.821 -11.385 10.133  1.00 33.83 ? 7   G   C OP1   1 
ATOM   633  O  OP2   . G   C 1 7  ? -13.972 -10.254 8.735   1.00 32.81 ? 7   G   C OP2   1 
ATOM   634  O  "O5'" . G   C 1 7  ? -13.977 -9.966  11.134  1.00 23.24 ? 7   G   C "O5'" 1 
ATOM   635  C  "C5'" . G   C 1 7  ? -14.311 -10.227 12.484  1.00 21.02 ? 7   G   C "C5'" 1 
ATOM   636  C  "C4'" . G   C 1 7  ? -13.545 -9.314  13.409  1.00 33.16 ? 7   G   C "C4'" 1 
ATOM   637  O  "O4'" . G   C 1 7  ? -12.131 -9.388  13.098  1.00 32.11 ? 7   G   C "O4'" 1 
ATOM   638  C  "C3'" . G   C 1 7  ? -13.845 -7.826  13.310  1.00 30.89 ? 7   G   C "C3'" 1 
ATOM   639  O  "O3'" . G   C 1 7  ? -15.055 -7.432  13.938  1.00 28.62 ? 7   G   C "O3'" 1 
ATOM   640  C  "C2'" . G   C 1 7  ? -12.594 -7.204  13.913  1.00 23.26 ? 7   G   C "C2'" 1 
ATOM   641  O  "O2'" . G   C 1 7  ? -12.608 -7.313  15.331  1.00 22.34 ? 7   G   C "O2'" 1 
ATOM   642  C  "C1'" . G   C 1 7  ? -11.514 -8.146  13.379  1.00 30.27 ? 7   G   C "C1'" 1 
ATOM   643  N  N9    . G   C 1 7  ? -10.869 -7.644  12.151  1.00 23.47 ? 7   G   C N9    1 
ATOM   644  C  C8    . G   C 1 7  ? -11.061 -8.113  10.874  1.00 22.65 ? 7   G   C C8    1 
ATOM   645  N  N7    . G   C 1 7  ? -10.339 -7.475  9.998   1.00 19.34 ? 7   G   C N7    1 
ATOM   646  C  C5    . G   C 1 7  ? -9.624  -6.536  10.747  1.00 17.95 ? 7   G   C C5    1 
ATOM   647  C  C6    . G   C 1 7  ? -8.677  -5.549  10.344  1.00 19.57 ? 7   G   C C6    1 
ATOM   648  O  O6    . G   C 1 7  ? -8.257  -5.307  9.199   1.00 22.57 ? 7   G   C O6    1 
ATOM   649  N  N1    . G   C 1 7  ? -8.210  -4.809  11.418  1.00 13.37 ? 7   G   C N1    1 
ATOM   650  C  C2    . G   C 1 7  ? -8.597  -4.985  12.721  1.00 19.14 ? 7   G   C C2    1 
ATOM   651  N  N2    . G   C 1 7  ? -8.024  -4.171  13.629  1.00 15.27 ? 7   G   C N2    1 
ATOM   652  N  N3    . G   C 1 7  ? -9.475  -5.899  13.107  1.00 18.50 ? 7   G   C N3    1 
ATOM   653  C  C4    . G   C 1 7  ? -9.939  -6.634  12.076  1.00 16.03 ? 7   G   C C4    1 
ATOM   654  P  P     . G   C 1 8  ? -15.946 -6.272  13.264  1.00 53.91 ? 8   G   C P     1 
ATOM   655  O  OP1   . G   C 1 8  ? -17.199 -6.225  14.059  1.00 50.03 ? 8   G   C OP1   1 
ATOM   656  O  OP2   . G   C 1 8  ? -16.068 -6.520  11.798  1.00 29.91 ? 8   G   C OP2   1 
ATOM   657  O  "O5'" . G   C 1 8  ? -15.088 -4.941  13.524  1.00 23.39 ? 8   G   C "O5'" 1 
ATOM   658  C  "C5'" . G   C 1 8  ? -14.867 -4.512  14.861  1.00 27.12 ? 8   G   C "C5'" 1 
ATOM   659  C  "C4'" . G   C 1 8  ? -13.687 -3.587  15.045  1.00 18.12 ? 8   G   C "C4'" 1 
ATOM   660  O  "O4'" . G   C 1 8  ? -12.478 -4.120  14.447  1.00 31.19 ? 8   G   C "O4'" 1 
ATOM   661  C  "C3'" . G   C 1 8  ? -13.780 -2.198  14.456  1.00 18.25 ? 8   G   C "C3'" 1 
ATOM   662  O  "O3'" . G   C 1 8  ? -14.647 -1.347  15.185  1.00 24.21 ? 8   G   C "O3'" 1 
ATOM   663  C  "C2'" . G   C 1 8  ? -12.322 -1.764  14.481  1.00 24.13 ? 8   G   C "C2'" 1 
ATOM   664  O  "O2'" . G   C 1 8  ? -11.910 -1.511  15.816  1.00 27.11 ? 8   G   C "O2'" 1 
ATOM   665  C  "C1'" . G   C 1 8  ? -11.636 -3.052  14.052  1.00 18.38 ? 8   G   C "C1'" 1 
ATOM   666  N  N9    . G   C 1 8  ? -11.423 -3.128  12.591  1.00 21.59 ? 8   G   C N9    1 
ATOM   667  C  C8    . G   C 1 8  ? -12.058 -4.000  11.735  1.00 23.55 ? 8   G   C C8    1 
ATOM   668  N  N7    . G   C 1 8  ? -11.683 -3.896  10.495  1.00 14.15 ? 8   G   C N7    1 
ATOM   669  C  C5    . G   C 1 8  ? -10.726 -2.895  10.522  1.00 13.44 ? 8   G   C C5    1 
ATOM   670  C  C6    . G   C 1 8  ? -9.978  -2.351  9.447   1.00 14.17 ? 8   G   C C6    1 
ATOM   671  O  O6    . G   C 1 8  ? -10.025 -2.659  8.240   1.00 15.90 ? 8   G   C O6    1 
ATOM   672  N  N1    . G   C 1 8  ? -9.119  -1.351  9.899   1.00 15.26 ? 8   G   C N1    1 
ATOM   673  C  C2    . G   C 1 8  ? -9.012  -0.934  11.208  1.00 18.90 ? 8   G   C C2    1 
ATOM   674  N  N2    . G   C 1 8  ? -8.126  0.040   11.422  1.00 14.97 ? 8   G   C N2    1 
ATOM   675  N  N3    . G   C 1 8  ? -9.712  -1.425  12.226  1.00 19.58 ? 8   G   C N3    1 
ATOM   676  C  C4    . G   C 1 8  ? -10.546 -2.406  11.808  1.00 19.33 ? 8   G   C C4    1 
ATOM   677  P  P     . U   C 1 9  ? -15.714 -0.425  14.407  1.00 48.81 ? 9   U   C P     1 
ATOM   678  O  OP1   . U   C 1 9  ? -16.814 -0.113  15.349  1.00 35.95 ? 9   U   C OP1   1 
ATOM   679  O  OP2   . U   C 1 9  ? -16.120 -1.046  13.111  1.00 38.58 ? 9   U   C OP2   1 
ATOM   680  O  "O5'" . U   C 1 9  ? -14.867 0.894   14.135  1.00 23.82 ? 9   U   C "O5'" 1 
ATOM   681  C  "C5'" . U   C 1 9  ? -14.344 1.617   15.233  1.00 35.77 ? 9   U   C "C5'" 1 
ATOM   682  C  "C4'" . U   C 1 9  ? -13.206 2.523   14.838  1.00 36.67 ? 9   U   C "C4'" 1 
ATOM   683  O  "O4'" . U   C 1 9  ? -12.108 1.745   14.302  1.00 36.09 ? 9   U   C "O4'" 1 
ATOM   684  C  "C3'" . U   C 1 9  ? -13.485 3.558   13.761  1.00 21.60 ? 9   U   C "C3'" 1 
ATOM   685  O  "O3'" . U   C 1 9  ? -14.185 4.682   14.270  1.00 28.72 ? 9   U   C "O3'" 1 
ATOM   686  C  "C2'" . U   C 1 9  ? -12.079 3.879   13.275  1.00 24.25 ? 9   U   C "C2'" 1 
ATOM   687  O  "O2'" . U   C 1 9  ? -11.402 4.690   14.220  1.00 20.98 ? 9   U   C "O2'" 1 
ATOM   688  C  "C1'" . U   C 1 9  ? -11.425 2.497   13.325  1.00 32.09 ? 9   U   C "C1'" 1 
ATOM   689  N  N1    . U   C 1 9  ? -11.525 1.780   12.033  1.00 28.81 ? 9   U   C N1    1 
ATOM   690  C  C2    . U   C 1 9  ? -10.630 2.144   11.048  1.00 29.82 ? 9   U   C C2    1 
ATOM   691  O  O2    . U   C 1 9  ? -9.781  3.017   11.219  1.00 25.00 ? 9   U   C O2    1 
ATOM   692  N  N3    . U   C 1 9  ? -10.777 1.454   9.862   1.00 25.82 ? 9   U   C N3    1 
ATOM   693  C  C4    . U   C 1 9  ? -11.696 0.465   9.570   1.00 20.59 ? 9   U   C C4    1 
ATOM   694  O  O4    . U   C 1 9  ? -11.697 -0.067  8.453   1.00 13.94 ? 9   U   C O4    1 
ATOM   695  C  C5    . U   C 1 9  ? -12.580 0.158   10.656  1.00 25.13 ? 9   U   C C5    1 
ATOM   696  C  C6    . U   C 1 9  ? -12.471 0.806   11.816  1.00 20.06 ? 9   U   C C6    1 
ATOM   697  P  P     . C   C 1 10 ? -15.387 5.375   13.450  1.00 31.35 ? 10  C   C P     1 
ATOM   698  O  OP1   . C   C 1 10 ? -15.924 6.412   14.378  1.00 8.86  ? 10  C   C OP1   1 
ATOM   699  O  OP2   . C   C 1 10 ? -16.319 4.364   12.869  1.00 11.50 ? 10  C   C OP2   1 
ATOM   700  O  "O5'" . C   C 1 10 ? -14.627 6.161   12.285  1.00 36.50 ? 10  C   C "O5'" 1 
ATOM   701  C  "C5'" . C   C 1 10 ? -13.636 7.136   12.606  1.00 26.03 ? 10  C   C "C5'" 1 
ATOM   702  C  "C4'" . C   C 1 10 ? -12.728 7.455   11.439  1.00 23.17 ? 10  C   C "C4'" 1 
ATOM   703  O  "O4'" . C   C 1 10 ? -11.949 6.284   11.077  1.00 22.86 ? 10  C   C "O4'" 1 
ATOM   704  C  "C3'" . C   C 1 10 ? -13.417 7.862   10.144  1.00 23.18 ? 10  C   C "C3'" 1 
ATOM   705  O  "O3'" . C   C 1 10 ? -13.799 9.234   10.131  1.00 20.65 ? 10  C   C "O3'" 1 
ATOM   706  C  "C2'" . C   C 1 10 ? -12.381 7.488   9.086   1.00 21.20 ? 10  C   C "C2'" 1 
ATOM   707  O  "O2'" . C   C 1 10 ? -11.331 8.440   9.027   1.00 23.99 ? 10  C   C "O2'" 1 
ATOM   708  C  "C1'" . C   C 1 10 ? -11.798 6.215   9.676   1.00 20.13 ? 10  C   C "C1'" 1 
ATOM   709  N  N1    . C   C 1 10 ? -12.488 5.002   9.189   1.00 19.91 ? 10  C   C N1    1 
ATOM   710  C  C2    . C   C 1 10 ? -12.216 4.514   7.905   1.00 20.74 ? 10  C   C C2    1 
ATOM   711  O  O2    . C   C 1 10 ? -11.420 5.123   7.177   1.00 18.52 ? 10  C   C O2    1 
ATOM   712  N  N3    . C   C 1 10 ? -12.828 3.389   7.475   1.00 20.00 ? 10  C   C N3    1 
ATOM   713  C  C4    . C   C 1 10 ? -13.664 2.748   8.284   1.00 18.00 ? 10  C   C C4    1 
ATOM   714  N  N4    . C   C 1 10 ? -14.260 1.643   7.839   1.00 13.50 ? 10  C   C N4    1 
ATOM   715  C  C5    . C   C 1 10 ? -13.937 3.217   9.595   1.00 24.56 ? 10  C   C C5    1 
ATOM   716  C  C6    . C   C 1 10 ? -13.337 4.336   10.008  1.00 17.09 ? 10  C   C C6    1 
ATOM   717  P  P     . C   C 1 11 ? -15.097 9.739   9.314   1.00 32.65 ? 11  C   C P     1 
ATOM   718  O  OP1   . C   C 1 11 ? -15.240 11.207  9.582   1.00 28.87 ? 11  C   C OP1   1 
ATOM   719  O  OP2   . C   C 1 11 ? -16.259 8.864   9.621   1.00 20.01 ? 11  C   C OP2   1 
ATOM   720  O  "O5'" . C   C 1 11 ? -14.663 9.555   7.786   1.00 16.26 ? 11  C   C "O5'" 1 
ATOM   721  C  "C5'" . C   C 1 11 ? -13.584 10.316  7.262   1.00 13.82 ? 11  C   C "C5'" 1 
ATOM   722  C  "C4'" . C   C 1 11 ? -13.101 9.813   5.924   1.00 16.58 ? 11  C   C "C4'" 1 
ATOM   723  O  "O4'" . C   C 1 11 ? -12.669 8.428   6.008   1.00 23.29 ? 11  C   C "O4'" 1 
ATOM   724  C  "C3'" . C   C 1 11 ? -14.120 9.799   4.808   1.00 26.24 ? 11  C   C "C3'" 1 
ATOM   725  O  "O3'" . C   C 1 11 ? -14.361 11.072  4.258   1.00 23.70 ? 11  C   C "O3'" 1 
ATOM   726  C  "C2'" . C   C 1 11 ? -13.505 8.818   3.826   1.00 24.92 ? 11  C   C "C2'" 1 
ATOM   727  O  "O2'" . C   C 1 11 ? -12.415 9.438   3.147   1.00 16.35 ? 11  C   C "O2'" 1 
ATOM   728  C  "C1'" . C   C 1 11 ? -12.953 7.768   4.788   1.00 21.78 ? 11  C   C "C1'" 1 
ATOM   729  N  N1    . C   C 1 11 ? -13.909 6.654   5.053   1.00 14.04 ? 11  C   C N1    1 
ATOM   730  C  C2    . C   C 1 11 ? -13.966 5.553   4.181   1.00 19.54 ? 11  C   C C2    1 
ATOM   731  O  O2    . C   C 1 11 ? -13.251 5.527   3.174   1.00 27.11 ? 11  C   C O2    1 
ATOM   732  N  N3    . C   C 1 11 ? -14.802 4.520   4.423   1.00 18.15 ? 11  C   C N3    1 
ATOM   733  C  C4    . C   C 1 11 ? -15.575 4.541   5.504   1.00 22.74 ? 11  C   C C4    1 
ATOM   734  N  N4    . C   C 1 11 ? -16.390 3.495   5.697   1.00 19.84 ? 11  C   C N4    1 
ATOM   735  C  C5    . C   C 1 11 ? -15.543 5.634   6.424   1.00 18.26 ? 11  C   C C5    1 
ATOM   736  C  C6    . C   C 1 11 ? -14.706 6.647   6.164   1.00 16.54 ? 11  C   C C6    1 
ATOM   737  P  P     . C   C 1 12 ? -15.851 11.430  3.811   1.00 30.91 ? 12  C   C P     1 
ATOM   738  O  OP1   . C   C 1 12 ? -15.778 12.887  3.508   1.00 23.69 ? 12  C   C OP1   1 
ATOM   739  O  OP2   . C   C 1 12 ? -16.810 10.806  4.769   1.00 10.27 ? 12  C   C OP2   1 
ATOM   740  O  "O5'" . C   C 1 12 ? -16.090 10.571  2.490   1.00 17.76 ? 12  C   C "O5'" 1 
ATOM   741  C  "C5'" . C   C 1 12 ? -15.227 10.714  1.381   1.00 17.43 ? 12  C   C "C5'" 1 
ATOM   742  C  "C4'" . C   C 1 12 ? -15.475 9.669   0.326   1.00 16.01 ? 12  C   C "C4'" 1 
ATOM   743  O  "O4'" . C   C 1 12 ? -15.117 8.348   0.810   1.00 25.16 ? 12  C   C "O4'" 1 
ATOM   744  C  "C3'" . C   C 1 12 ? -16.897 9.488   -0.149  1.00 12.65 ? 12  C   C "C3'" 1 
ATOM   745  O  "O3'" . C   C 1 12 ? -17.340 10.525  -1.001  1.00 18.46 ? 12  C   C "O3'" 1 
ATOM   746  C  "C2'" . C   C 1 12 ? -16.815 8.126   -0.826  1.00 27.22 ? 12  C   C "C2'" 1 
ATOM   747  O  "O2'" . C   C 1 12 ? -16.124 8.227   -2.065  1.00 29.06 ? 12  C   C "O2'" 1 
ATOM   748  C  "C1'" . C   C 1 12 ? -15.904 7.378   0.148   1.00 17.86 ? 12  C   C "C1'" 1 
ATOM   749  N  N1    . C   C 1 12 ? -16.675 6.598   1.145   1.00 17.18 ? 12  C   C N1    1 
ATOM   750  C  C2    . C   C 1 12 ? -17.025 5.298   0.800   1.00 19.93 ? 12  C   C C2    1 
ATOM   751  O  O2    . C   C 1 12 ? -16.684 4.872   -0.311  1.00 17.27 ? 12  C   C O2    1 
ATOM   752  N  N3    . C   C 1 12 ? -17.726 4.549   1.679   1.00 19.88 ? 12  C   C N3    1 
ATOM   753  C  C4    . C   C 1 12 ? -18.070 5.058   2.855   1.00 12.74 ? 12  C   C C4    1 
ATOM   754  N  N4    . C   C 1 12 ? -18.763 4.283   3.679   1.00 13.93 ? 12  C   C N4    1 
ATOM   755  C  C5    . C   C 1 12 ? -17.728 6.377   3.238   1.00 12.12 ? 12  C   C C5    1 
ATOM   756  C  C6    . C   C 1 12 ? -17.041 7.107   2.360   1.00 16.08 ? 12  C   C C6    1 
ATOM   757  O  "O5'" . G   D 1 1  ? -19.220 -5.555  1.187   1.00 28.05 ? 1   G   D "O5'" 1 
ATOM   758  C  "C5'" . G   D 1 1  ? -20.032 -5.842  0.058   1.00 22.05 ? 1   G   D "C5'" 1 
ATOM   759  C  "C4'" . G   D 1 1  ? -19.770 -4.858  -1.043  1.00 19.06 ? 1   G   D "C4'" 1 
ATOM   760  O  "O4'" . G   D 1 1  ? -20.626 -3.694  -0.881  1.00 14.07 ? 1   G   D "O4'" 1 
ATOM   761  C  "C3'" . G   D 1 1  ? -18.360 -4.283  -1.068  1.00 23.64 ? 1   G   D "C3'" 1 
ATOM   762  O  "O3'" . G   D 1 1  ? -17.424 -5.142  -1.701  1.00 22.63 ? 1   G   D "O3'" 1 
ATOM   763  C  "C2'" . G   D 1 1  ? -18.557 -2.968  -1.798  1.00 23.39 ? 1   G   D "C2'" 1 
ATOM   764  O  "O2'" . G   D 1 1  ? -18.656 -3.207  -3.192  1.00 27.97 ? 1   G   D "O2'" 1 
ATOM   765  C  "C1'" . G   D 1 1  ? -19.925 -2.529  -1.264  1.00 16.81 ? 1   G   D "C1'" 1 
ATOM   766  N  N9    . G   D 1 1  ? -19.772 -1.689  -0.070  1.00 17.08 ? 1   G   D N9    1 
ATOM   767  C  C8    . G   D 1 1  ? -20.126 -2.037  1.199   1.00 21.05 ? 1   G   D C8    1 
ATOM   768  N  N7    . G   D 1 1  ? -19.857 -1.122  2.091   1.00 18.29 ? 1   G   D N7    1 
ATOM   769  C  C5    . G   D 1 1  ? -19.280 -0.114  1.365   1.00 13.77 ? 1   G   D C5    1 
ATOM   770  C  C6    . G   D 1 1  ? -18.794 1.116   1.815   1.00 14.00 ? 1   G   D C6    1 
ATOM   771  O  O6    . G   D 1 1  ? -18.792 1.542   2.969   1.00 13.47 ? 1   G   D O6    1 
ATOM   772  N  N1    . G   D 1 1  ? -18.283 1.853   0.759   1.00 25.68 ? 1   G   D N1    1 
ATOM   773  C  C2    . G   D 1 1  ? -18.246 1.441   -0.551  1.00 22.01 ? 1   G   D C2    1 
ATOM   774  N  N2    . G   D 1 1  ? -17.701 2.282   -1.437  1.00 25.66 ? 1   G   D N2    1 
ATOM   775  N  N3    . G   D 1 1  ? -18.707 0.284   -0.982  1.00 23.04 ? 1   G   D N3    1 
ATOM   776  C  C4    . G   D 1 1  ? -19.212 -0.440  0.030   1.00 21.85 ? 1   G   D C4    1 
ATOM   777  P  P     . G   D 1 2  ? -15.897 -5.223  -1.181  1.00 34.62 ? 2   G   D P     1 
ATOM   778  O  OP1   . G   D 1 2  ? -15.222 -6.337  -1.896  1.00 28.48 ? 2   G   D OP1   1 
ATOM   779  O  OP2   . G   D 1 2  ? -15.869 -5.255  0.302   1.00 16.32 ? 2   G   D OP2   1 
ATOM   780  O  "O5'" . G   D 1 2  ? -15.256 -3.845  -1.670  1.00 36.13 ? 2   G   D "O5'" 1 
ATOM   781  C  "C5'" . G   D 1 2  ? -15.296 -3.469  -3.041  1.00 23.92 ? 2   G   D "C5'" 1 
ATOM   782  C  "C4'" . G   D 1 2  ? -14.798 -2.060  -3.254  1.00 24.64 ? 2   G   D "C4'" 1 
ATOM   783  O  "O4'" . G   D 1 2  ? -15.771 -1.092  -2.769  1.00 34.32 ? 2   G   D "O4'" 1 
ATOM   784  C  "C3'" . G   D 1 2  ? -13.525 -1.679  -2.518  1.00 30.28 ? 2   G   D "C3'" 1 
ATOM   785  O  "O3'" . G   D 1 2  ? -12.346 -2.207  -3.090  1.00 24.11 ? 2   G   D "O3'" 1 
ATOM   786  C  "C2'" . G   D 1 2  ? -13.608 -0.154  -2.503  1.00 38.98 ? 2   G   D "C2'" 1 
ATOM   787  O  "O2'" . G   D 1 2  ? -13.303 0.407   -3.777  1.00 21.11 ? 2   G   D "O2'" 1 
ATOM   788  C  "C1'" . G   D 1 2  ? -15.098 0.041   -2.233  1.00 36.35 ? 2   G   D "C1'" 1 
ATOM   789  N  N9    . G   D 1 2  ? -15.358 0.099   -0.779  1.00 26.98 ? 2   G   D N9    1 
ATOM   790  C  C8    . G   D 1 2  ? -15.928 -0.902  -0.038  1.00 20.86 ? 2   G   D C8    1 
ATOM   791  N  N7    . G   D 1 2  ? -16.032 -0.589  1.221   1.00 25.33 ? 2   G   D N7    1 
ATOM   792  C  C5    . G   D 1 2  ? -15.488 0.680   1.329   1.00 20.24 ? 2   G   D C5    1 
ATOM   793  C  C6    . G   D 1 2  ? -15.326 1.506   2.469   1.00 21.69 ? 2   G   D C6    1 
ATOM   794  O  O6    . G   D 1 2  ? -15.652 1.263   3.632   1.00 37.21 ? 2   G   D O6    1 
ATOM   795  N  N1    . G   D 1 2  ? -14.731 2.718   2.173   1.00 15.96 ? 2   G   D N1    1 
ATOM   796  C  C2    . G   D 1 2  ? -14.344 3.079   0.915   1.00 21.34 ? 2   G   D C2    1 
ATOM   797  N  N2    . G   D 1 2  ? -13.790 4.290   0.824   1.00 21.72 ? 2   G   D N2    1 
ATOM   798  N  N3    . G   D 1 2  ? -14.476 2.318   -0.164  1.00 28.89 ? 2   G   D N3    1 
ATOM   799  C  C4    . G   D 1 2  ? -15.059 1.127   0.107   1.00 26.44 ? 2   G   D C4    1 
ATOM   800  P  P     . G   D 1 3  ? -11.147 -2.677  -2.131  1.00 32.46 ? 3   G   D P     1 
ATOM   801  O  OP1   . G   D 1 3  ? -10.165 -3.334  -3.044  1.00 17.53 ? 3   G   D OP1   1 
ATOM   802  O  OP2   . G   D 1 3  ? -11.690 -3.394  -0.939  1.00 14.40 ? 3   G   D OP2   1 
ATOM   803  O  "O5'" . G   D 1 3  ? -10.530 -1.302  -1.606  1.00 22.12 ? 3   G   D "O5'" 1 
ATOM   804  C  "C5'" . G   D 1 3  ? -10.019 -0.353  -2.528  1.00 14.96 ? 3   G   D "C5'" 1 
ATOM   805  C  "C4'" . G   D 1 3  ? -9.617  0.935   -1.860  1.00 17.29 ? 3   G   D "C4'" 1 
ATOM   806  O  "O4'" . G   D 1 3  ? -10.785 1.589   -1.316  1.00 16.48 ? 3   G   D "O4'" 1 
ATOM   807  C  "C3'" . G   D 1 3  ? -8.668  0.838   -0.667  1.00 15.69 ? 3   G   D "C3'" 1 
ATOM   808  O  "O3'" . G   D 1 3  ? -7.309  0.703   -1.026  1.00 13.58 ? 3   G   D "O3'" 1 
ATOM   809  C  "C2'" . G   D 1 3  ? -8.931  2.146   0.033   1.00 16.81 ? 3   G   D "C2'" 1 
ATOM   810  O  "O2'" . G   D 1 3  ? -8.345  3.204   -0.709  1.00 24.46 ? 3   G   D "O2'" 1 
ATOM   811  C  "C1'" . G   D 1 3  ? -10.438 2.246   -0.117  1.00 19.61 ? 3   G   D "C1'" 1 
ATOM   812  N  N9    . G   D 1 3  ? -11.118 1.573   1.000   1.00 22.68 ? 3   G   D N9    1 
ATOM   813  C  C8    . G   D 1 3  ? -11.738 0.352   0.995   1.00 18.98 ? 3   G   D C8    1 
ATOM   814  N  N7    . G   D 1 3  ? -12.244 0.045   2.162   1.00 23.19 ? 3   G   D N7    1 
ATOM   815  C  C5    . G   D 1 3  ? -11.940 1.125   2.978   1.00 21.98 ? 3   G   D C5    1 
ATOM   816  C  C6    . G   D 1 3  ? -12.238 1.363   4.342   1.00 22.81 ? 3   G   D C6    1 
ATOM   817  O  O6    . G   D 1 3  ? -12.850 0.647   5.151   1.00 26.35 ? 3   G   D O6    1 
ATOM   818  N  N1    . G   D 1 3  ? -11.729 2.582   4.752   1.00 15.89 ? 3   G   D N1    1 
ATOM   819  C  C2    . G   D 1 3  ? -11.034 3.455   3.970   1.00 16.03 ? 3   G   D C2    1 
ATOM   820  N  N2    . G   D 1 3  ? -10.640 4.585   4.579   1.00 23.73 ? 3   G   D N2    1 
ATOM   821  N  N3    . G   D 1 3  ? -10.752 3.250   2.699   1.00 12.11 ? 3   G   D N3    1 
ATOM   822  C  C4    . G   D 1 3  ? -11.235 2.074   2.275   1.00 19.50 ? 3   G   D C4    1 
ATOM   823  P  P     . C   D 1 4  ? -6.412  -0.482  -0.414  1.00 33.33 ? 4   C   D P     1 
ATOM   824  O  OP1   . C   D 1 4  ? -5.572  -0.826  -1.593  1.00 14.36 ? 4   C   D OP1   1 
ATOM   825  O  OP2   . C   D 1 4  ? -7.216  -1.526  0.297   1.00 18.57 ? 4   C   D OP2   1 
ATOM   826  O  "O5'" . C   D 1 4  ? -5.549  0.208   0.739   1.00 19.10 ? 4   C   D "O5'" 1 
ATOM   827  C  "C5'" . C   D 1 4  ? -4.675  1.282   0.441   1.00 22.09 ? 4   C   D "C5'" 1 
ATOM   828  C  "C4'" . C   D 1 4  ? -4.836  2.438   1.399   1.00 17.97 ? 4   C   D "C4'" 1 
ATOM   829  O  "O4'" . C   D 1 4  ? -6.235  2.747   1.601   1.00 21.62 ? 4   C   D "O4'" 1 
ATOM   830  C  "C3'" . C   D 1 4  ? -4.314  2.236   2.807   1.00 17.38 ? 4   C   D "C3'" 1 
ATOM   831  O  "O3'" . C   D 1 4  ? -2.907  2.344   2.884   1.00 26.91 ? 4   C   D "O3'" 1 
ATOM   832  C  "C2'" . C   D 1 4  ? -5.067  3.309   3.583   1.00 14.21 ? 4   C   D "C2'" 1 
ATOM   833  O  "O2'" . C   D 1 4  ? -4.541  4.596   3.310   1.00 18.13 ? 4   C   D "O2'" 1 
ATOM   834  C  "C1'" . C   D 1 4  ? -6.433  3.242   2.912   1.00 14.17 ? 4   C   D "C1'" 1 
ATOM   835  N  N1    . C   D 1 4  ? -7.350  2.334   3.626   1.00 15.53 ? 4   C   D N1    1 
ATOM   836  C  C2    . C   D 1 4  ? -7.848  2.737   4.854   1.00 13.62 ? 4   C   D C2    1 
ATOM   837  O  O2    . C   D 1 4  ? -7.504  3.845   5.292   1.00 17.53 ? 4   C   D O2    1 
ATOM   838  N  N3    . C   D 1 4  ? -8.677  1.906   5.517   1.00 12.21 ? 4   C   D N3    1 
ATOM   839  C  C4    . C   D 1 4  ? -9.010  0.731   4.990   1.00 16.28 ? 4   C   D C4    1 
ATOM   840  N  N4    . C   D 1 4  ? -9.839  -0.068  5.671   1.00 21.46 ? 4   C   D N4    1 
ATOM   841  C  C5    . C   D 1 4  ? -8.507  0.299   3.735   1.00 14.09 ? 4   C   D C5    1 
ATOM   842  C  C6    . C   D 1 4  ? -7.690  1.125   3.093   1.00 15.32 ? 4   C   D C6    1 
ATOM   843  P  P     . C   D 1 5  ? -2.080  1.276   3.747   1.00 33.75 ? 5   C   D P     1 
ATOM   844  O  OP1   . C   D 1 5  ? -0.635  1.588   3.589   1.00 25.64 ? 5   C   D OP1   1 
ATOM   845  O  OP2   . C   D 1 5  ? -2.576  -0.078  3.402   1.00 23.28 ? 5   C   D OP2   1 
ATOM   846  O  "O5'" . C   D 1 5  ? -2.499  1.623   5.246   1.00 28.19 ? 5   C   D "O5'" 1 
ATOM   847  C  "C5'" . C   D 1 5  ? -2.238  2.914   5.772   1.00 17.53 ? 5   C   D "C5'" 1 
ATOM   848  C  "C4'" . C   D 1 5  ? -2.938  3.142   7.086   1.00 24.42 ? 5   C   D "C4'" 1 
ATOM   849  O  "O4'" . C   D 1 5  ? -4.381  3.110   6.904   1.00 24.82 ? 5   C   D "O4'" 1 
ATOM   850  C  "C3'" . C   D 1 5  ? -2.670  2.116   8.174   1.00 19.70 ? 5   C   D "C3'" 1 
ATOM   851  O  "O3'" . C   D 1 5  ? -1.451  2.357   8.848   1.00 19.21 ? 5   C   D "O3'" 1 
ATOM   852  C  "C2'" . C   D 1 5  ? -3.897  2.245   9.071   1.00 26.80 ? 5   C   D "C2'" 1 
ATOM   853  O  "O2'" . C   D 1 5  ? -3.766  3.334   9.975   1.00 30.72 ? 5   C   D "O2'" 1 
ATOM   854  C  "C1'" . C   D 1 5  ? -4.998  2.562   8.048   1.00 21.33 ? 5   C   D "C1'" 1 
ATOM   855  N  N1    . C   D 1 5  ? -5.693  1.333   7.633   1.00 25.36 ? 5   C   D N1    1 
ATOM   856  C  C2    . C   D 1 5  ? -6.666  0.836   8.488   1.00 22.58 ? 5   C   D C2    1 
ATOM   857  O  O2    . C   D 1 5  ? -6.889  1.492   9.513   1.00 20.78 ? 5   C   D O2    1 
ATOM   858  N  N3    . C   D 1 5  ? -7.315  -0.312  8.170   1.00 17.28 ? 5   C   D N3    1 
ATOM   859  C  C4    . C   D 1 5  ? -7.001  -0.933  7.035   1.00 11.48 ? 5   C   D C4    1 
ATOM   860  N  N4    . C   D 1 5  ? -7.662  -2.045  6.728   1.00 8.54  ? 5   C   D N4    1 
ATOM   861  C  C5    . C   D 1 5  ? -5.996  -0.441  6.147   1.00 20.30 ? 5   C   D C5    1 
ATOM   862  C  C6    . C   D 1 5  ? -5.358  0.684   6.474   1.00 20.25 ? 5   C   D C6    1 
ATOM   863  P  P     . C   D 1 6  ? -0.491  1.135   9.264   1.00 42.76 ? 6   C   D P     1 
ATOM   864  O  OP1   . C   D 1 6  ? 0.850   1.700   9.605   1.00 24.84 ? 6   C   D OP1   1 
ATOM   865  O  OP2   . C   D 1 6  ? -0.580  0.088   8.214   1.00 20.38 ? 6   C   D OP2   1 
ATOM   866  O  "O5'" . C   D 1 6  ? -1.173  0.563   10.594  1.00 31.40 ? 6   C   D "O5'" 1 
ATOM   867  C  "C5'" . C   D 1 6  ? -1.408  1.408   11.716  1.00 36.74 ? 6   C   D "C5'" 1 
ATOM   868  C  "C4'" . C   D 1 6  ? -2.390  0.821   12.718  1.00 31.74 ? 6   C   D "C4'" 1 
ATOM   869  O  "O4'" . C   D 1 6  ? -3.735  0.763   12.164  1.00 26.63 ? 6   C   D "O4'" 1 
ATOM   870  C  "C3'" . C   D 1 6  ? -2.138  -0.600  13.192  1.00 22.67 ? 6   C   D "C3'" 1 
ATOM   871  O  "O3'" . C   D 1 6  ? -1.067  -0.711  14.120  1.00 13.05 ? 6   C   D "O3'" 1 
ATOM   872  C  "C2'" . C   D 1 6  ? -3.507  -1.005  13.740  1.00 20.76 ? 6   C   D "C2'" 1 
ATOM   873  O  "O2'" . C   D 1 6  ? -3.736  -0.423  15.014  1.00 34.36 ? 6   C   D "O2'" 1 
ATOM   874  C  "C1'" . C   D 1 6  ? -4.447  -0.316  12.747  1.00 20.90 ? 6   C   D "C1'" 1 
ATOM   875  N  N1    . C   D 1 6  ? -4.915  -1.245  11.687  1.00 16.56 ? 6   C   D N1    1 
ATOM   876  C  C2    . C   D 1 6  ? -5.939  -2.150  11.984  1.00 13.89 ? 6   C   D C2    1 
ATOM   877  O  O2    . C   D 1 6  ? -6.442  -2.164  13.112  1.00 11.42 ? 6   C   D O2    1 
ATOM   878  N  N3    . C   D 1 6  ? -6.359  -3.003  11.027  1.00 16.70 ? 6   C   D N3    1 
ATOM   879  C  C4    . C   D 1 6  ? -5.800  -2.985  9.816   1.00 16.43 ? 6   C   D C4    1 
ATOM   880  N  N4    . C   D 1 6  ? -6.245  -3.857  8.916   1.00 18.43 ? 6   C   D N4    1 
ATOM   881  C  C5    . C   D 1 6  ? -4.762  -2.082  9.470   1.00 15.95 ? 6   C   D C5    1 
ATOM   882  C  C6    . C   D 1 6  ? -4.362  -1.239  10.433  1.00 20.21 ? 6   C   D C6    1 
ATOM   883  P  P     . G   D 1 7  ? -0.189  -2.066  14.167  1.00 36.42 ? 7   G   D P     1 
ATOM   884  O  OP1   . G   D 1 7  ? 0.962   -1.879  15.076  1.00 45.94 ? 7   G   D OP1   1 
ATOM   885  O  OP2   . G   D 1 7  ? 0.068   -2.610  12.808  1.00 16.45 ? 7   G   D OP2   1 
ATOM   886  O  "O5'" . G   D 1 7  ? -1.156  -3.091  14.891  1.00 38.39 ? 7   G   D "O5'" 1 
ATOM   887  C  "C5'" . G   D 1 7  ? -1.691  -2.799  16.171  1.00 23.57 ? 7   G   D "C5'" 1 
ATOM   888  C  "C4'" . G   D 1 7  ? -2.692  -3.842  16.574  1.00 24.15 ? 7   G   D "C4'" 1 
ATOM   889  O  "O4'" . G   D 1 7  ? -3.911  -3.667  15.802  1.00 22.81 ? 7   G   D "O4'" 1 
ATOM   890  C  "C3'" . G   D 1 7  ? -2.293  -5.284  16.287  1.00 26.05 ? 7   G   D "C3'" 1 
ATOM   891  O  "O3'" . G   D 1 7  ? -1.375  -5.828  17.220  1.00 21.42 ? 7   G   D "O3'" 1 
ATOM   892  C  "C2'" . G   D 1 7  ? -3.643  -5.983  16.241  1.00 22.64 ? 7   G   D "C2'" 1 
ATOM   893  O  "O2'" . G   D 1 7  ? -4.174  -6.149  17.547  1.00 22.60 ? 7   G   D "O2'" 1 
ATOM   894  C  "C1'" . G   D 1 7  ? -4.483  -4.931  15.522  1.00 19.12 ? 7   G   D "C1'" 1 
ATOM   895  N  N9    . G   D 1 7  ? -4.475  -5.143  14.065  1.00 20.96 ? 7   G   D N9    1 
ATOM   896  C  C8    . G   D 1 7  ? -3.709  -4.545  13.085  1.00 18.07 ? 7   G   D C8    1 
ATOM   897  N  N7    . G   D 1 7  ? -3.988  -5.015  11.891  1.00 18.75 ? 7   G   D N7    1 
ATOM   898  C  C5    . G   D 1 7  ? -4.990  -5.974  12.101  1.00 18.50 ? 7   G   D C5    1 
ATOM   899  C  C6    . G   D 1 7  ? -5.714  -6.828  11.212  1.00 18.72 ? 7   G   D C6    1 
ATOM   900  O  O6    . G   D 1 7  ? -5.633  -6.927  9.981   1.00 21.37 ? 7   G   D O6    1 
ATOM   901  N  N1    . G   D 1 7  ? -6.618  -7.646  11.887  1.00 18.69 ? 7   G   D N1    1 
ATOM   902  C  C2    . G   D 1 7  ? -6.824  -7.641  13.246  1.00 25.17 ? 7   G   D C2    1 
ATOM   903  N  N2    . G   D 1 7  ? -7.751  -8.481  13.739  1.00 22.19 ? 7   G   D N2    1 
ATOM   904  N  N3    . G   D 1 7  ? -6.166  -6.852  14.080  1.00 24.69 ? 7   G   D N3    1 
ATOM   905  C  C4    . G   D 1 7  ? -5.279  -6.060  13.443  1.00 19.30 ? 7   G   D C4    1 
ATOM   906  P  P     . G   D 1 8  ? -0.317  -6.952  16.764  1.00 42.08 ? 8   G   D P     1 
ATOM   907  O  OP1   . G   D 1 8  ? 0.627   -7.143  17.915  1.00 17.90 ? 8   G   D OP1   1 
ATOM   908  O  OP2   . G   D 1 8  ? 0.252   -6.682  15.409  1.00 28.49 ? 8   G   D OP2   1 
ATOM   909  O  "O5'" . G   D 1 8  ? -1.238  -8.229  16.549  1.00 14.94 ? 8   G   D "O5'" 1 
ATOM   910  C  "C5'" . G   D 1 8  ? -2.017  -8.747  17.608  1.00 13.78 ? 8   G   D "C5'" 1 
ATOM   911  C  "C4'" . G   D 1 8  ? -2.939  -9.821  17.108  1.00 17.75 ? 8   G   D "C4'" 1 
ATOM   912  O  "O4'" . G   D 1 8  ? -3.885  -9.244  16.173  1.00 22.71 ? 8   G   D "O4'" 1 
ATOM   913  C  "C3'" . G   D 1 8  ? -2.287  -10.951 16.323  1.00 17.50 ? 8   G   D "C3'" 1 
ATOM   914  O  "O3'" . G   D 1 8  ? -1.687  -11.920 17.171  1.00 13.63 ? 8   G   D "O3'" 1 
ATOM   915  C  "C2'" . G   D 1 8  ? -3.452  -11.479 15.497  1.00 23.98 ? 8   G   D "C2'" 1 
ATOM   916  O  "O2'" . G   D 1 8  ? -4.314  -12.281 16.296  1.00 20.27 ? 8   G   D "O2'" 1 
ATOM   917  C  "C1'" . G   D 1 8  ? -4.190  -10.180 15.156  1.00 25.58 ? 8   G   D "C1'" 1 
ATOM   918  N  N9    . G   D 1 8  ? -3.773  -9.622  13.844  1.00 23.77 ? 8   G   D N9    1 
ATOM   919  C  C8    . G   D 1 8  ? -2.892  -8.590  13.635  1.00 23.04 ? 8   G   D C8    1 
ATOM   920  N  N7    . G   D 1 8  ? -2.713  -8.312  12.375  1.00 17.02 ? 8   G   D N7    1 
ATOM   921  C  C5    . G   D 1 8  ? -3.518  -9.212  11.704  1.00 13.58 ? 8   G   D C5    1 
ATOM   922  C  C6    . G   D 1 8  ? -3.727  -9.379  10.316  1.00 15.41 ? 8   G   D C6    1 
ATOM   923  O  O6    . G   D 1 8  ? -3.216  -8.743  9.386   1.00 16.09 ? 8   G   D O6    1 
ATOM   924  N  N1    . G   D 1 8  ? -4.633  -10.396 10.056  1.00 17.09 ? 8   G   D N1    1 
ATOM   925  C  C2    . G   D 1 8  ? -5.248  -11.150 11.014  1.00 14.77 ? 8   G   D C2    1 
ATOM   926  N  N2    . G   D 1 8  ? -6.084  -12.093 10.578  1.00 17.36 ? 8   G   D N2    1 
ATOM   927  N  N3    . G   D 1 8  ? -5.059  -11.003 12.305  1.00 15.80 ? 8   G   D N3    1 
ATOM   928  C  C4    . G   D 1 8  ? -4.185  -10.021 12.586  1.00 16.73 ? 8   G   D C4    1 
ATOM   929  P  P     . U   D 1 9  ? -0.675  -13.047 16.613  1.00 20.47 ? 9   U   D P     1 
ATOM   930  O  OP1   . U   D 1 9  ? -0.467  -13.923 17.795  1.00 19.73 ? 9   U   D OP1   1 
ATOM   931  O  OP2   . U   D 1 9  ? 0.504   -12.509 15.861  1.00 12.03 ? 9   U   D OP2   1 
ATOM   932  O  "O5'" . U   D 1 9  ? -1.548  -13.888 15.592  1.00 14.25 ? 9   U   D "O5'" 1 
ATOM   933  C  "C5'" . U   D 1 9  ? -2.337  -14.961 16.054  1.00 11.01 ? 9   U   D "C5'" 1 
ATOM   934  C  "C4'" . U   D 1 9  ? -2.941  -15.688 14.899  1.00 10.71 ? 9   U   D "C4'" 1 
ATOM   935  O  "O4'" . U   D 1 9  ? -3.571  -14.739 14.014  1.00 13.66 ? 9   U   D "O4'" 1 
ATOM   936  C  "C3'" . U   D 1 9  ? -1.973  -16.416 13.990  1.00 22.52 ? 9   U   D "C3'" 1 
ATOM   937  O  "O3'" . U   D 1 9  ? -1.519  -17.645 14.529  1.00 26.05 ? 9   U   D "O3'" 1 
ATOM   938  C  "C2'" . U   D 1 9  ? -2.802  -16.579 12.729  1.00 14.92 ? 9   U   D "C2'" 1 
ATOM   939  O  "O2'" . U   D 1 9  ? -3.757  -17.613 12.934  1.00 13.06 ? 9   U   D "O2'" 1 
ATOM   940  C  "C1'" . U   D 1 9  ? -3.543  -15.239 12.692  1.00 17.21 ? 9   U   D "C1'" 1 
ATOM   941  N  N1    . U   D 1 9  ? -2.911  -14.233 11.792  1.00 18.27 ? 9   U   D N1    1 
ATOM   942  C  C2    . U   D 1 9  ? -2.995  -14.391 10.410  1.00 13.77 ? 9   U   D C2    1 
ATOM   943  O  O2    . U   D 1 9  ? -3.535  -15.319 9.844   1.00 19.65 ? 9   U   D O2    1 
ATOM   944  N  N3    . U   D 1 9  ? -2.402  -13.421 9.666   1.00 9.69  ? 9   U   D N3    1 
ATOM   945  C  C4    . U   D 1 9  ? -1.757  -12.309 10.113  1.00 9.62  ? 9   U   D C4    1 
ATOM   946  O  O4    . U   D 1 9  ? -1.280  -11.545 9.278   1.00 10.41 ? 9   U   D O4    1 
ATOM   947  C  C5    . U   D 1 9  ? -1.718  -12.182 11.534  1.00 11.86 ? 9   U   D C5    1 
ATOM   948  C  C6    . U   D 1 9  ? -2.283  -13.121 12.304  1.00 14.00 ? 9   U   D C6    1 
ATOM   949  P  P     . C   D 1 10 ? -0.014  -18.144 14.264  1.00 18.70 ? 10  C   D P     1 
ATOM   950  O  OP1   . C   D 1 10 ? 0.043   -19.479 14.930  1.00 22.40 ? 10  C   D OP1   1 
ATOM   951  O  OP2   . C   D 1 10 ? 0.943   -17.040 14.587  1.00 6.38  ? 10  C   D OP2   1 
ATOM   952  O  "O5'" . C   D 1 10 ? 0.065   -18.367 12.684  1.00 12.96 ? 10  C   D "O5'" 1 
ATOM   953  C  "C5'" . C   D 1 10 ? -0.583  -19.463 12.060  1.00 6.67  ? 10  C   D "C5'" 1 
ATOM   954  C  "C4'" . C   D 1 10 ? -0.868  -19.207 10.596  1.00 11.22 ? 10  C   D "C4'" 1 
ATOM   955  O  "O4'" . C   D 1 10 ? -1.502  -17.905 10.382  1.00 15.35 ? 10  C   D "O4'" 1 
ATOM   956  C  "C3'" . C   D 1 10 ? 0.318   -19.179 9.654   1.00 5.90  ? 10  C   D "C3'" 1 
ATOM   957  O  "O3'" . C   D 1 10 ? 0.821   -20.471 9.385   1.00 6.45  ? 10  C   D "O3'" 1 
ATOM   958  C  "C2'" . C   D 1 10 ? -0.280  -18.484 8.431   1.00 8.91  ? 10  C   D "C2'" 1 
ATOM   959  O  "O2'" . C   D 1 10 ? -1.143  -19.364 7.734   1.00 8.27  ? 10  C   D "O2'" 1 
ATOM   960  C  "C1'" . C   D 1 10 ? -1.156  -17.416 9.096   1.00 10.46 ? 10  C   D "C1'" 1 
ATOM   961  N  N1    . C   D 1 10 ? -0.427  -16.126 9.221   1.00 10.27 ? 10  C   D N1    1 
ATOM   962  C  C2    . C   D 1 10 ? -0.297  -15.252 8.120   1.00 10.99 ? 10  C   D C2    1 
ATOM   963  O  O2    . C   D 1 10 ? -0.819  -15.521 7.037   1.00 10.34 ? 10  C   D O2    1 
ATOM   964  N  N3    . C   D 1 10 ? 0.398   -14.100 8.244   1.00 11.40 ? 10  C   D N3    1 
ATOM   965  C  C4    . C   D 1 10 ? 0.969   -13.807 9.411   1.00 10.75 ? 10  C   D C4    1 
ATOM   966  N  N4    . C   D 1 10 ? 1.650   -12.668 9.520   1.00 10.96 ? 10  C   D N4    1 
ATOM   967  C  C5    . C   D 1 10 ? 0.863   -14.666 10.539  1.00 12.08 ? 10  C   D C5    1 
ATOM   968  C  C6    . C   D 1 10 ? 0.171   -15.797 10.401  1.00 11.61 ? 10  C   D C6    1 
ATOM   969  P  P     . C   D 1 11 ? 2.370   -20.721 9.007   1.00 20.70 ? 11  C   D P     1 
ATOM   970  O  OP1   . C   D 1 11 ? 2.546   -22.198 8.968   1.00 1.16  ? 11  C   D OP1   1 
ATOM   971  O  OP2   . C   D 1 11 ? 3.224   -19.849 9.874   1.00 9.37  ? 11  C   D OP2   1 
ATOM   972  O  "O5'" . C   D 1 11 ? 2.507   -20.259 7.481   1.00 19.25 ? 11  C   D "O5'" 1 
ATOM   973  C  "C5'" . C   D 1 11 ? 1.849   -20.965 6.431   1.00 14.33 ? 11  C   D "C5'" 1 
ATOM   974  C  "C4'" . C   D 1 11 ? 2.060   -20.304 5.089   1.00 13.59 ? 11  C   D "C4'" 1 
ATOM   975  O  "O4'" . C   D 1 11 ? 1.358   -19.030 5.057   1.00 21.59 ? 11  C   D "O4'" 1 
ATOM   976  C  "C3'" . C   D 1 11 ? 3.502   -19.946 4.767   1.00 15.69 ? 11  C   D "C3'" 1 
ATOM   977  O  "O3'" . C   D 1 11 ? 4.251   -21.021 4.242   1.00 13.84 ? 11  C   D "O3'" 1 
ATOM   978  C  "C2'" . C   D 1 11 ? 3.369   -18.759 3.818   1.00 19.24 ? 11  C   D "C2'" 1 
ATOM   979  O  "O2'" . C   D 1 11 ? 3.111   -19.181 2.487   1.00 19.00 ? 11  C   D "O2'" 1 
ATOM   980  C  "C1'" . C   D 1 11 ? 2.136   -18.056 4.384   1.00 20.49 ? 11  C   D "C1'" 1 
ATOM   981  N  N1    . C   D 1 11 ? 2.534   -17.007 5.353   1.00 9.41  ? 11  C   D N1    1 
ATOM   982  C  C2    . C   D 1 11 ? 2.998   -15.799 4.856   1.00 11.72 ? 11  C   D C2    1 
ATOM   983  O  O2    . C   D 1 11 ? 3.023   -15.670 3.622   1.00 15.31 ? 11  C   D O2    1 
ATOM   984  N  N3    . C   D 1 11 ? 3.397   -14.826 5.713   1.00 9.52  ? 11  C   D N3    1 
ATOM   985  C  C4    . C   D 1 11 ? 3.341   -15.054 7.026   1.00 11.37 ? 11  C   D C4    1 
ATOM   986  N  N4    . C   D 1 11 ? 3.722   -14.104 7.879   1.00 10.59 ? 11  C   D N4    1 
ATOM   987  C  C5    . C   D 1 11 ? 2.885   -16.287 7.553   1.00 13.87 ? 11  C   D C5    1 
ATOM   988  C  C6    . C   D 1 11 ? 2.502   -17.226 6.690   1.00 10.58 ? 11  C   D C6    1 
ATOM   989  P  P     . C   D 1 12 ? 5.811   -21.134 4.618   1.00 13.61 ? 12  C   D P     1 
ATOM   990  O  OP1   . C   D 1 12 ? 6.281   -22.505 4.297   1.00 19.98 ? 12  C   D OP1   1 
ATOM   991  O  OP2   . C   D 1 12 ? 5.968   -20.632 6.008   1.00 28.86 ? 12  C   D OP2   1 
ATOM   992  O  "O5'" . C   D 1 12 ? 6.517   -20.093 3.645   1.00 17.27 ? 12  C   D "O5'" 1 
ATOM   993  C  "C5'" . C   D 1 12 ? 6.144   -20.003 2.278   1.00 17.09 ? 12  C   D "C5'" 1 
ATOM   994  C  "C4'" . C   D 1 12 ? 6.711   -18.765 1.630   1.00 15.99 ? 12  C   D "C4'" 1 
ATOM   995  O  "O4'" . C   D 1 12 ? 5.981   -17.576 2.034   1.00 11.53 ? 12  C   D "O4'" 1 
ATOM   996  C  "C3'" . C   D 1 12 ? 8.145   -18.434 1.983   1.00 16.38 ? 12  C   D "C3'" 1 
ATOM   997  O  "O3'" . C   D 1 12 ? 9.084   -19.280 1.340   1.00 14.61 ? 12  C   D "O3'" 1 
ATOM   998  C  "C2'" . C   D 1 12 ? 8.232   -16.952 1.615   1.00 13.12 ? 12  C   D "C2'" 1 
ATOM   999  O  "O2'" . C   D 1 12 ? 8.315   -16.759 0.209   1.00 9.95  ? 12  C   D "O2'" 1 
ATOM   1000 C  "C1'" . C   D 1 12 ? 6.859   -16.467 2.058   1.00 9.28  ? 12  C   D "C1'" 1 
ATOM   1001 N  N1    . C   D 1 12 ? 6.892   -15.918 3.423   1.00 14.49 ? 12  C   D N1    1 
ATOM   1002 C  C2    . C   D 1 12 ? 7.215   -14.562 3.552   1.00 15.94 ? 12  C   D C2    1 
ATOM   1003 O  O2    . C   D 1 12 ? 7.472   -13.913 2.529   1.00 10.53 ? 12  C   D O2    1 
ATOM   1004 N  N3    . C   D 1 12 ? 7.240   -14.008 4.786   1.00 18.77 ? 12  C   D N3    1 
ATOM   1005 C  C4    . C   D 1 12 ? 6.956   -14.766 5.851   1.00 13.46 ? 12  C   D C4    1 
ATOM   1006 N  N4    . C   D 1 12 ? 6.998   -14.189 7.046   1.00 7.34  ? 12  C   D N4    1 
ATOM   1007 C  C5    . C   D 1 12 ? 6.614   -16.148 5.741   1.00 13.14 ? 12  C   D C5    1 
ATOM   1008 C  C6    . C   D 1 12 ? 6.594   -16.686 4.515   1.00 11.29 ? 12  C   D C6    1 
HETATM 1009 AG AG    . AG  E 2 .  ? 0.119   4.693   -13.248 1.00 13.66 ? 101 AG  A AG    1 
HETATM 1010 AG AG    . AG  F 2 .  ? 12.687  7.835   -1.982  1.00 20.82 ? 102 AG  A AG    1 
HETATM 1011 AG AG    . AG  G 2 .  ? -2.912  -13.531 7.726   1.00 15.77 ? 101 AG  C AG    1 
HETATM 1012 AG AG    . AG  H 2 .  ? -9.721  2.065   7.840   1.00 75.54 ? 102 AG  C AG    1 
HETATM 1013 O  O     . HOH I 3 .  ? 5.587   -2.390  -1.174  1.00 6.96  ? 201 HOH A O     1 
HETATM 1014 O  O     . HOH I 3 .  ? 3.334   8.176   -7.027  1.00 12.52 ? 202 HOH A O     1 
HETATM 1015 O  O     . HOH I 3 .  ? -11.347 3.960   -19.484 1.00 13.65 ? 203 HOH A O     1 
HETATM 1016 O  O     . HOH I 3 .  ? 16.553  1.384   -5.172  1.00 4.96  ? 204 HOH A O     1 
HETATM 1017 O  O     . HOH J 3 .  ? -2.355  -5.878  9.147   1.00 10.18 ? 101 HOH D O     1 
# 
